data_8HXK
#
_entry.id   8HXK
#
loop_
_entity.id
_entity.type
_entity.pdbx_description
1 polymer 'Angiotensin-converting enzyme'
2 polymer 'Spike glycoprotein'
3 branched 2-acetamido-2-deoxy-beta-D-glucopyranose-(1-4)-2-acetamido-2-deoxy-beta-D-glucopyranose
4 non-polymer 2-acetamido-2-deoxy-beta-D-glucopyranose
#
loop_
_entity_poly.entity_id
_entity_poly.type
_entity_poly.pdbx_seq_one_letter_code
_entity_poly.pdbx_strand_id
1 'polypeptide(L)'
;METDTLLLWVLLLWVPGSTGKLSTTEDRAKIFLDNFNHEAEDLSYQSSLASWEYNTNISDENVQKMDEAGAKWSAFYEEQ
SKLAKNYPLEEIQTVPVKLQLQILQQSGSPVLSEDKSKRLNSILNAMSTIYSTGKVCKPNNPQECFLLEPGLDNIMGTSK
DYNERLWAWEGWRAEVGKQLRPLYEEYVALKNEMARGYHYEDYGDYWRRDYETEESSGSGYSRDQLMKDVDRIFTEIKPL
YEHLHAYVRTKLMDTYPFHISPTGCLPAHLLGDMWGRFWTNLYPLTVPFGQKPNIDVTDAMVNQGWDANRIFKEAEKFFV
SVGLPNMTEGFWNNSMLTEPGDGRKVVCHPTAWDLGKGDFRIKMCTKVTMEDFLTAHHEMGHIQYDMAYATQPYLLRNGA
NEGFHEAVGEVMSLSVATPKHLKTMGLLSPDFLEDNETEINFLLKQALNIVGTLPFTYMLEKWRWMVFRGEIPKEEWMKK
WWEMKRDLVGVVEPVPHDETYCDPASLFHVANDYSFIRYYTRTIFEFQFHEALCRIAQHDGPLHKCDISNSTDAGKKLHQ
MLSVGKSQPWTVTLKDIVDSRNMDVGPLLRYFEPLYTWLQEQNRKSYVGWNTDWSPYSDSRGSGLEVLFQGPGSWSHPQF
EKGGGSGGGSGGSAWSHPQFEK
;
A
2 'polypeptide(L)'
;MLFFFFLCFASVNSQCVNLTGRATIQPSFTNSSHRGVYYPDTIFRSNSLVLSQGYFLPFYSNISWYYALTKTNGAEKRVD
NPILDFKDGIYFAATEKSNIVRGWIFGTTLDNTSQSLLIVNNATNVIIKVCNFQFCYDPYLSGYFHNNKTWSTREFAVYS
SYANCTFEYVSKPFMLDISGKSGLFDTLREFVFRNVDGYFKIYSKYSPVNVNSNLPSGFSALEPLVELPAGINITRFRTL
LTIHRGDPMPNNGWTVFSAAYYVGYLAPRTFMLKYNENGTITDAVDCSLDPLSEAKCTLKSFTVEKGIYQTSNFRVQPTD
SIVRFPNITNLCPFGEVFNATTFASVYAWNRKRISNCVADYSVLYNSTSFSTFKCYGVSPTKLNDLCFTNVYADSFVVRG
DEVRQIAPGQTGKIADYNYKLPDDFTGCVIAWNSNNLDSKVGGNYNYLYRLFRKSNLKPFERDISTEIYQAGSTPCNGVE
GFNCYFPLKSYGFHPTNGVGYQPYRVVVLSFELLNAPATVCGPKKSTNLIKNKCVNFNFNGLTGTGVLTESNKKFLPFQQ
FGRDIADTTDAVRDPQTLEILDITPCSFGGVSVITPGTNASNQVAVLYQDVNCTEVPVAIHADQLTPTWRVYSTGSNVFQ
TRAGCLIGAEHVNNSYECDIPIGAGICASYQTQTNSRSVASQSIIAYTMSLGAENSVAYSNNSIAIPTNFTISVTTEILP
VSMTKTSVDCTMYICGDSTECSNLLLQYGSFCTQLNRALTGIAVEQDKNTQEVFAQVKQIYKTPQIKDFGGFNFSQILPD
PSKPSKRSFIEDLLFNKVTLADAGFIKQYGDCLGDIAARDLICAQKFNGLTVLPPLLTDEMIAQYTSALLAGTITSGWTF
GAGAALQIPFAMQMAYRFNGIGVTQNVLYENQKLIANQFNSAIGKIQDSLSSTASALGKLQDVVNQNAQALNTLVKQLSS
NFGAISSVLNDILSRLDPPEAEVQIDRLITGRLQSLQTYVTQQLIRAAEIRASANLAATKMSECVLGQSKRVDFCGKGYH
LMSFPQSAPHGVVFLHVTYVPAQEKNFTTAPAICHDGKAHFPREGVFVSNGTHWFVTQRNFYEPQIITTDNTFVSGNCDV
VIGIVNNTVYDPLQPELDSFKEELDKYFKNHTSPDVDLGDISGINASVVNIQKEIDRLNEVAKNLNESLIDLQQLGKYEQ
LEGSGYIPEAPRDGQAYVRKDGEWVLLSTFLGRSLEVLFQGPGHHHHHHHHSAWSHPQFEKGGGSGGGGSGGSAWSHPQF
EK
;
B
#
loop_
_chem_comp.id
_chem_comp.type
_chem_comp.name
_chem_comp.formula
NAG D-saccharide, beta linking 2-acetamido-2-deoxy-beta-D-glucopyranose 'C8 H15 N O6'
#
# COMPACT_ATOMS: atom_id res chain seq x y z
N SER A 23 -33.91 -19.21 -14.86
CA SER A 23 -32.98 -18.47 -15.70
C SER A 23 -32.91 -19.04 -17.11
N THR A 24 -32.34 -18.28 -18.03
CA THR A 24 -32.20 -18.72 -19.41
C THR A 24 -30.79 -19.29 -19.63
N THR A 25 -30.47 -19.62 -20.87
CA THR A 25 -29.21 -20.28 -21.18
C THR A 25 -28.02 -19.34 -21.18
N GLU A 26 -28.24 -18.02 -21.08
CA GLU A 26 -27.10 -17.10 -20.98
C GLU A 26 -26.39 -17.26 -19.65
N ASP A 27 -27.14 -17.47 -18.57
CA ASP A 27 -26.53 -17.72 -17.27
C ASP A 27 -25.83 -19.08 -17.25
N ARG A 28 -26.42 -20.06 -17.95
CA ARG A 28 -25.78 -21.36 -18.08
C ARG A 28 -24.47 -21.25 -18.84
N ALA A 29 -24.44 -20.44 -19.90
CA ALA A 29 -23.19 -20.21 -20.62
C ALA A 29 -22.18 -19.46 -19.76
N LYS A 30 -22.65 -18.51 -18.95
CA LYS A 30 -21.76 -17.76 -18.07
C LYS A 30 -21.10 -18.68 -17.04
N ILE A 31 -21.89 -19.56 -16.41
CA ILE A 31 -21.32 -20.44 -15.41
C ILE A 31 -20.46 -21.51 -16.07
N PHE A 32 -20.80 -21.93 -17.30
CA PHE A 32 -19.94 -22.84 -18.03
C PHE A 32 -18.59 -22.21 -18.34
N LEU A 33 -18.59 -20.95 -18.77
CA LEU A 33 -17.32 -20.28 -19.05
C LEU A 33 -16.55 -20.01 -17.78
N ASP A 34 -17.25 -19.81 -16.66
CA ASP A 34 -16.59 -19.71 -15.36
C ASP A 34 -15.86 -21.01 -15.03
N ASN A 35 -16.56 -22.14 -15.17
CA ASN A 35 -15.95 -23.45 -14.94
C ASN A 35 -14.80 -23.71 -15.89
N PHE A 36 -15.01 -23.43 -17.18
CA PHE A 36 -13.99 -23.68 -18.19
C PHE A 36 -12.76 -22.83 -17.94
N ASN A 37 -12.97 -21.56 -17.57
CA ASN A 37 -11.85 -20.68 -17.25
C ASN A 37 -11.06 -21.20 -16.07
N HIS A 38 -11.74 -21.66 -15.02
CA HIS A 38 -11.00 -22.02 -13.83
C HIS A 38 -10.25 -23.34 -14.00
N GLU A 39 -10.86 -24.37 -14.59
CA GLU A 39 -10.05 -25.55 -14.88
C GLU A 39 -9.03 -25.31 -16.00
N ALA A 40 -9.30 -24.36 -16.90
CA ALA A 40 -8.35 -24.03 -17.95
C ALA A 40 -7.09 -23.44 -17.37
N GLU A 41 -7.23 -22.48 -16.45
CA GLU A 41 -6.07 -22.00 -15.72
C GLU A 41 -5.42 -23.14 -14.93
N ASP A 42 -6.24 -23.95 -14.27
CA ASP A 42 -5.76 -24.96 -13.33
C ASP A 42 -4.82 -25.95 -14.00
N LEU A 43 -5.18 -26.43 -15.19
CA LEU A 43 -4.34 -27.43 -15.84
C LEU A 43 -3.50 -26.88 -16.99
N SER A 44 -3.96 -25.84 -17.68
CA SER A 44 -3.14 -25.19 -18.68
C SER A 44 -1.94 -24.49 -18.08
N TYR A 45 -1.96 -24.20 -16.76
CA TYR A 45 -0.75 -23.66 -16.14
C TYR A 45 0.39 -24.67 -16.21
N GLN A 46 0.16 -25.91 -15.79
CA GLN A 46 1.26 -26.86 -15.90
C GLN A 46 1.43 -27.34 -17.34
N SER A 47 0.42 -27.21 -18.19
CA SER A 47 0.62 -27.45 -19.62
C SER A 47 1.65 -26.48 -20.19
N SER A 48 1.45 -25.18 -19.94
CA SER A 48 2.40 -24.19 -20.40
C SER A 48 3.71 -24.28 -19.64
N LEU A 49 3.68 -24.73 -18.39
CA LEU A 49 4.91 -24.91 -17.62
C LEU A 49 5.76 -26.03 -18.20
N ALA A 50 5.14 -27.14 -18.58
CA ALA A 50 5.89 -28.22 -19.21
C ALA A 50 6.32 -27.83 -20.62
N SER A 51 5.52 -27.01 -21.31
CA SER A 51 5.96 -26.47 -22.59
C SER A 51 7.20 -25.60 -22.41
N TRP A 52 7.21 -24.77 -21.38
CA TRP A 52 8.39 -23.95 -21.06
C TRP A 52 9.57 -24.82 -20.67
N GLU A 53 9.32 -25.90 -19.94
CA GLU A 53 10.39 -26.77 -19.46
C GLU A 53 11.05 -27.52 -20.62
N TYR A 54 10.25 -28.02 -21.56
CA TYR A 54 10.83 -28.57 -22.78
C TYR A 54 11.53 -27.48 -23.59
N ASN A 55 10.88 -26.32 -23.73
CA ASN A 55 11.36 -25.28 -24.61
C ASN A 55 12.57 -24.57 -24.05
N THR A 56 12.94 -24.86 -22.80
CA THR A 56 14.16 -24.35 -22.19
C THR A 56 15.21 -25.43 -21.96
N ASN A 57 14.82 -26.67 -21.66
CA ASN A 57 15.77 -27.78 -21.61
C ASN A 57 15.29 -28.91 -22.51
N ILE A 58 16.20 -29.41 -23.35
CA ILE A 58 15.95 -30.54 -24.22
C ILE A 58 16.46 -31.81 -23.55
N SER A 59 15.64 -32.84 -23.53
CA SER A 59 15.94 -34.08 -22.81
C SER A 59 15.18 -35.21 -23.50
N ASP A 60 15.05 -36.34 -22.80
CA ASP A 60 14.23 -37.45 -23.27
C ASP A 60 12.92 -37.61 -22.53
N GLU A 61 12.84 -37.19 -21.26
CA GLU A 61 11.57 -37.26 -20.55
C GLU A 61 10.75 -35.99 -20.69
N ASN A 62 11.36 -34.89 -21.13
CA ASN A 62 10.57 -33.75 -21.55
C ASN A 62 9.81 -34.02 -22.84
N VAL A 63 10.17 -35.09 -23.56
CA VAL A 63 9.34 -35.58 -24.66
C VAL A 63 7.98 -36.00 -24.15
N GLN A 64 7.93 -36.80 -23.08
CA GLN A 64 6.66 -37.13 -22.47
C GLN A 64 6.04 -35.95 -21.75
N LYS A 65 6.84 -34.97 -21.30
CA LYS A 65 6.26 -33.73 -20.80
C LYS A 65 5.50 -33.00 -21.90
N MET A 66 6.08 -32.94 -23.11
CA MET A 66 5.34 -32.40 -24.25
C MET A 66 4.11 -33.24 -24.56
N ASP A 67 4.24 -34.57 -24.43
CA ASP A 67 3.12 -35.45 -24.73
C ASP A 67 1.93 -35.16 -23.83
N GLU A 68 2.16 -35.03 -22.53
CA GLU A 68 1.06 -34.70 -21.63
C GLU A 68 0.57 -33.27 -21.84
N ALA A 69 1.50 -32.29 -21.89
CA ALA A 69 1.16 -30.88 -22.03
C ALA A 69 0.57 -30.54 -23.37
N GLY A 70 0.61 -31.48 -24.31
CA GLY A 70 -0.05 -31.41 -25.58
C GLY A 70 -1.36 -32.12 -25.40
N ALA A 71 -1.32 -33.46 -25.61
CA ALA A 71 -2.53 -34.27 -25.75
C ALA A 71 -3.53 -34.06 -24.63
N LYS A 72 -3.07 -33.92 -23.37
CA LYS A 72 -4.00 -33.71 -22.26
C LYS A 72 -4.76 -32.40 -22.41
N TRP A 73 -4.04 -31.28 -22.49
CA TRP A 73 -4.68 -29.97 -22.67
C TRP A 73 -5.54 -29.90 -23.91
N SER A 74 -5.07 -30.47 -25.01
CA SER A 74 -5.85 -30.51 -26.23
C SER A 74 -7.14 -31.29 -26.01
N ALA A 75 -7.06 -32.41 -25.28
CA ALA A 75 -8.24 -33.24 -25.04
C ALA A 75 -9.27 -32.53 -24.18
N PHE A 76 -8.84 -31.94 -23.06
CA PHE A 76 -9.82 -31.28 -22.20
C PHE A 76 -10.36 -30.00 -22.83
N TYR A 77 -9.51 -29.25 -23.54
CA TYR A 77 -9.99 -28.07 -24.24
C TYR A 77 -10.99 -28.44 -25.32
N GLU A 78 -10.70 -29.52 -26.06
CA GLU A 78 -11.57 -29.93 -27.15
C GLU A 78 -12.89 -30.48 -26.63
N GLU A 79 -12.87 -31.22 -25.52
CA GLU A 79 -14.14 -31.74 -25.00
C GLU A 79 -14.95 -30.66 -24.32
N GLN A 80 -14.28 -29.65 -23.73
CA GLN A 80 -15.02 -28.53 -23.16
C GLN A 80 -15.62 -27.63 -24.24
N SER A 81 -14.94 -27.48 -25.37
CA SER A 81 -15.55 -26.77 -26.49
C SER A 81 -16.63 -27.60 -27.17
N LYS A 82 -16.46 -28.92 -27.18
CA LYS A 82 -17.42 -29.80 -27.85
C LYS A 82 -18.76 -29.81 -27.12
N LEU A 83 -18.73 -29.80 -25.79
CA LEU A 83 -19.96 -29.71 -25.01
C LEU A 83 -20.49 -28.29 -24.94
N ALA A 84 -19.75 -27.31 -25.47
CA ALA A 84 -20.26 -25.96 -25.60
C ALA A 84 -21.10 -25.77 -26.85
N LYS A 85 -21.09 -26.74 -27.76
CA LYS A 85 -21.76 -26.59 -29.06
C LYS A 85 -23.26 -26.40 -28.91
N ASN A 86 -23.86 -26.97 -27.87
CA ASN A 86 -25.29 -26.79 -27.64
C ASN A 86 -25.64 -25.40 -27.16
N TYR A 87 -24.67 -24.62 -26.70
CA TYR A 87 -24.94 -23.27 -26.25
C TYR A 87 -25.15 -22.36 -27.46
N PRO A 88 -26.31 -21.71 -27.57
CA PRO A 88 -26.53 -20.81 -28.72
C PRO A 88 -25.76 -19.52 -28.55
N LEU A 89 -25.01 -19.15 -29.59
CA LEU A 89 -24.25 -17.90 -29.54
C LEU A 89 -25.18 -16.70 -29.57
N GLU A 90 -26.19 -16.74 -30.44
CA GLU A 90 -27.09 -15.59 -30.64
C GLU A 90 -27.95 -15.31 -29.41
N GLU A 91 -28.15 -16.30 -28.53
CA GLU A 91 -28.94 -16.09 -27.33
C GLU A 91 -28.18 -15.24 -26.31
N ILE A 92 -26.86 -15.18 -26.42
CA ILE A 92 -26.05 -14.46 -25.44
C ILE A 92 -26.18 -12.96 -25.66
N GLN A 93 -26.53 -12.23 -24.60
CA GLN A 93 -26.61 -10.78 -24.67
C GLN A 93 -25.34 -10.10 -24.21
N THR A 94 -24.55 -10.76 -23.37
CA THR A 94 -23.31 -10.18 -22.85
C THR A 94 -22.21 -10.35 -23.89
N VAL A 95 -21.73 -9.24 -24.44
CA VAL A 95 -20.79 -9.27 -25.56
C VAL A 95 -19.39 -9.81 -25.20
N PRO A 96 -18.85 -9.69 -23.97
CA PRO A 96 -17.64 -10.48 -23.70
C PRO A 96 -17.92 -11.97 -23.66
N VAL A 97 -19.05 -12.38 -23.09
CA VAL A 97 -19.46 -13.78 -23.11
C VAL A 97 -19.72 -14.23 -24.55
N LYS A 98 -20.33 -13.34 -25.35
CA LYS A 98 -20.52 -13.61 -26.78
C LYS A 98 -19.19 -13.91 -27.46
N LEU A 99 -18.21 -13.00 -27.30
CA LEU A 99 -16.94 -13.17 -27.99
C LEU A 99 -16.18 -14.36 -27.43
N GLN A 100 -16.41 -14.71 -26.16
CA GLN A 100 -15.91 -15.96 -25.61
C GLN A 100 -16.47 -17.15 -26.36
N LEU A 101 -17.76 -17.13 -26.68
CA LEU A 101 -18.34 -18.21 -27.48
C LEU A 101 -17.77 -18.23 -28.90
N GLN A 102 -17.53 -17.07 -29.52
CA GLN A 102 -16.89 -17.15 -30.83
C GLN A 102 -15.43 -17.58 -30.77
N ILE A 103 -14.74 -17.44 -29.64
CA ILE A 103 -13.43 -18.11 -29.54
C ILE A 103 -13.63 -19.60 -29.38
N LEU A 104 -14.48 -20.01 -28.44
CA LEU A 104 -14.46 -21.39 -27.98
C LEU A 104 -15.18 -22.33 -28.93
N GLN A 105 -16.38 -21.94 -29.37
CA GLN A 105 -17.17 -22.83 -30.22
C GLN A 105 -16.60 -22.91 -31.63
N GLN A 106 -16.14 -21.78 -32.18
CA GLN A 106 -15.61 -21.79 -33.53
C GLN A 106 -14.26 -22.50 -33.62
N SER A 107 -13.51 -22.55 -32.52
CA SER A 107 -12.32 -23.40 -32.44
C SER A 107 -12.70 -24.78 -31.90
N GLY A 108 -13.59 -25.43 -32.63
CA GLY A 108 -14.19 -26.68 -32.19
C GLY A 108 -13.37 -27.89 -32.56
N SER A 109 -14.05 -29.01 -32.76
CA SER A 109 -13.39 -30.28 -33.02
C SER A 109 -12.72 -30.26 -34.39
N PRO A 110 -11.48 -30.72 -34.50
CA PRO A 110 -10.83 -30.85 -35.82
C PRO A 110 -11.54 -31.89 -36.66
N VAL A 111 -11.90 -31.52 -37.89
CA VAL A 111 -12.68 -32.39 -38.75
C VAL A 111 -11.85 -33.49 -39.40
N LEU A 112 -10.53 -33.43 -39.27
CA LEU A 112 -9.69 -34.52 -39.74
C LEU A 112 -9.86 -35.75 -38.88
N SER A 113 -9.58 -36.91 -39.47
CA SER A 113 -9.62 -38.16 -38.73
C SER A 113 -8.43 -38.25 -37.79
N GLU A 114 -8.43 -39.30 -36.96
CA GLU A 114 -7.33 -39.53 -36.04
C GLU A 114 -6.02 -39.77 -36.78
N ASP A 115 -6.08 -40.58 -37.85
CA ASP A 115 -4.90 -40.81 -38.67
C ASP A 115 -4.45 -39.53 -39.36
N LYS A 116 -5.39 -38.75 -39.89
CA LYS A 116 -5.04 -37.51 -40.57
C LYS A 116 -4.48 -36.47 -39.60
N SER A 117 -5.08 -36.35 -38.41
CA SER A 117 -4.61 -35.38 -37.44
C SER A 117 -3.24 -35.78 -36.87
N LYS A 118 -3.03 -37.07 -36.63
CA LYS A 118 -1.71 -37.50 -36.16
C LYS A 118 -0.67 -37.39 -37.26
N ARG A 119 -1.07 -37.56 -38.52
CA ARG A 119 -0.19 -37.28 -39.64
C ARG A 119 0.19 -35.81 -39.68
N LEU A 120 -0.78 -34.93 -39.44
CA LEU A 120 -0.53 -33.50 -39.40
C LEU A 120 0.44 -33.12 -38.29
N ASN A 121 0.26 -33.71 -37.10
CA ASN A 121 1.16 -33.43 -35.98
C ASN A 121 2.56 -33.96 -36.26
N SER A 122 2.65 -35.12 -36.91
CA SER A 122 3.95 -35.63 -37.34
C SER A 122 4.59 -34.73 -38.38
N ILE A 123 3.78 -34.11 -39.25
CA ILE A 123 4.29 -33.14 -40.22
C ILE A 123 4.90 -31.93 -39.49
N LEU A 124 4.18 -31.41 -38.50
CA LEU A 124 4.70 -30.27 -37.73
C LEU A 124 6.00 -30.62 -37.03
N ASN A 125 6.05 -31.81 -36.42
CA ASN A 125 7.26 -32.26 -35.73
C ASN A 125 8.42 -32.44 -36.70
N ALA A 126 8.13 -32.98 -37.89
CA ALA A 126 9.16 -33.15 -38.91
C ALA A 126 9.69 -31.80 -39.38
N MET A 127 8.79 -30.83 -39.60
CA MET A 127 9.18 -29.47 -39.95
C MET A 127 10.13 -28.89 -38.92
N SER A 128 9.73 -28.93 -37.64
CA SER A 128 10.53 -28.31 -36.59
C SER A 128 11.88 -29.00 -36.45
N THR A 129 11.90 -30.34 -36.50
CA THR A 129 13.16 -31.06 -36.33
C THR A 129 14.11 -30.85 -37.49
N ILE A 130 13.63 -30.95 -38.74
CA ILE A 130 14.57 -30.87 -39.85
C ILE A 130 14.95 -29.43 -40.15
N TYR A 131 14.11 -28.45 -39.78
CA TYR A 131 14.52 -27.06 -39.91
C TYR A 131 15.48 -26.65 -38.81
N SER A 132 15.32 -27.21 -37.61
CA SER A 132 16.20 -26.88 -36.49
C SER A 132 17.53 -27.60 -36.54
N THR A 133 17.76 -28.47 -37.52
CA THR A 133 19.02 -29.20 -37.64
C THR A 133 19.81 -28.85 -38.90
N GLY A 134 19.34 -27.88 -39.70
CA GLY A 134 19.96 -27.56 -40.97
C GLY A 134 21.37 -27.03 -40.89
N LYS A 135 22.28 -27.67 -41.62
CA LYS A 135 23.69 -27.26 -41.69
C LYS A 135 24.12 -27.25 -43.14
N VAL A 136 24.61 -26.10 -43.60
CA VAL A 136 25.18 -25.99 -44.94
C VAL A 136 26.66 -26.33 -44.85
N CYS A 137 27.07 -27.37 -45.58
CA CYS A 137 28.39 -27.94 -45.39
C CYS A 137 29.15 -27.98 -46.71
N LYS A 138 30.41 -27.54 -46.64
CA LYS A 138 31.26 -27.49 -47.83
C LYS A 138 31.54 -28.91 -48.32
N PRO A 139 31.61 -29.13 -49.64
CA PRO A 139 31.85 -30.49 -50.16
C PRO A 139 33.20 -31.07 -49.78
N ASN A 140 34.23 -30.25 -49.61
CA ASN A 140 35.54 -30.80 -49.25
C ASN A 140 35.59 -31.25 -47.79
N ASN A 141 34.95 -30.50 -46.90
CA ASN A 141 34.85 -30.87 -45.48
C ASN A 141 33.37 -30.78 -45.05
N PRO A 142 32.60 -31.83 -45.33
CA PRO A 142 31.19 -31.83 -44.94
C PRO A 142 30.97 -31.96 -43.44
N GLN A 143 31.96 -32.44 -42.69
CA GLN A 143 31.77 -32.64 -41.26
C GLN A 143 31.81 -31.32 -40.51
N GLU A 144 32.68 -30.41 -40.90
CA GLU A 144 32.85 -29.13 -40.22
C GLU A 144 31.92 -28.10 -40.86
N CYS A 145 30.76 -27.89 -40.25
CA CYS A 145 29.81 -26.91 -40.74
C CYS A 145 28.90 -26.48 -39.60
N PHE A 146 28.20 -25.37 -39.83
CA PHE A 146 27.49 -24.65 -38.78
C PHE A 146 25.99 -24.81 -38.93
N LEU A 147 25.29 -24.73 -37.80
CA LEU A 147 23.83 -24.75 -37.78
C LEU A 147 23.33 -23.36 -38.19
N LEU A 148 22.01 -23.24 -38.38
CA LEU A 148 21.42 -21.97 -38.78
C LEU A 148 21.62 -20.89 -37.73
N GLU A 149 21.26 -21.18 -36.47
CA GLU A 149 21.37 -20.22 -35.40
C GLU A 149 22.14 -20.83 -34.24
N PRO A 150 23.22 -20.20 -33.77
CA PRO A 150 23.78 -18.96 -34.32
C PRO A 150 25.04 -19.19 -35.16
N GLY A 151 25.00 -20.15 -36.07
CA GLY A 151 26.19 -20.47 -36.84
C GLY A 151 26.13 -20.03 -38.28
N LEU A 152 24.93 -19.78 -38.82
CA LEU A 152 24.77 -19.38 -40.21
C LEU A 152 24.22 -17.97 -40.37
N ASP A 153 23.71 -17.35 -39.30
CA ASP A 153 23.19 -16.00 -39.41
C ASP A 153 24.29 -14.99 -39.72
N ASN A 154 25.53 -15.27 -39.29
CA ASN A 154 26.65 -14.41 -39.65
C ASN A 154 27.05 -14.52 -41.11
N ILE A 155 26.70 -15.63 -41.77
CA ILE A 155 27.16 -15.87 -43.13
C ILE A 155 26.50 -14.89 -44.09
N MET A 156 25.23 -14.58 -43.88
CA MET A 156 24.55 -13.59 -44.69
C MET A 156 24.79 -12.17 -44.22
N GLY A 157 25.55 -11.98 -43.16
CA GLY A 157 25.79 -10.66 -42.64
C GLY A 157 27.11 -10.04 -43.05
N THR A 158 28.05 -9.96 -42.10
CA THR A 158 29.32 -9.29 -42.32
C THR A 158 30.26 -10.05 -43.25
N SER A 159 29.93 -11.28 -43.61
CA SER A 159 30.79 -12.06 -44.49
C SER A 159 30.74 -11.49 -45.90
N LYS A 160 31.85 -10.89 -46.34
CA LYS A 160 31.95 -10.37 -47.70
C LYS A 160 32.41 -11.49 -48.62
N ASP A 161 32.75 -11.14 -49.87
CA ASP A 161 33.16 -12.08 -50.91
C ASP A 161 32.08 -13.14 -51.14
N TYR A 162 30.96 -12.69 -51.66
CA TYR A 162 29.68 -13.39 -51.59
C TYR A 162 29.63 -14.72 -52.36
N ASN A 163 30.71 -15.27 -52.91
CA ASN A 163 30.65 -16.59 -53.50
C ASN A 163 30.32 -17.65 -52.45
N GLU A 164 30.89 -17.53 -51.25
CA GLU A 164 30.47 -18.45 -50.19
C GLU A 164 29.10 -18.08 -49.65
N ARG A 165 28.70 -16.81 -49.75
CA ARG A 165 27.31 -16.45 -49.45
C ARG A 165 26.36 -17.11 -50.43
N LEU A 166 26.71 -17.13 -51.72
CA LEU A 166 25.93 -17.85 -52.71
C LEU A 166 25.91 -19.34 -52.42
N TRP A 167 27.04 -19.91 -52.01
CA TRP A 167 27.11 -21.33 -51.68
C TRP A 167 26.20 -21.65 -50.50
N ALA A 168 26.25 -20.83 -49.45
CA ALA A 168 25.43 -21.06 -48.28
C ALA A 168 23.94 -20.89 -48.58
N TRP A 169 23.61 -19.88 -49.40
CA TRP A 169 22.23 -19.68 -49.82
C TRP A 169 21.70 -20.89 -50.57
N GLU A 170 22.43 -21.32 -51.61
CA GLU A 170 21.99 -22.44 -52.42
C GLU A 170 21.95 -23.75 -51.61
N GLY A 171 22.94 -23.95 -50.74
CA GLY A 171 22.97 -25.16 -49.93
C GLY A 171 21.82 -25.20 -48.92
N TRP A 172 21.51 -24.06 -48.30
CA TRP A 172 20.39 -24.01 -47.37
C TRP A 172 19.07 -24.22 -48.09
N ARG A 173 18.92 -23.62 -49.28
CA ARG A 173 17.69 -23.81 -50.04
C ARG A 173 17.52 -25.26 -50.46
N ALA A 174 18.60 -25.92 -50.89
CA ALA A 174 18.53 -27.34 -51.22
C ALA A 174 18.24 -28.19 -49.99
N GLU A 175 18.91 -27.89 -48.86
CA GLU A 175 18.80 -28.65 -47.64
C GLU A 175 17.48 -28.44 -46.92
N VAL A 176 16.68 -27.47 -47.33
CA VAL A 176 15.30 -27.46 -46.86
C VAL A 176 14.41 -28.07 -47.94
N GLY A 177 14.77 -27.86 -49.21
CA GLY A 177 13.87 -28.21 -50.31
C GLY A 177 13.70 -29.69 -50.51
N LYS A 178 14.82 -30.42 -50.55
CA LYS A 178 14.82 -31.83 -50.92
C LYS A 178 14.07 -32.72 -49.94
N GLN A 179 13.74 -32.21 -48.75
CA GLN A 179 12.93 -32.95 -47.80
C GLN A 179 11.66 -32.23 -47.38
N LEU A 180 11.46 -30.96 -47.75
CA LEU A 180 10.27 -30.27 -47.29
C LEU A 180 9.42 -29.67 -48.41
N ARG A 181 9.74 -29.90 -49.70
CA ARG A 181 8.83 -29.41 -50.73
C ARG A 181 7.53 -30.21 -50.78
N PRO A 182 7.53 -31.54 -51.01
CA PRO A 182 6.23 -32.24 -51.05
C PRO A 182 5.58 -32.33 -49.69
N LEU A 183 6.36 -32.28 -48.63
CA LEU A 183 5.81 -32.31 -47.28
C LEU A 183 5.00 -31.04 -47.01
N TYR A 184 5.54 -29.87 -47.41
CA TYR A 184 4.76 -28.64 -47.35
C TYR A 184 3.56 -28.69 -48.29
N GLU A 185 3.74 -29.27 -49.48
CA GLU A 185 2.66 -29.30 -50.46
C GLU A 185 1.47 -30.10 -49.96
N GLU A 186 1.73 -31.22 -49.29
CA GLU A 186 0.69 -32.05 -48.70
C GLU A 186 0.16 -31.46 -47.41
N TYR A 187 1.03 -30.75 -46.67
CA TYR A 187 0.64 -30.03 -45.46
C TYR A 187 -0.39 -28.95 -45.77
N VAL A 188 -0.24 -28.30 -46.92
CA VAL A 188 -1.19 -27.26 -47.34
C VAL A 188 -2.58 -27.86 -47.50
N ALA A 189 -2.65 -29.04 -48.12
CA ALA A 189 -3.94 -29.71 -48.32
C ALA A 189 -4.56 -30.10 -46.98
N LEU A 190 -3.76 -30.62 -46.05
CA LEU A 190 -4.30 -30.94 -44.72
C LEU A 190 -4.79 -29.71 -43.96
N LYS A 191 -4.06 -28.60 -44.00
CA LYS A 191 -4.52 -27.42 -43.29
C LYS A 191 -5.75 -26.81 -43.94
N ASN A 192 -5.82 -26.85 -45.28
CA ASN A 192 -7.01 -26.38 -45.97
C ASN A 192 -8.21 -27.23 -45.63
N GLU A 193 -8.03 -28.54 -45.53
CA GLU A 193 -9.12 -29.41 -45.11
C GLU A 193 -9.52 -29.15 -43.66
N MET A 194 -8.55 -28.85 -42.80
CA MET A 194 -8.86 -28.54 -41.40
C MET A 194 -9.69 -27.26 -41.30
N ALA A 195 -9.31 -26.24 -42.06
CA ALA A 195 -10.05 -24.99 -42.01
C ALA A 195 -11.39 -25.08 -42.72
N ARG A 196 -11.52 -25.99 -43.70
CA ARG A 196 -12.77 -26.12 -44.44
C ARG A 196 -13.90 -26.59 -43.54
N GLY A 197 -13.62 -27.54 -42.64
CA GLY A 197 -14.63 -27.97 -41.70
C GLY A 197 -14.90 -27.02 -40.57
N TYR A 198 -14.07 -26.00 -40.41
CA TYR A 198 -14.25 -24.99 -39.37
C TYR A 198 -15.09 -23.81 -39.85
N HIS A 199 -15.95 -24.04 -40.86
CA HIS A 199 -16.82 -23.02 -41.46
C HIS A 199 -16.02 -21.85 -42.03
N TYR A 200 -14.79 -22.12 -42.44
CA TYR A 200 -13.93 -21.13 -43.08
C TYR A 200 -13.52 -21.64 -44.45
N GLU A 201 -13.35 -20.72 -45.40
CA GLU A 201 -13.10 -21.13 -46.78
C GLU A 201 -11.71 -21.72 -46.97
N ASP A 202 -10.71 -21.24 -46.23
CA ASP A 202 -9.35 -21.73 -46.39
C ASP A 202 -8.58 -21.48 -45.10
N TYR A 203 -7.33 -21.97 -45.08
CA TYR A 203 -6.47 -21.83 -43.92
C TYR A 203 -6.11 -20.37 -43.64
N GLY A 204 -6.04 -19.56 -44.70
CA GLY A 204 -5.88 -18.13 -44.51
C GLY A 204 -7.04 -17.50 -43.77
N ASP A 205 -8.25 -18.00 -44.02
CA ASP A 205 -9.42 -17.46 -43.33
C ASP A 205 -9.43 -17.83 -41.86
N TYR A 206 -8.99 -19.04 -41.53
CA TYR A 206 -8.88 -19.41 -40.12
C TYR A 206 -7.72 -18.67 -39.47
N TRP A 207 -6.72 -18.24 -40.26
CA TRP A 207 -5.68 -17.41 -39.69
C TRP A 207 -6.16 -15.98 -39.49
N ARG A 208 -7.12 -15.53 -40.29
CA ARG A 208 -7.67 -14.19 -40.20
C ARG A 208 -8.89 -14.08 -39.30
N ARG A 209 -9.38 -15.19 -38.74
CA ARG A 209 -10.55 -15.13 -37.87
C ARG A 209 -10.33 -14.31 -36.60
N ASP A 210 -9.07 -14.04 -36.23
CA ASP A 210 -8.80 -13.28 -35.01
C ASP A 210 -9.25 -11.83 -35.14
N TYR A 211 -9.30 -11.31 -36.36
CA TYR A 211 -9.74 -9.93 -36.59
C TYR A 211 -11.21 -9.92 -37.00
N GLU A 212 -12.05 -10.39 -36.10
CA GLU A 212 -13.49 -10.48 -36.36
C GLU A 212 -14.25 -9.77 -35.24
N THR A 213 -15.18 -8.91 -35.63
CA THR A 213 -16.00 -8.13 -34.72
C THR A 213 -17.48 -8.38 -35.02
N GLU A 214 -18.34 -7.56 -34.42
CA GLU A 214 -19.77 -7.61 -34.65
C GLU A 214 -20.27 -6.26 -35.17
N GLU A 215 -21.48 -6.27 -35.72
CA GLU A 215 -22.04 -5.07 -36.32
C GLU A 215 -22.45 -4.03 -35.29
N SER A 216 -22.72 -4.44 -34.05
CA SER A 216 -23.13 -3.50 -33.02
C SER A 216 -21.98 -2.57 -32.63
N SER A 217 -20.76 -3.10 -32.54
CA SER A 217 -19.61 -2.32 -32.11
C SER A 217 -18.57 -2.13 -33.19
N GLY A 218 -18.08 -3.21 -33.78
CA GLY A 218 -17.02 -3.14 -34.76
C GLY A 218 -17.47 -3.06 -36.20
N SER A 219 -18.76 -2.82 -36.45
CA SER A 219 -19.34 -2.73 -37.79
C SER A 219 -19.07 -3.98 -38.62
N GLY A 220 -19.16 -5.13 -37.97
CA GLY A 220 -18.93 -6.40 -38.63
C GLY A 220 -17.46 -6.73 -38.74
N TYR A 221 -16.78 -6.03 -39.65
CA TYR A 221 -15.37 -6.23 -39.96
C TYR A 221 -15.07 -7.71 -40.25
N SER A 222 -15.65 -8.18 -41.35
CA SER A 222 -15.35 -9.51 -41.84
C SER A 222 -13.91 -9.57 -42.34
N ARG A 223 -13.45 -10.76 -42.71
CA ARG A 223 -12.10 -10.90 -43.18
C ARG A 223 -11.92 -10.36 -44.60
N ASP A 224 -13.00 -10.15 -45.34
CA ASP A 224 -12.92 -9.41 -46.59
C ASP A 224 -12.45 -7.98 -46.33
N GLN A 225 -12.96 -7.38 -45.24
CA GLN A 225 -12.42 -6.10 -44.78
C GLN A 225 -10.95 -6.23 -44.41
N LEU A 226 -10.52 -7.39 -43.93
CA LEU A 226 -9.10 -7.57 -43.62
C LEU A 226 -8.26 -7.57 -44.88
N MET A 227 -8.67 -8.29 -45.93
CA MET A 227 -7.91 -8.25 -47.17
C MET A 227 -7.87 -6.86 -47.77
N LYS A 228 -9.01 -6.15 -47.78
CA LYS A 228 -8.99 -4.82 -48.38
C LYS A 228 -8.19 -3.83 -47.52
N ASP A 229 -8.22 -4.00 -46.19
CA ASP A 229 -7.45 -3.11 -45.32
C ASP A 229 -5.96 -3.39 -45.46
N VAL A 230 -5.57 -4.65 -45.53
CA VAL A 230 -4.17 -5.03 -45.73
C VAL A 230 -3.67 -4.49 -47.06
N ASP A 231 -4.48 -4.61 -48.11
CA ASP A 231 -4.07 -4.10 -49.42
C ASP A 231 -3.94 -2.59 -49.43
N ARG A 232 -4.92 -1.87 -48.85
CA ARG A 232 -4.82 -0.41 -48.83
C ARG A 232 -3.73 0.09 -47.90
N ILE A 233 -3.35 -0.69 -46.88
CA ILE A 233 -2.15 -0.38 -46.13
C ILE A 233 -0.93 -0.52 -47.04
N PHE A 234 -0.89 -1.60 -47.82
CA PHE A 234 0.32 -1.89 -48.58
C PHE A 234 0.51 -0.94 -49.75
N THR A 235 -0.58 -0.35 -50.27
CA THR A 235 -0.47 0.49 -51.47
C THR A 235 0.41 1.71 -51.24
N GLU A 236 0.25 2.39 -50.10
CA GLU A 236 0.99 3.62 -49.85
C GLU A 236 2.12 3.44 -48.84
N ILE A 237 2.52 2.20 -48.56
CA ILE A 237 3.84 1.94 -47.99
C ILE A 237 4.81 1.52 -49.10
N LYS A 238 4.29 1.12 -50.26
CA LYS A 238 5.11 0.86 -51.44
C LYS A 238 6.03 2.00 -51.87
N PRO A 239 5.64 3.28 -51.90
CA PRO A 239 6.62 4.31 -52.30
C PRO A 239 7.76 4.47 -51.32
N LEU A 240 7.48 4.42 -50.01
CA LEU A 240 8.53 4.55 -49.02
C LEU A 240 9.51 3.39 -49.10
N TYR A 241 8.98 2.17 -49.25
CA TYR A 241 9.84 1.01 -49.43
C TYR A 241 10.62 1.10 -50.74
N GLU A 242 9.99 1.62 -51.80
CA GLU A 242 10.68 1.74 -53.07
C GLU A 242 11.86 2.69 -52.97
N HIS A 243 11.67 3.82 -52.28
CA HIS A 243 12.77 4.74 -52.05
C HIS A 243 13.87 4.09 -51.21
N LEU A 244 13.48 3.34 -50.18
CA LEU A 244 14.45 2.63 -49.36
C LEU A 244 15.22 1.59 -50.16
N HIS A 245 14.53 0.86 -51.04
CA HIS A 245 15.15 -0.17 -51.85
C HIS A 245 16.12 0.44 -52.86
N ALA A 246 15.74 1.57 -53.45
CA ALA A 246 16.66 2.28 -54.34
C ALA A 246 17.89 2.77 -53.58
N TYR A 247 17.69 3.24 -52.34
CA TYR A 247 18.81 3.64 -51.50
C TYR A 247 19.76 2.47 -51.23
N VAL A 248 19.20 1.32 -50.87
CA VAL A 248 20.00 0.15 -50.58
C VAL A 248 20.72 -0.35 -51.83
N ARG A 249 20.05 -0.27 -52.98
CA ARG A 249 20.69 -0.62 -54.24
C ARG A 249 21.88 0.28 -54.53
N THR A 250 21.71 1.58 -54.35
CA THR A 250 22.79 2.52 -54.61
C THR A 250 23.96 2.32 -53.65
N LYS A 251 23.69 1.91 -52.42
CA LYS A 251 24.78 1.67 -51.48
C LYS A 251 25.38 0.28 -51.60
N LEU A 252 24.72 -0.63 -52.29
CA LEU A 252 25.35 -1.90 -52.64
C LEU A 252 26.02 -1.86 -54.00
N MET A 253 25.87 -0.75 -54.74
CA MET A 253 26.62 -0.60 -55.99
C MET A 253 28.12 -0.62 -55.75
N ASP A 254 28.61 0.24 -54.84
CA ASP A 254 30.05 0.38 -54.68
C ASP A 254 30.65 -0.80 -53.93
N THR A 255 29.95 -1.31 -52.92
CA THR A 255 30.46 -2.47 -52.18
C THR A 255 30.43 -3.72 -53.04
N TYR A 256 29.34 -3.93 -53.78
CA TYR A 256 29.13 -5.15 -54.54
C TYR A 256 29.09 -4.81 -56.02
N PRO A 257 30.16 -5.07 -56.78
CA PRO A 257 30.28 -4.55 -58.15
C PRO A 257 29.40 -5.30 -59.13
N PHE A 258 28.54 -4.55 -59.84
CA PHE A 258 27.79 -4.98 -61.02
C PHE A 258 26.75 -6.06 -60.72
N HIS A 259 26.62 -6.50 -59.47
CA HIS A 259 25.67 -7.53 -59.10
C HIS A 259 24.26 -6.98 -58.87
N ILE A 260 24.09 -5.67 -58.95
CA ILE A 260 22.81 -5.02 -58.71
C ILE A 260 22.51 -4.10 -59.89
N SER A 261 21.29 -4.18 -60.41
CA SER A 261 20.87 -3.31 -61.50
C SER A 261 20.58 -1.91 -60.98
N PRO A 262 20.88 -0.87 -61.78
CA PRO A 262 20.55 0.50 -61.35
C PRO A 262 19.07 0.76 -61.17
N THR A 263 18.21 0.12 -61.98
CA THR A 263 16.78 0.29 -61.85
C THR A 263 16.05 -1.03 -61.65
N GLY A 264 16.76 -2.13 -61.48
CA GLY A 264 16.16 -3.43 -61.29
C GLY A 264 15.91 -3.76 -59.83
N CYS A 265 15.84 -5.05 -59.54
CA CYS A 265 15.67 -5.52 -58.17
C CYS A 265 17.02 -5.80 -57.54
N LEU A 266 17.01 -6.28 -56.29
CA LEU A 266 18.26 -6.59 -55.62
C LEU A 266 18.37 -8.09 -55.39
N PRO A 267 19.59 -8.64 -55.38
CA PRO A 267 19.76 -10.08 -55.18
C PRO A 267 19.28 -10.55 -53.80
N ALA A 268 18.63 -11.72 -53.79
CA ALA A 268 18.02 -12.22 -52.58
C ALA A 268 19.05 -12.76 -51.60
N HIS A 269 20.15 -13.31 -52.10
CA HIS A 269 21.16 -13.88 -51.22
C HIS A 269 22.02 -12.83 -50.55
N LEU A 270 21.79 -11.55 -50.83
CA LEU A 270 22.61 -10.46 -50.33
C LEU A 270 21.80 -9.49 -49.48
N LEU A 271 20.98 -10.03 -48.59
CA LEU A 271 20.25 -9.24 -47.61
C LEU A 271 20.95 -9.33 -46.26
N GLY A 272 20.29 -8.79 -45.23
CA GLY A 272 20.90 -8.76 -43.90
C GLY A 272 21.07 -10.14 -43.28
N ASP A 273 20.04 -10.97 -43.39
CA ASP A 273 20.10 -12.30 -42.80
C ASP A 273 19.75 -13.39 -43.80
N MET A 274 19.64 -14.63 -43.32
CA MET A 274 19.22 -15.74 -44.16
C MET A 274 17.77 -15.53 -44.59
N TRP A 275 17.44 -16.08 -45.78
CA TRP A 275 16.15 -15.94 -46.48
C TRP A 275 15.60 -14.52 -46.54
N GLY A 276 16.45 -13.51 -46.43
CA GLY A 276 16.06 -12.11 -46.63
C GLY A 276 14.96 -11.59 -45.72
N ARG A 277 14.99 -12.00 -44.45
CA ARG A 277 13.91 -11.61 -43.54
C ARG A 277 14.13 -10.19 -43.00
N PHE A 278 15.24 -9.98 -42.32
CA PHE A 278 15.60 -8.69 -41.77
C PHE A 278 16.68 -8.00 -42.61
N TRP A 279 16.74 -6.68 -42.44
CA TRP A 279 17.74 -5.84 -43.06
C TRP A 279 18.65 -5.22 -42.00
N THR A 280 18.83 -5.93 -40.88
CA THR A 280 19.52 -5.39 -39.71
C THR A 280 20.98 -5.10 -40.02
N ASN A 281 21.70 -6.09 -40.55
CA ASN A 281 23.14 -6.00 -40.62
C ASN A 281 23.55 -5.30 -41.93
N LEU A 282 22.57 -4.88 -42.73
CA LEU A 282 22.85 -3.93 -43.80
C LEU A 282 23.07 -2.52 -43.29
N TYR A 283 22.73 -2.24 -42.03
CA TYR A 283 22.90 -0.90 -41.49
C TYR A 283 24.35 -0.41 -41.42
N PRO A 284 25.35 -1.22 -41.03
CA PRO A 284 26.73 -0.77 -41.23
C PRO A 284 27.10 -0.57 -42.69
N LEU A 285 26.41 -1.26 -43.59
CA LEU A 285 26.65 -1.12 -45.02
C LEU A 285 25.80 -0.03 -45.67
N THR A 286 24.87 0.58 -44.92
CA THR A 286 23.96 1.56 -45.51
C THR A 286 23.83 2.87 -44.76
N VAL A 287 24.58 3.09 -43.70
CA VAL A 287 24.50 4.39 -43.01
C VAL A 287 25.21 5.45 -43.85
N PRO A 288 24.57 6.62 -44.11
CA PRO A 288 25.22 7.62 -44.97
C PRO A 288 26.47 8.24 -44.37
N PHE A 289 26.33 8.86 -43.21
CA PHE A 289 27.40 9.60 -42.55
C PHE A 289 27.56 9.12 -41.11
N GLY A 290 27.66 7.81 -40.95
CA GLY A 290 27.90 7.19 -39.67
C GLY A 290 29.33 7.22 -39.18
N GLN A 291 30.19 8.02 -39.83
CA GLN A 291 31.55 8.21 -39.34
C GLN A 291 31.56 8.90 -37.98
N LYS A 292 30.59 9.77 -37.74
CA LYS A 292 30.42 10.35 -36.42
C LYS A 292 29.90 9.30 -35.44
N PRO A 293 30.08 9.52 -34.14
CA PRO A 293 29.48 8.61 -33.16
C PRO A 293 27.97 8.53 -33.31
N ASN A 294 27.45 7.31 -33.14
CA ASN A 294 26.06 7.00 -33.50
C ASN A 294 25.49 6.09 -32.42
N ILE A 295 24.41 5.39 -32.78
CA ILE A 295 23.56 4.68 -31.84
C ILE A 295 24.32 3.55 -31.13
N ASP A 296 25.27 2.92 -31.82
CA ASP A 296 25.92 1.68 -31.35
C ASP A 296 26.60 1.86 -30.00
N VAL A 297 26.25 0.99 -29.06
CA VAL A 297 26.64 1.17 -27.67
C VAL A 297 27.16 -0.17 -27.14
N THR A 298 27.43 -1.11 -28.06
CA THR A 298 27.67 -2.50 -27.68
C THR A 298 28.91 -2.67 -26.82
N ASP A 299 30.00 -1.97 -27.15
CA ASP A 299 31.18 -2.02 -26.30
C ASP A 299 30.92 -1.36 -24.95
N ALA A 300 30.11 -0.30 -24.95
CA ALA A 300 29.71 0.29 -23.68
C ALA A 300 28.77 -0.62 -22.91
N MET A 301 27.99 -1.46 -23.61
CA MET A 301 27.24 -2.51 -22.93
C MET A 301 28.18 -3.52 -22.29
N VAL A 302 29.31 -3.81 -22.96
CA VAL A 302 30.29 -4.74 -22.40
C VAL A 302 30.93 -4.15 -21.14
N ASN A 303 31.39 -2.91 -21.21
CA ASN A 303 32.18 -2.37 -20.10
C ASN A 303 31.34 -1.84 -18.94
N GLN A 304 30.04 -1.63 -19.14
CA GLN A 304 29.21 -1.11 -18.05
C GLN A 304 28.73 -2.20 -17.11
N GLY A 305 28.94 -3.47 -17.44
CA GLY A 305 28.39 -4.55 -16.64
C GLY A 305 26.92 -4.79 -16.85
N TRP A 306 26.31 -4.19 -17.86
CA TRP A 306 24.88 -4.33 -18.13
C TRP A 306 24.66 -5.67 -18.82
N ASP A 307 24.30 -6.68 -18.05
CA ASP A 307 24.03 -8.00 -18.60
C ASP A 307 22.56 -8.07 -19.03
N ALA A 308 22.08 -9.28 -19.31
CA ALA A 308 20.67 -9.48 -19.63
C ALA A 308 19.78 -9.08 -18.46
N ASN A 309 20.18 -9.43 -17.24
CA ASN A 309 19.40 -9.09 -16.07
C ASN A 309 19.35 -7.59 -15.83
N ARG A 310 20.49 -6.91 -15.98
CA ARG A 310 20.51 -5.45 -15.86
C ARG A 310 19.72 -4.78 -16.98
N ILE A 311 19.74 -5.37 -18.18
CA ILE A 311 18.87 -4.91 -19.27
C ILE A 311 17.41 -5.00 -18.83
N PHE A 312 17.05 -6.08 -18.14
CA PHE A 312 15.68 -6.20 -17.66
C PHE A 312 15.35 -5.20 -16.57
N LYS A 313 16.28 -4.93 -15.64
CA LYS A 313 16.01 -3.87 -14.67
C LYS A 313 15.85 -2.51 -15.34
N GLU A 314 16.61 -2.25 -16.41
CA GLU A 314 16.39 -1.05 -17.19
C GLU A 314 14.99 -1.04 -17.78
N ALA A 315 14.53 -2.20 -18.24
CA ALA A 315 13.17 -2.31 -18.77
C ALA A 315 12.12 -1.99 -17.71
N GLU A 316 12.30 -2.47 -16.49
CA GLU A 316 11.30 -2.16 -15.47
C GLU A 316 11.40 -0.73 -14.93
N LYS A 317 12.57 -0.10 -14.94
CA LYS A 317 12.57 1.36 -14.72
C LYS A 317 11.80 2.08 -15.82
N PHE A 318 11.94 1.62 -17.07
CA PHE A 318 11.15 2.22 -18.15
C PHE A 318 9.67 2.00 -17.93
N PHE A 319 9.29 0.84 -17.41
CA PHE A 319 7.88 0.52 -17.27
C PHE A 319 7.24 1.12 -16.03
N VAL A 320 7.98 1.28 -14.94
CA VAL A 320 7.46 2.06 -13.83
C VAL A 320 7.49 3.54 -14.14
N SER A 321 8.32 3.97 -15.10
CA SER A 321 8.26 5.35 -15.56
C SER A 321 7.01 5.59 -16.40
N VAL A 322 6.68 4.64 -17.29
CA VAL A 322 5.52 4.84 -18.15
C VAL A 322 4.22 4.60 -17.39
N GLY A 323 4.23 3.86 -16.29
CA GLY A 323 3.01 3.66 -15.52
C GLY A 323 2.40 2.29 -15.70
N LEU A 324 3.24 1.30 -15.99
CA LEU A 324 2.83 -0.08 -16.11
C LEU A 324 3.45 -0.90 -14.97
N PRO A 325 2.82 -2.00 -14.55
CA PRO A 325 3.34 -2.75 -13.41
C PRO A 325 4.69 -3.39 -13.72
N ASN A 326 5.48 -3.58 -12.67
CA ASN A 326 6.85 -4.06 -12.81
C ASN A 326 6.89 -5.59 -12.73
N MET A 327 8.10 -6.14 -12.62
CA MET A 327 8.29 -7.58 -12.68
C MET A 327 7.95 -8.22 -11.34
N THR A 328 7.42 -9.45 -11.39
CA THR A 328 7.03 -10.15 -10.19
C THR A 328 8.19 -11.00 -9.67
N GLU A 329 8.00 -11.59 -8.49
CA GLU A 329 9.06 -12.37 -7.87
C GLU A 329 9.36 -13.64 -8.65
N GLY A 330 8.32 -14.25 -9.24
CA GLY A 330 8.57 -15.33 -10.18
C GLY A 330 9.35 -14.88 -11.39
N PHE A 331 9.10 -13.66 -11.85
CA PHE A 331 9.85 -13.11 -12.97
C PHE A 331 11.31 -12.90 -12.60
N TRP A 332 11.59 -12.69 -11.29
CA TRP A 332 12.97 -12.72 -10.83
C TRP A 332 13.54 -14.13 -10.89
N ASN A 333 12.94 -15.06 -10.15
CA ASN A 333 13.66 -16.29 -9.81
C ASN A 333 13.63 -17.30 -10.96
N ASN A 334 12.47 -17.47 -11.60
CA ASN A 334 12.41 -18.35 -12.76
C ASN A 334 12.61 -17.53 -14.03
N SER A 335 12.27 -18.13 -15.18
CA SER A 335 12.35 -17.51 -16.50
C SER A 335 13.78 -17.12 -16.86
N MET A 336 14.65 -18.12 -16.89
CA MET A 336 16.03 -17.91 -17.28
C MET A 336 16.13 -17.70 -18.78
N LEU A 337 16.85 -16.65 -19.19
CA LEU A 337 16.89 -16.28 -20.60
C LEU A 337 17.94 -17.07 -21.35
N THR A 338 19.21 -16.88 -21.00
CA THR A 338 20.32 -17.45 -21.72
C THR A 338 20.59 -18.86 -21.23
N GLU A 339 21.72 -19.42 -21.62
CA GLU A 339 22.15 -20.69 -21.07
C GLU A 339 22.52 -20.51 -19.60
N PRO A 340 21.93 -21.28 -18.68
CA PRO A 340 22.23 -21.12 -17.26
C PRO A 340 23.53 -21.75 -16.80
N GLY A 341 24.37 -22.23 -17.72
CA GLY A 341 25.61 -22.88 -17.34
C GLY A 341 25.45 -24.29 -16.85
N ASP A 342 24.26 -24.88 -16.97
CA ASP A 342 23.97 -26.22 -16.48
C ASP A 342 23.64 -27.19 -17.61
N GLY A 343 23.99 -26.86 -18.84
CA GLY A 343 23.72 -27.74 -19.97
C GLY A 343 22.28 -27.77 -20.43
N ARG A 344 21.44 -26.84 -19.96
CA ARG A 344 20.04 -26.81 -20.36
C ARG A 344 19.96 -26.27 -21.78
N LYS A 345 19.97 -27.19 -22.74
CA LYS A 345 19.93 -26.81 -24.14
C LYS A 345 18.58 -26.19 -24.50
N VAL A 346 18.62 -25.03 -25.12
CA VAL A 346 17.43 -24.26 -25.44
C VAL A 346 17.41 -23.96 -26.94
N VAL A 347 16.23 -24.09 -27.54
CA VAL A 347 16.00 -23.57 -28.88
C VAL A 347 15.54 -22.13 -28.71
N CYS A 348 16.53 -21.25 -28.55
CA CYS A 348 16.28 -19.90 -28.07
C CYS A 348 15.81 -19.01 -29.22
N HIS A 349 14.62 -18.44 -29.05
CA HIS A 349 14.01 -17.45 -29.90
C HIS A 349 13.32 -16.47 -28.98
N PRO A 350 13.14 -15.20 -29.38
CA PRO A 350 12.47 -14.25 -28.47
C PRO A 350 11.04 -14.66 -28.21
N THR A 351 10.78 -15.09 -26.98
CA THR A 351 9.54 -15.77 -26.65
C THR A 351 9.08 -15.35 -25.26
N ALA A 352 7.88 -14.78 -25.21
CA ALA A 352 7.22 -14.52 -23.95
C ALA A 352 6.29 -15.69 -23.61
N TRP A 353 5.89 -15.73 -22.34
CA TRP A 353 5.05 -16.82 -21.85
C TRP A 353 4.01 -16.23 -20.90
N ASP A 354 2.78 -16.15 -21.40
CA ASP A 354 1.58 -16.01 -20.57
C ASP A 354 1.19 -17.42 -20.15
N LEU A 355 1.69 -17.86 -19.01
CA LEU A 355 1.38 -19.19 -18.50
C LEU A 355 -0.05 -19.31 -18.01
N GLY A 356 -0.78 -18.21 -17.89
CA GLY A 356 -2.01 -18.21 -17.13
C GLY A 356 -1.70 -18.02 -15.66
N LYS A 357 -2.78 -17.95 -14.88
CA LYS A 357 -2.73 -17.68 -13.45
C LYS A 357 -1.96 -16.41 -13.16
N GLY A 358 -0.77 -16.53 -12.58
CA GLY A 358 -0.04 -15.35 -12.17
C GLY A 358 1.38 -15.26 -12.64
N ASP A 359 1.92 -16.32 -13.24
CA ASP A 359 3.33 -16.35 -13.62
C ASP A 359 3.50 -16.08 -15.10
N PHE A 360 4.58 -15.35 -15.42
CA PHE A 360 4.89 -14.94 -16.78
C PHE A 360 6.39 -15.09 -16.98
N ARG A 361 6.80 -15.54 -18.16
CA ARG A 361 8.18 -15.94 -18.39
C ARG A 361 8.73 -15.36 -19.67
N ILE A 362 10.06 -15.31 -19.76
CA ILE A 362 10.77 -14.78 -20.92
C ILE A 362 11.95 -15.69 -21.26
N LYS A 363 12.13 -15.98 -22.55
CA LYS A 363 13.33 -16.67 -22.97
C LYS A 363 13.81 -16.16 -24.32
N MET A 364 15.12 -16.03 -24.46
CA MET A 364 15.87 -15.96 -25.71
C MET A 364 17.35 -16.01 -25.33
N CYS A 365 18.21 -16.29 -26.31
CA CYS A 365 19.66 -16.21 -26.10
C CYS A 365 20.00 -14.73 -26.05
N THR A 366 19.90 -14.14 -24.86
CA THR A 366 19.94 -12.69 -24.72
C THR A 366 21.39 -12.22 -24.80
N LYS A 367 21.74 -11.61 -25.92
CA LYS A 367 23.02 -10.93 -26.09
C LYS A 367 22.87 -9.49 -25.61
N VAL A 368 23.83 -8.63 -25.94
CA VAL A 368 23.81 -7.24 -25.50
C VAL A 368 23.65 -6.29 -26.67
N THR A 369 23.35 -6.78 -27.87
CA THR A 369 23.29 -5.93 -29.05
C THR A 369 21.98 -5.15 -29.08
N MET A 370 21.89 -4.22 -30.04
CA MET A 370 20.75 -3.31 -30.13
C MET A 370 19.46 -4.05 -30.44
N GLU A 371 19.46 -4.87 -31.50
CA GLU A 371 18.25 -5.55 -31.92
C GLU A 371 17.76 -6.53 -30.86
N ASP A 372 18.69 -7.16 -30.15
CA ASP A 372 18.27 -8.06 -29.10
C ASP A 372 17.81 -7.28 -27.86
N PHE A 373 18.36 -6.08 -27.64
CA PHE A 373 17.87 -5.21 -26.58
C PHE A 373 16.43 -4.79 -26.85
N LEU A 374 16.11 -4.47 -28.10
CA LEU A 374 14.73 -4.20 -28.46
C LEU A 374 13.86 -5.44 -28.41
N THR A 375 14.39 -6.64 -28.67
CA THR A 375 13.56 -7.82 -28.46
C THR A 375 13.32 -8.06 -26.97
N ALA A 376 14.30 -7.71 -26.13
CA ALA A 376 14.12 -7.81 -24.69
C ALA A 376 12.98 -6.89 -24.24
N HIS A 377 13.00 -5.63 -24.68
CA HIS A 377 11.87 -4.74 -24.42
C HIS A 377 10.60 -5.20 -25.12
N HIS A 378 10.72 -5.91 -26.24
CA HIS A 378 9.55 -6.33 -26.99
C HIS A 378 8.77 -7.42 -26.26
N GLU A 379 9.45 -8.51 -25.93
CA GLU A 379 8.78 -9.52 -25.11
C GLU A 379 8.57 -9.08 -23.67
N MET A 380 9.29 -8.07 -23.18
CA MET A 380 8.94 -7.52 -21.87
C MET A 380 7.62 -6.77 -21.95
N GLY A 381 7.40 -6.04 -23.03
CA GLY A 381 6.10 -5.43 -23.28
C GLY A 381 5.02 -6.46 -23.53
N HIS A 382 5.39 -7.61 -24.10
CA HIS A 382 4.47 -8.75 -24.18
C HIS A 382 4.01 -9.15 -22.79
N ILE A 383 4.95 -9.24 -21.85
CA ILE A 383 4.61 -9.59 -20.47
C ILE A 383 3.73 -8.52 -19.83
N GLN A 384 4.04 -7.24 -20.09
CA GLN A 384 3.22 -6.16 -19.56
C GLN A 384 1.80 -6.22 -20.10
N TYR A 385 1.69 -6.52 -21.40
CA TYR A 385 0.40 -6.79 -22.01
C TYR A 385 -0.32 -7.91 -21.29
N ASP A 386 0.37 -9.02 -21.06
CA ASP A 386 -0.25 -10.20 -20.46
C ASP A 386 -0.71 -9.94 -19.03
N MET A 387 0.09 -9.22 -18.22
CA MET A 387 -0.43 -8.91 -16.89
C MET A 387 -1.55 -7.88 -16.94
N ALA A 388 -1.62 -7.07 -18.00
CA ALA A 388 -2.66 -6.05 -18.02
C ALA A 388 -4.04 -6.65 -18.27
N TYR A 389 -4.15 -7.65 -19.13
CA TYR A 389 -5.40 -8.40 -19.25
C TYR A 389 -5.38 -9.70 -18.48
N ALA A 390 -4.54 -9.82 -17.45
CA ALA A 390 -4.55 -11.01 -16.61
C ALA A 390 -5.86 -11.14 -15.83
N THR A 391 -6.59 -10.04 -15.62
CA THR A 391 -7.90 -10.09 -14.99
C THR A 391 -8.97 -10.67 -15.90
N GLN A 392 -8.69 -10.87 -17.18
CA GLN A 392 -9.68 -11.35 -18.11
C GLN A 392 -9.83 -12.87 -17.98
N PRO A 393 -10.93 -13.42 -18.51
CA PRO A 393 -11.03 -14.88 -18.66
C PRO A 393 -9.90 -15.45 -19.50
N TYR A 394 -9.61 -16.75 -19.27
CA TYR A 394 -8.45 -17.37 -19.88
C TYR A 394 -8.59 -17.48 -21.39
N LEU A 395 -9.79 -17.81 -21.87
CA LEU A 395 -10.01 -17.84 -23.31
C LEU A 395 -10.00 -16.44 -23.91
N LEU A 396 -10.26 -15.41 -23.10
CA LEU A 396 -10.00 -14.03 -23.48
C LEU A 396 -8.57 -13.60 -23.19
N ARG A 397 -7.80 -14.41 -22.45
CA ARG A 397 -6.43 -14.05 -22.05
C ARG A 397 -5.49 -14.32 -23.23
N ASN A 398 -5.65 -13.51 -24.26
CA ASN A 398 -4.77 -13.48 -25.42
C ASN A 398 -4.66 -12.04 -25.88
N GLY A 399 -4.03 -11.84 -27.04
CA GLY A 399 -3.99 -10.52 -27.62
C GLY A 399 -5.36 -10.05 -28.07
N ALA A 400 -5.49 -8.73 -28.21
CA ALA A 400 -6.72 -8.16 -28.76
C ALA A 400 -6.93 -8.57 -30.21
N ASN A 401 -5.84 -8.90 -30.91
CA ASN A 401 -5.89 -9.62 -32.17
C ASN A 401 -4.55 -10.35 -32.32
N GLU A 402 -4.26 -10.81 -33.53
CA GLU A 402 -2.93 -11.32 -33.80
C GLU A 402 -1.87 -10.22 -33.88
N GLY A 403 -2.29 -8.97 -33.99
CA GLY A 403 -1.34 -7.90 -34.18
C GLY A 403 -0.98 -7.10 -32.94
N PHE A 404 -2.00 -6.78 -32.11
CA PHE A 404 -1.79 -5.95 -30.92
C PHE A 404 -0.75 -6.57 -29.99
N HIS A 405 -0.74 -7.90 -29.92
CA HIS A 405 0.03 -8.62 -28.91
C HIS A 405 1.53 -8.39 -29.13
N GLU A 406 1.96 -8.43 -30.39
CA GLU A 406 3.32 -8.02 -30.72
C GLU A 406 3.46 -6.51 -30.81
N ALA A 407 2.38 -5.81 -31.14
CA ALA A 407 2.45 -4.38 -31.40
C ALA A 407 2.83 -3.60 -30.15
N VAL A 408 2.27 -3.98 -29.00
CA VAL A 408 2.54 -3.24 -27.77
C VAL A 408 4.00 -3.36 -27.38
N GLY A 409 4.52 -4.58 -27.43
CA GLY A 409 5.93 -4.79 -27.11
C GLY A 409 6.84 -4.09 -28.10
N GLU A 410 6.45 -4.05 -29.37
CA GLU A 410 7.31 -3.38 -30.34
C GLU A 410 7.24 -1.87 -30.19
N VAL A 411 6.09 -1.32 -29.76
CA VAL A 411 5.99 0.11 -29.47
C VAL A 411 6.90 0.47 -28.30
N MET A 412 6.88 -0.37 -27.27
CA MET A 412 7.82 -0.18 -26.16
C MET A 412 9.26 -0.24 -26.64
N SER A 413 9.58 -1.22 -27.50
CA SER A 413 10.93 -1.37 -28.01
C SER A 413 11.36 -0.18 -28.87
N LEU A 414 10.42 0.41 -29.60
CA LEU A 414 10.76 1.54 -30.44
C LEU A 414 10.90 2.82 -29.63
N SER A 415 10.09 2.99 -28.59
CA SER A 415 10.19 4.18 -27.75
C SER A 415 11.45 4.13 -26.90
N VAL A 416 11.86 2.95 -26.45
CA VAL A 416 13.08 2.86 -25.65
C VAL A 416 14.32 3.02 -26.52
N ALA A 417 14.21 2.77 -27.82
CA ALA A 417 15.37 2.79 -28.69
C ALA A 417 15.84 4.19 -29.06
N THR A 418 15.03 5.21 -28.77
CA THR A 418 15.33 6.57 -29.21
C THR A 418 16.61 7.06 -28.52
N PRO A 419 17.54 7.67 -29.26
CA PRO A 419 18.83 8.05 -28.65
C PRO A 419 18.71 9.09 -27.54
N LYS A 420 17.65 9.89 -27.55
CA LYS A 420 17.38 10.77 -26.41
C LYS A 420 17.13 9.95 -25.15
N HIS A 421 16.35 8.88 -25.27
CA HIS A 421 16.13 7.99 -24.14
C HIS A 421 17.43 7.31 -23.71
N LEU A 422 18.25 6.90 -24.68
CA LEU A 422 19.52 6.26 -24.36
C LEU A 422 20.45 7.20 -23.61
N LYS A 423 20.42 8.49 -23.96
CA LYS A 423 21.24 9.44 -23.24
C LYS A 423 20.68 9.76 -21.85
N THR A 424 19.35 9.81 -21.70
CA THR A 424 18.76 10.26 -20.43
C THR A 424 19.07 9.30 -19.29
N MET A 425 18.88 8.00 -19.51
CA MET A 425 19.10 7.01 -18.47
C MET A 425 20.50 6.40 -18.51
N GLY A 426 21.47 7.11 -19.08
CA GLY A 426 22.88 6.77 -18.94
C GLY A 426 23.39 5.71 -19.87
N LEU A 427 22.58 5.22 -20.80
CA LEU A 427 23.05 4.20 -21.73
C LEU A 427 24.05 4.79 -22.71
N LEU A 428 23.72 5.92 -23.32
CA LEU A 428 24.49 6.47 -24.42
C LEU A 428 25.53 7.46 -23.91
N SER A 429 26.54 7.72 -24.74
CA SER A 429 27.65 8.58 -24.37
C SER A 429 27.19 10.02 -24.19
N PRO A 430 27.77 10.76 -23.24
CA PRO A 430 27.37 12.16 -23.02
C PRO A 430 27.65 13.08 -24.21
N ASP A 431 28.68 12.81 -25.00
CA ASP A 431 29.05 13.68 -26.12
C ASP A 431 28.30 13.36 -27.41
N PHE A 432 27.16 12.66 -27.31
CA PHE A 432 26.38 12.34 -28.50
C PHE A 432 25.62 13.56 -28.99
N LEU A 433 25.48 13.68 -30.30
CA LEU A 433 24.83 14.82 -30.93
C LEU A 433 23.45 14.43 -31.45
N GLU A 434 22.47 15.30 -31.25
CA GLU A 434 21.10 15.08 -31.69
C GLU A 434 20.76 15.87 -32.94
N ASP A 435 21.70 15.96 -33.88
CA ASP A 435 21.48 16.72 -35.09
C ASP A 435 20.50 15.98 -36.01
N ASN A 436 20.20 16.62 -37.15
CA ASN A 436 19.28 16.02 -38.11
C ASN A 436 19.85 14.75 -38.72
N GLU A 437 21.16 14.71 -38.95
CA GLU A 437 21.75 13.61 -39.71
C GLU A 437 21.81 12.33 -38.88
N THR A 438 22.15 12.42 -37.59
CA THR A 438 22.18 11.21 -36.78
C THR A 438 20.78 10.71 -36.49
N GLU A 439 19.81 11.63 -36.37
CA GLU A 439 18.42 11.22 -36.28
C GLU A 439 17.97 10.52 -37.55
N ILE A 440 18.45 10.98 -38.71
CA ILE A 440 18.17 10.29 -39.97
C ILE A 440 18.82 8.91 -39.99
N ASN A 441 20.02 8.79 -39.40
CA ASN A 441 20.66 7.48 -39.32
C ASN A 441 19.88 6.51 -38.43
N PHE A 442 19.40 6.99 -37.29
CA PHE A 442 18.55 6.15 -36.43
C PHE A 442 17.25 5.78 -37.13
N LEU A 443 16.62 6.76 -37.78
CA LEU A 443 15.41 6.48 -38.54
C LEU A 443 15.68 5.52 -39.68
N LEU A 444 16.91 5.54 -40.21
CA LEU A 444 17.29 4.58 -41.24
C LEU A 444 17.42 3.18 -40.66
N LYS A 445 17.99 3.05 -39.46
CA LYS A 445 18.08 1.73 -38.82
C LYS A 445 16.69 1.18 -38.55
N GLN A 446 15.79 2.03 -38.04
CA GLN A 446 14.41 1.60 -37.87
C GLN A 446 13.74 1.33 -39.22
N ALA A 447 14.10 2.09 -40.25
CA ALA A 447 13.53 1.88 -41.57
C ALA A 447 13.91 0.53 -42.14
N LEU A 448 15.16 0.11 -41.99
CA LEU A 448 15.52 -1.26 -42.30
C LEU A 448 14.72 -2.23 -41.45
N ASN A 449 14.87 -2.17 -40.13
CA ASN A 449 14.33 -3.19 -39.24
C ASN A 449 12.81 -3.30 -39.27
N ILE A 450 12.12 -2.31 -39.83
CA ILE A 450 10.66 -2.35 -39.95
C ILE A 450 10.24 -2.42 -41.43
N VAL A 451 10.57 -1.37 -42.19
CA VAL A 451 10.07 -1.23 -43.55
C VAL A 451 10.76 -2.18 -44.52
N GLY A 452 11.97 -2.68 -44.20
CA GLY A 452 12.48 -3.75 -45.05
C GLY A 452 11.81 -5.08 -44.82
N THR A 453 10.95 -5.17 -43.81
CA THR A 453 10.19 -6.37 -43.51
C THR A 453 8.73 -6.24 -43.91
N LEU A 454 8.15 -5.04 -43.89
CA LEU A 454 6.75 -4.84 -44.31
C LEU A 454 6.37 -5.45 -45.65
N PRO A 455 7.10 -5.25 -46.77
CA PRO A 455 6.63 -5.87 -48.01
C PRO A 455 6.99 -7.34 -48.04
N PHE A 456 8.05 -7.72 -47.34
CA PHE A 456 8.42 -9.13 -47.21
C PHE A 456 7.31 -9.90 -46.49
N THR A 457 6.89 -9.39 -45.33
CA THR A 457 5.80 -10.06 -44.61
C THR A 457 4.47 -9.94 -45.34
N TYR A 458 4.24 -8.82 -46.07
CA TYR A 458 2.99 -8.71 -46.82
C TYR A 458 2.93 -9.73 -47.94
N MET A 459 4.01 -9.84 -48.73
CA MET A 459 4.01 -10.78 -49.82
C MET A 459 4.00 -12.21 -49.31
N LEU A 460 4.66 -12.49 -48.18
CA LEU A 460 4.68 -13.85 -47.68
C LEU A 460 3.31 -14.25 -47.16
N GLU A 461 2.63 -13.38 -46.42
CA GLU A 461 1.31 -13.73 -45.92
C GLU A 461 0.28 -13.73 -47.05
N LYS A 462 0.42 -12.83 -48.02
CA LYS A 462 -0.47 -12.87 -49.18
C LYS A 462 -0.24 -14.10 -50.02
N TRP A 463 1.01 -14.55 -50.13
CA TRP A 463 1.32 -15.79 -50.82
C TRP A 463 0.75 -16.99 -50.09
N ARG A 464 0.80 -16.96 -48.76
CA ARG A 464 0.11 -17.97 -47.96
C ARG A 464 -1.38 -17.96 -48.23
N TRP A 465 -1.98 -16.76 -48.31
CA TRP A 465 -3.41 -16.68 -48.55
C TRP A 465 -3.78 -17.21 -49.93
N MET A 466 -2.95 -16.93 -50.93
CA MET A 466 -3.16 -17.47 -52.28
C MET A 466 -3.02 -18.99 -52.29
N VAL A 467 -2.02 -19.51 -51.57
CA VAL A 467 -1.79 -20.95 -51.53
C VAL A 467 -2.92 -21.67 -50.80
N PHE A 468 -3.34 -21.14 -49.65
CA PHE A 468 -4.40 -21.78 -48.87
C PHE A 468 -5.73 -21.65 -49.57
N ARG A 469 -5.96 -20.54 -50.28
CA ARG A 469 -7.10 -20.43 -51.17
C ARG A 469 -7.01 -21.45 -52.31
N GLY A 470 -5.79 -21.82 -52.71
CA GLY A 470 -5.61 -22.86 -53.68
C GLY A 470 -5.83 -22.45 -55.12
N GLU A 471 -5.86 -21.13 -55.39
CA GLU A 471 -6.03 -20.68 -56.77
C GLU A 471 -4.79 -20.91 -57.61
N ILE A 472 -3.64 -21.14 -56.98
CA ILE A 472 -2.41 -21.48 -57.68
C ILE A 472 -2.07 -22.95 -57.37
N PRO A 473 -2.00 -23.81 -58.37
CA PRO A 473 -1.61 -25.20 -58.12
C PRO A 473 -0.14 -25.32 -57.78
N LYS A 474 0.22 -26.51 -57.27
CA LYS A 474 1.54 -26.76 -56.70
C LYS A 474 2.66 -26.60 -57.71
N GLU A 475 2.37 -26.74 -59.01
CA GLU A 475 3.37 -26.58 -60.05
C GLU A 475 3.76 -25.13 -60.30
N GLU A 476 3.02 -24.17 -59.75
CA GLU A 476 3.29 -22.76 -60.02
C GLU A 476 3.38 -21.93 -58.75
N TRP A 477 3.54 -22.57 -57.60
CA TRP A 477 3.71 -21.82 -56.35
C TRP A 477 4.99 -21.00 -56.38
N MET A 478 6.07 -21.57 -56.95
CA MET A 478 7.36 -20.90 -56.91
C MET A 478 7.44 -19.78 -57.93
N LYS A 479 6.92 -20.01 -59.14
CA LYS A 479 6.92 -18.97 -60.16
C LYS A 479 5.99 -17.82 -59.77
N LYS A 480 4.98 -18.11 -58.94
CA LYS A 480 4.28 -17.02 -58.29
C LYS A 480 5.14 -16.40 -57.19
N TRP A 481 5.77 -17.23 -56.36
CA TRP A 481 6.50 -16.75 -55.19
C TRP A 481 7.60 -15.76 -55.57
N TRP A 482 8.34 -16.05 -56.62
CA TRP A 482 9.41 -15.16 -57.02
C TRP A 482 8.91 -13.98 -57.86
N GLU A 483 7.64 -13.98 -58.29
CA GLU A 483 7.19 -12.87 -59.12
C GLU A 483 6.61 -11.73 -58.28
N MET A 484 5.93 -12.05 -57.16
CA MET A 484 5.65 -10.93 -56.27
C MET A 484 6.81 -10.64 -55.34
N LYS A 485 7.82 -11.52 -55.32
CA LYS A 485 9.11 -11.14 -54.75
C LYS A 485 9.74 -10.03 -55.58
N ARG A 486 9.38 -9.93 -56.85
CA ARG A 486 9.79 -8.82 -57.70
C ARG A 486 8.72 -7.76 -57.85
N ASP A 487 7.49 -8.01 -57.40
CA ASP A 487 6.39 -7.06 -57.58
C ASP A 487 5.98 -6.33 -56.31
N LEU A 488 5.97 -7.02 -55.17
CA LEU A 488 5.60 -6.38 -53.91
C LEU A 488 6.80 -6.00 -53.05
N VAL A 489 7.85 -6.80 -53.05
CA VAL A 489 9.04 -6.52 -52.26
C VAL A 489 10.27 -6.28 -53.13
N GLY A 490 10.18 -6.51 -54.44
CA GLY A 490 11.20 -6.09 -55.38
C GLY A 490 12.56 -6.73 -55.18
N VAL A 491 12.58 -8.04 -54.99
CA VAL A 491 13.81 -8.79 -54.75
C VAL A 491 13.94 -9.84 -55.83
N VAL A 492 15.13 -9.98 -56.40
CA VAL A 492 15.41 -11.01 -57.39
C VAL A 492 16.33 -12.03 -56.72
N GLU A 493 16.33 -13.25 -57.24
CA GLU A 493 17.11 -14.34 -56.67
C GLU A 493 18.05 -14.92 -57.72
N PRO A 494 19.17 -15.51 -57.30
CA PRO A 494 20.12 -16.05 -58.30
C PRO A 494 19.59 -17.26 -59.05
N VAL A 495 18.97 -18.22 -58.35
CA VAL A 495 18.39 -19.39 -58.97
C VAL A 495 16.97 -19.54 -58.43
N PRO A 496 15.95 -19.62 -59.29
CA PRO A 496 14.58 -19.78 -58.79
C PRO A 496 14.29 -21.16 -58.22
N HIS A 497 15.22 -22.11 -58.35
CA HIS A 497 15.17 -23.46 -57.78
C HIS A 497 14.03 -24.30 -58.36
N ASP A 498 13.46 -23.86 -59.48
CA ASP A 498 12.39 -24.54 -60.24
C ASP A 498 11.22 -24.73 -59.29
N GLU A 499 10.71 -25.95 -59.09
CA GLU A 499 9.69 -26.22 -58.09
C GLU A 499 10.11 -27.30 -57.11
N THR A 500 11.28 -27.91 -57.29
CA THR A 500 11.69 -29.05 -56.46
C THR A 500 12.09 -28.65 -55.06
N TYR A 501 12.42 -27.38 -54.83
CA TYR A 501 12.79 -26.92 -53.50
C TYR A 501 11.58 -26.22 -52.89
N CYS A 502 11.73 -25.75 -51.65
CA CYS A 502 10.62 -25.15 -50.91
C CYS A 502 11.05 -23.79 -50.38
N ASP A 503 11.50 -22.94 -51.31
CA ASP A 503 12.08 -21.62 -51.03
C ASP A 503 11.36 -20.78 -49.96
N PRO A 504 10.02 -20.70 -49.91
CA PRO A 504 9.40 -19.93 -48.82
C PRO A 504 9.27 -20.68 -47.50
N ALA A 505 9.75 -21.93 -47.42
CA ALA A 505 9.49 -22.75 -46.25
C ALA A 505 10.67 -22.85 -45.30
N SER A 506 11.71 -22.05 -45.51
CA SER A 506 12.91 -22.12 -44.68
C SER A 506 12.97 -21.05 -43.61
N LEU A 507 11.90 -20.28 -43.42
CA LEU A 507 11.82 -19.31 -42.34
C LEU A 507 11.26 -20.00 -41.08
N PHE A 508 11.47 -19.34 -39.94
CA PHE A 508 11.07 -19.95 -38.67
C PHE A 508 9.56 -20.08 -38.55
N HIS A 509 8.83 -19.00 -38.81
CA HIS A 509 7.38 -18.98 -38.59
C HIS A 509 6.63 -19.78 -39.64
N VAL A 510 7.28 -20.11 -40.75
CA VAL A 510 6.61 -20.91 -41.77
C VAL A 510 6.90 -22.39 -41.55
N ALA A 511 8.06 -22.73 -40.96
CA ALA A 511 8.33 -24.11 -40.61
C ALA A 511 7.43 -24.57 -39.48
N ASN A 512 7.33 -23.77 -38.42
CA ASN A 512 6.44 -24.08 -37.32
C ASN A 512 5.02 -23.61 -37.57
N ASP A 513 4.77 -23.01 -38.74
CA ASP A 513 3.44 -22.60 -39.19
C ASP A 513 2.80 -21.60 -38.23
N TYR A 514 3.56 -20.57 -37.88
CA TYR A 514 2.98 -19.42 -37.19
C TYR A 514 2.28 -18.51 -38.19
N SER A 515 1.21 -17.86 -37.73
CA SER A 515 0.55 -16.83 -38.52
C SER A 515 1.50 -15.65 -38.71
N PHE A 516 1.64 -15.21 -39.95
CA PHE A 516 2.66 -14.23 -40.30
C PHE A 516 2.08 -12.86 -40.62
N ILE A 517 0.74 -12.73 -40.61
CA ILE A 517 0.12 -11.40 -40.61
C ILE A 517 0.27 -10.74 -39.25
N ARG A 518 0.70 -11.49 -38.23
CA ARG A 518 0.98 -10.94 -36.92
C ARG A 518 1.97 -9.80 -37.00
N TYR A 519 3.05 -9.99 -37.76
CA TYR A 519 4.13 -9.00 -37.84
C TYR A 519 3.73 -7.82 -38.72
N TYR A 520 3.00 -8.09 -39.80
CA TYR A 520 2.55 -7.01 -40.68
C TYR A 520 1.59 -6.10 -39.93
N THR A 521 0.57 -6.66 -39.29
CA THR A 521 -0.34 -5.83 -38.52
C THR A 521 0.30 -5.30 -37.24
N ARG A 522 1.35 -5.97 -36.75
CA ARG A 522 2.15 -5.41 -35.67
C ARG A 522 2.75 -4.09 -36.08
N THR A 523 3.36 -4.05 -37.26
CA THR A 523 3.96 -2.82 -37.75
C THR A 523 2.91 -1.80 -38.16
N ILE A 524 1.73 -2.26 -38.57
CA ILE A 524 0.64 -1.35 -38.88
C ILE A 524 0.18 -0.62 -37.63
N PHE A 525 -0.15 -1.39 -36.58
CA PHE A 525 -0.62 -0.80 -35.32
C PHE A 525 0.52 -0.21 -34.50
N GLU A 526 1.76 -0.50 -34.87
CA GLU A 526 2.92 -0.01 -34.15
C GLU A 526 2.97 1.51 -34.17
N PHE A 527 2.90 2.09 -35.36
CA PHE A 527 3.02 3.53 -35.42
C PHE A 527 1.70 4.23 -35.10
N GLN A 528 0.58 3.51 -35.13
CA GLN A 528 -0.65 4.08 -34.60
C GLN A 528 -0.58 4.22 -33.09
N PHE A 529 -0.13 3.17 -32.40
CA PHE A 529 0.07 3.27 -30.96
C PHE A 529 1.19 4.25 -30.63
N HIS A 530 2.19 4.38 -31.50
CA HIS A 530 3.24 5.35 -31.23
C HIS A 530 2.77 6.77 -31.50
N GLU A 531 1.83 6.95 -32.42
CA GLU A 531 1.19 8.24 -32.59
C GLU A 531 0.36 8.61 -31.37
N ALA A 532 -0.33 7.62 -30.79
CA ALA A 532 -1.02 7.85 -29.53
C ALA A 532 -0.03 8.18 -28.41
N LEU A 533 1.08 7.46 -28.35
CA LEU A 533 2.08 7.66 -27.31
C LEU A 533 3.02 8.82 -27.61
N CYS A 534 2.80 9.51 -28.72
CA CYS A 534 3.40 10.82 -28.95
C CYS A 534 2.39 11.95 -28.81
N ARG A 535 1.10 11.64 -28.89
CA ARG A 535 0.04 12.64 -28.77
C ARG A 535 -0.38 12.82 -27.31
N ILE A 536 -0.81 11.74 -26.66
CA ILE A 536 -1.24 11.85 -25.26
C ILE A 536 -0.03 12.11 -24.36
N ALA A 537 1.11 11.49 -24.66
CA ALA A 537 2.33 11.80 -23.93
C ALA A 537 2.86 13.20 -24.22
N GLN A 538 2.46 13.78 -25.36
CA GLN A 538 2.73 15.18 -25.74
C GLN A 538 4.22 15.49 -25.84
N HIS A 539 5.06 14.48 -26.06
CA HIS A 539 6.48 14.73 -26.23
C HIS A 539 6.74 15.26 -27.64
N ASP A 540 7.68 16.21 -27.72
CA ASP A 540 7.95 16.90 -28.98
C ASP A 540 8.81 16.03 -29.89
N GLY A 541 9.11 16.55 -31.08
CA GLY A 541 9.75 15.79 -32.12
C GLY A 541 8.73 14.98 -32.88
N PRO A 542 8.84 14.97 -34.21
CA PRO A 542 7.85 14.23 -35.03
C PRO A 542 7.99 12.72 -34.92
N LEU A 543 7.71 12.19 -33.72
CA LEU A 543 7.73 10.77 -33.37
C LEU A 543 9.10 10.13 -33.43
N HIS A 544 10.17 10.89 -33.65
CA HIS A 544 11.50 10.32 -33.74
C HIS A 544 12.15 10.20 -32.35
N LYS A 545 12.33 11.33 -31.68
CA LYS A 545 12.81 11.35 -30.31
C LYS A 545 11.66 11.36 -29.30
N CYS A 546 10.50 10.83 -29.69
CA CYS A 546 9.31 10.86 -28.85
C CYS A 546 9.28 9.68 -27.88
N ASP A 547 10.29 9.65 -27.01
CA ASP A 547 10.37 8.65 -25.96
C ASP A 547 9.22 8.84 -24.98
N ILE A 548 8.64 7.72 -24.53
CA ILE A 548 7.44 7.74 -23.71
C ILE A 548 7.75 7.52 -22.23
N SER A 549 9.02 7.61 -21.84
CA SER A 549 9.37 7.44 -20.44
C SER A 549 8.89 8.63 -19.61
N ASN A 550 8.58 8.34 -18.34
CA ASN A 550 7.99 9.30 -17.40
C ASN A 550 6.70 9.92 -17.95
N SER A 551 5.89 9.10 -18.62
CA SER A 551 4.61 9.55 -19.18
C SER A 551 3.51 8.70 -18.55
N THR A 552 3.02 9.14 -17.39
CA THR A 552 2.05 8.35 -16.64
C THR A 552 0.68 8.33 -17.31
N ASP A 553 0.25 9.46 -17.88
CA ASP A 553 -1.09 9.53 -18.45
C ASP A 553 -1.23 8.71 -19.72
N ALA A 554 -0.26 8.84 -20.64
CA ALA A 554 -0.30 8.03 -21.85
C ALA A 554 -0.05 6.56 -21.55
N GLY A 555 0.82 6.28 -20.57
CA GLY A 555 1.04 4.90 -20.17
C GLY A 555 -0.19 4.25 -19.58
N LYS A 556 -0.95 4.98 -18.77
CA LYS A 556 -2.16 4.40 -18.21
C LYS A 556 -3.27 4.30 -19.25
N LYS A 557 -3.33 5.25 -20.20
CA LYS A 557 -4.27 5.12 -21.32
C LYS A 557 -3.97 3.87 -22.15
N LEU A 558 -2.68 3.66 -22.44
CA LEU A 558 -2.25 2.38 -23.02
C LEU A 558 -2.62 1.21 -22.13
N HIS A 559 -2.61 1.40 -20.81
CA HIS A 559 -2.95 0.30 -19.92
C HIS A 559 -4.42 -0.09 -20.02
N GLN A 560 -5.35 0.87 -20.17
CA GLN A 560 -6.71 0.41 -20.45
C GLN A 560 -6.80 -0.21 -21.84
N MET A 561 -6.01 0.30 -22.79
CA MET A 561 -6.02 -0.28 -24.14
C MET A 561 -5.52 -1.72 -24.13
N LEU A 562 -4.60 -2.04 -23.21
CA LEU A 562 -4.20 -3.43 -23.00
C LEU A 562 -5.27 -4.20 -22.24
N SER A 563 -5.85 -3.58 -21.22
CA SER A 563 -6.69 -4.30 -20.26
C SER A 563 -8.02 -4.71 -20.86
N VAL A 564 -8.52 -3.97 -21.85
CA VAL A 564 -9.72 -4.44 -22.54
C VAL A 564 -9.42 -5.73 -23.29
N GLY A 565 -8.21 -5.86 -23.83
CA GLY A 565 -7.73 -7.11 -24.40
C GLY A 565 -8.58 -7.63 -25.54
N LYS A 566 -8.77 -8.94 -25.54
CA LYS A 566 -9.65 -9.57 -26.51
C LYS A 566 -11.13 -9.42 -26.14
N SER A 567 -11.43 -9.04 -24.90
CA SER A 567 -12.81 -9.03 -24.40
C SER A 567 -13.70 -8.09 -25.17
N GLN A 568 -13.15 -6.95 -25.61
CA GLN A 568 -13.88 -6.05 -26.49
C GLN A 568 -13.13 -6.06 -27.82
N PRO A 569 -13.84 -6.07 -28.95
CA PRO A 569 -13.18 -6.22 -30.25
C PRO A 569 -12.16 -5.12 -30.51
N TRP A 570 -11.05 -5.51 -31.16
CA TRP A 570 -9.88 -4.65 -31.29
C TRP A 570 -10.14 -3.42 -32.12
N THR A 571 -11.16 -3.43 -32.99
CA THR A 571 -11.53 -2.21 -33.70
C THR A 571 -12.03 -1.16 -32.73
N VAL A 572 -12.83 -1.56 -31.74
CA VAL A 572 -13.25 -0.64 -30.69
C VAL A 572 -12.05 -0.20 -29.85
N THR A 573 -11.10 -1.10 -29.65
CA THR A 573 -9.87 -0.75 -28.93
C THR A 573 -9.08 0.32 -29.67
N LEU A 574 -8.98 0.18 -31.00
CA LEU A 574 -8.31 1.19 -31.81
C LEU A 574 -9.08 2.50 -31.80
N LYS A 575 -10.41 2.43 -31.84
CA LYS A 575 -11.23 3.63 -31.72
C LYS A 575 -11.04 4.30 -30.35
N ASP A 576 -10.72 3.52 -29.33
CA ASP A 576 -10.47 4.10 -28.02
C ASP A 576 -9.08 4.72 -27.93
N ILE A 577 -8.06 4.09 -28.52
CA ILE A 577 -6.70 4.56 -28.28
C ILE A 577 -6.34 5.72 -29.20
N VAL A 578 -6.70 5.66 -30.48
CA VAL A 578 -6.27 6.67 -31.45
C VAL A 578 -7.45 7.39 -32.09
N ASP A 579 -8.65 7.21 -31.55
CA ASP A 579 -9.88 7.84 -32.04
C ASP A 579 -10.15 7.52 -33.51
N SER A 580 -9.82 6.28 -33.90
CA SER A 580 -10.05 5.82 -35.26
C SER A 580 -10.34 4.33 -35.18
N ARG A 581 -11.52 3.92 -35.67
CA ARG A 581 -11.91 2.52 -35.60
C ARG A 581 -11.20 1.65 -36.62
N ASN A 582 -10.44 2.23 -37.53
CA ASN A 582 -9.74 1.47 -38.57
C ASN A 582 -8.26 1.83 -38.57
N MET A 583 -7.47 0.93 -39.13
CA MET A 583 -6.04 1.16 -39.28
C MET A 583 -5.76 2.07 -40.46
N ASP A 584 -4.56 2.65 -40.48
CA ASP A 584 -4.20 3.58 -41.53
C ASP A 584 -2.68 3.64 -41.66
N VAL A 585 -2.25 4.19 -42.79
CA VAL A 585 -0.82 4.33 -43.08
C VAL A 585 -0.24 5.62 -42.50
N GLY A 586 -1.06 6.68 -42.38
CA GLY A 586 -0.57 7.99 -42.01
C GLY A 586 0.36 8.11 -40.82
N PRO A 587 0.23 7.26 -39.79
CA PRO A 587 1.31 7.17 -38.79
C PRO A 587 2.67 6.79 -39.36
N LEU A 588 2.74 5.99 -40.44
CA LEU A 588 4.02 5.78 -41.10
C LEU A 588 4.56 7.07 -41.68
N LEU A 589 3.67 7.91 -42.23
CA LEU A 589 4.10 9.21 -42.74
C LEU A 589 4.62 10.10 -41.63
N ARG A 590 3.86 10.24 -40.53
CA ARG A 590 4.34 11.06 -39.43
C ARG A 590 5.51 10.43 -38.67
N TYR A 591 5.85 9.17 -38.92
CA TYR A 591 7.06 8.62 -38.34
C TYR A 591 8.26 8.70 -39.28
N PHE A 592 8.05 8.71 -40.59
CA PHE A 592 9.15 8.57 -41.54
C PHE A 592 9.24 9.72 -42.54
N GLU A 593 8.49 10.80 -42.36
CA GLU A 593 8.50 11.87 -43.35
C GLU A 593 9.81 12.65 -43.50
N PRO A 594 10.65 12.87 -42.48
CA PRO A 594 11.97 13.45 -42.81
C PRO A 594 12.88 12.45 -43.47
N LEU A 595 12.78 11.17 -43.10
CA LEU A 595 13.50 10.14 -43.84
C LEU A 595 13.01 10.06 -45.28
N TYR A 596 11.69 10.12 -45.48
CA TYR A 596 11.13 10.07 -46.83
C TYR A 596 11.60 11.24 -47.68
N THR A 597 11.45 12.46 -47.14
CA THR A 597 11.92 13.66 -47.83
C THR A 597 13.42 13.64 -48.03
N TRP A 598 14.16 13.03 -47.12
CA TRP A 598 15.58 12.82 -47.33
C TRP A 598 15.84 11.88 -48.49
N LEU A 599 15.03 10.82 -48.62
CA LEU A 599 15.25 9.86 -49.69
C LEU A 599 14.98 10.47 -51.06
N GLN A 600 13.93 11.30 -51.21
CA GLN A 600 13.77 11.97 -52.51
C GLN A 600 14.94 12.89 -52.83
N GLU A 601 15.58 13.46 -51.80
CA GLU A 601 16.84 14.17 -51.98
C GLU A 601 18.06 13.27 -51.82
N GLN A 602 17.87 11.95 -51.86
CA GLN A 602 18.99 11.02 -51.81
C GLN A 602 19.05 10.10 -53.01
N ASN A 603 17.91 9.62 -53.50
CA ASN A 603 17.89 8.78 -54.70
C ASN A 603 17.56 9.59 -55.95
N ARG A 604 17.87 10.89 -55.95
CA ARG A 604 17.63 11.71 -57.13
C ARG A 604 18.53 11.28 -58.28
N LYS A 605 19.72 10.74 -57.98
CA LYS A 605 20.59 10.22 -59.03
C LYS A 605 19.99 8.96 -59.65
N SER A 606 19.49 8.05 -58.83
CA SER A 606 18.92 6.80 -59.31
C SER A 606 17.43 7.00 -59.58
N TYR A 607 16.71 5.89 -59.79
CA TYR A 607 15.28 5.93 -60.03
C TYR A 607 14.57 5.10 -58.95
N VAL A 608 13.50 5.66 -58.41
CA VAL A 608 12.72 4.99 -57.38
C VAL A 608 11.92 3.85 -58.01
N GLY A 609 11.92 2.70 -57.35
CA GLY A 609 11.23 1.54 -57.88
C GLY A 609 12.18 0.41 -58.23
N TRP A 610 11.69 -0.56 -59.01
CA TRP A 610 12.51 -1.70 -59.39
C TRP A 610 12.04 -2.21 -60.75
N ASN A 611 12.88 -3.03 -61.37
CA ASN A 611 12.57 -3.68 -62.64
C ASN A 611 12.74 -5.18 -62.49
N THR A 612 11.72 -5.93 -62.93
CA THR A 612 11.75 -7.38 -62.87
C THR A 612 12.57 -8.00 -63.98
N ASP A 613 12.96 -7.22 -64.99
CA ASP A 613 13.65 -7.77 -66.15
C ASP A 613 15.06 -8.25 -65.80
N TRP A 614 15.79 -7.47 -65.01
CA TRP A 614 17.17 -7.81 -64.69
C TRP A 614 17.19 -8.89 -63.62
N SER A 615 17.85 -10.00 -63.92
CA SER A 615 18.06 -11.09 -62.99
C SER A 615 19.48 -11.57 -63.08
N PRO A 616 20.08 -12.01 -61.97
CA PRO A 616 21.45 -12.55 -62.04
C PRO A 616 21.56 -13.80 -62.91
N TYR A 617 20.51 -14.62 -62.97
CA TYR A 617 20.52 -15.72 -63.93
C TYR A 617 20.25 -15.22 -65.34
N SER A 618 19.42 -14.18 -65.50
CA SER A 618 19.21 -13.60 -66.82
C SER A 618 20.40 -12.76 -67.25
N ASP A 619 21.17 -12.24 -66.31
CA ASP A 619 22.35 -11.44 -66.63
C ASP A 619 23.58 -11.98 -65.90
N GLN B 15 17.35 13.58 67.79
CA GLN B 15 18.51 14.38 68.18
C GLN B 15 18.21 15.87 68.03
N CYS B 16 17.12 16.19 67.35
CA CYS B 16 16.66 17.57 67.20
C CYS B 16 15.45 17.80 68.09
N VAL B 17 15.51 18.84 68.91
CA VAL B 17 14.44 19.17 69.84
C VAL B 17 13.69 20.38 69.30
N ASN B 18 12.38 20.43 69.60
CA ASN B 18 11.53 21.54 69.17
C ASN B 18 11.72 22.70 70.15
N LEU B 19 12.83 23.41 69.97
CA LEU B 19 13.20 24.52 70.85
C LEU B 19 12.43 25.77 70.42
N THR B 20 12.85 26.92 70.95
CA THR B 20 12.17 28.19 70.67
C THR B 20 12.30 28.57 69.20
N GLY B 21 11.20 29.06 68.63
CA GLY B 21 11.15 29.42 67.24
C GLY B 21 10.05 28.72 66.48
N ARG B 22 9.71 27.50 66.93
CA ARG B 22 8.72 26.69 66.24
C ARG B 22 7.32 27.30 66.34
N ALA B 23 6.47 26.93 65.38
CA ALA B 23 5.10 27.41 65.32
C ALA B 23 4.17 26.23 65.17
N THR B 24 2.86 26.50 65.30
CA THR B 24 1.84 25.49 65.13
C THR B 24 1.57 25.28 63.64
N ILE B 25 0.48 24.58 63.32
CA ILE B 25 0.16 24.26 61.93
C ILE B 25 -0.14 25.53 61.14
N GLN B 26 -0.99 26.43 61.69
CA GLN B 26 -1.40 27.77 61.27
C GLN B 26 -1.36 28.01 59.76
N PRO B 27 -2.07 27.22 58.96
CA PRO B 27 -1.93 27.32 57.50
C PRO B 27 -2.63 28.55 56.94
N SER B 28 -2.15 28.99 55.78
CA SER B 28 -2.76 30.09 55.04
C SER B 28 -3.36 29.49 53.78
N PHE B 29 -4.63 29.07 53.86
CA PHE B 29 -5.30 28.47 52.71
C PHE B 29 -5.67 29.59 51.74
N THR B 30 -4.72 29.95 50.88
CA THR B 30 -4.92 31.03 49.92
C THR B 30 -5.15 30.44 48.53
N ASN B 31 -5.28 31.33 47.56
CA ASN B 31 -5.64 30.94 46.19
C ASN B 31 -4.41 30.43 45.45
N SER B 32 -4.58 29.33 44.71
CA SER B 32 -3.51 28.80 43.88
C SER B 32 -3.35 29.55 42.57
N SER B 33 -4.32 30.39 42.21
CA SER B 33 -4.33 31.23 41.01
C SER B 33 -4.17 30.42 39.73
N HIS B 34 -3.80 31.09 38.65
CA HIS B 34 -3.56 30.45 37.36
C HIS B 34 -2.09 30.06 37.20
N ARG B 35 -1.59 29.29 38.16
CA ARG B 35 -0.17 29.03 38.29
C ARG B 35 0.09 27.53 38.29
N GLY B 36 1.26 27.14 37.78
CA GLY B 36 1.73 25.77 37.89
C GLY B 36 1.14 24.74 36.94
N VAL B 37 1.41 24.89 35.65
CA VAL B 37 1.03 23.89 34.65
C VAL B 37 2.30 23.42 33.95
N TYR B 38 2.59 22.13 34.07
CA TYR B 38 3.73 21.53 33.40
C TYR B 38 3.31 20.95 32.05
N TYR B 39 4.31 20.63 31.23
CA TYR B 39 4.06 20.14 29.88
C TYR B 39 4.43 18.66 29.80
N PRO B 40 3.46 17.74 29.79
CA PRO B 40 3.75 16.37 29.39
C PRO B 40 4.06 16.31 27.89
N ASP B 41 4.81 15.27 27.50
CA ASP B 41 5.27 15.07 26.12
C ASP B 41 6.10 16.27 25.64
N THR B 42 7.29 16.37 26.25
CA THR B 42 8.21 17.49 26.02
C THR B 42 8.50 17.72 24.54
N ILE B 43 8.69 16.65 23.76
CA ILE B 43 8.90 16.78 22.34
C ILE B 43 7.63 17.30 21.68
N PHE B 44 7.80 18.08 20.60
CA PHE B 44 6.69 18.82 20.01
C PHE B 44 5.70 17.88 19.34
N ARG B 45 4.42 18.21 19.50
CA ARG B 45 3.31 17.44 18.97
C ARG B 45 2.61 18.21 17.85
N SER B 46 1.46 17.71 17.42
CA SER B 46 0.70 18.29 16.31
C SER B 46 -0.23 19.40 16.75
N ASN B 47 0.12 20.11 17.84
CA ASN B 47 -0.58 21.30 18.38
C ASN B 47 -2.08 21.08 18.56
N SER B 48 -2.45 19.87 18.96
CA SER B 48 -3.85 19.56 19.23
C SER B 48 -4.26 20.17 20.56
N LEU B 49 -5.39 20.86 20.58
CA LEU B 49 -5.93 21.46 21.80
C LEU B 49 -6.94 20.48 22.41
N VAL B 50 -6.42 19.31 22.77
CA VAL B 50 -7.23 18.24 23.33
C VAL B 50 -7.08 18.23 24.84
N LEU B 51 -7.96 17.49 25.50
CA LEU B 51 -7.92 17.37 26.95
C LEU B 51 -6.71 16.55 27.38
N SER B 52 -6.06 16.98 28.46
CA SER B 52 -4.90 16.29 29.02
C SER B 52 -5.29 15.82 30.42
N GLN B 53 -5.51 14.52 30.57
CA GLN B 53 -6.04 13.92 31.78
C GLN B 53 -4.91 13.23 32.55
N GLY B 54 -4.91 13.40 33.87
CA GLY B 54 -3.92 12.74 34.70
C GLY B 54 -3.73 13.49 36.01
N TYR B 55 -2.63 13.21 36.69
CA TYR B 55 -2.27 13.96 37.89
C TYR B 55 -1.91 15.39 37.47
N PHE B 56 -2.69 16.36 37.95
CA PHE B 56 -2.56 17.74 37.50
C PHE B 56 -3.00 18.66 38.64
N LEU B 57 -2.54 19.91 38.58
CA LEU B 57 -2.73 20.81 39.72
C LEU B 57 -4.05 21.56 39.60
N PRO B 58 -4.90 21.53 40.63
CA PRO B 58 -6.10 22.37 40.63
C PRO B 58 -5.75 23.85 40.56
N PHE B 59 -6.53 24.59 39.77
CA PHE B 59 -6.41 26.04 39.74
C PHE B 59 -7.14 26.67 40.90
N TYR B 60 -6.52 27.69 41.50
CA TYR B 60 -7.09 28.53 42.55
C TYR B 60 -7.54 27.74 43.77
N SER B 61 -6.96 26.57 43.99
CA SER B 61 -7.29 25.73 45.13
C SER B 61 -6.70 26.32 46.41
N ASN B 62 -7.10 25.76 47.54
CA ASN B 62 -6.64 26.21 48.85
C ASN B 62 -5.19 25.76 49.05
N ILE B 63 -4.27 26.47 48.40
CA ILE B 63 -2.85 26.20 48.58
C ILE B 63 -2.43 26.70 49.96
N SER B 64 -1.71 25.86 50.69
CA SER B 64 -1.28 26.21 52.04
C SER B 64 0.00 27.03 51.94
N TRP B 65 -0.16 28.35 52.06
CA TRP B 65 0.96 29.26 52.21
C TRP B 65 1.31 29.43 53.68
N TYR B 66 2.59 29.26 53.98
CA TYR B 66 3.15 29.55 55.29
C TYR B 66 4.23 30.60 55.09
N TYR B 67 4.23 31.63 55.94
CA TYR B 67 5.16 32.75 55.78
C TYR B 67 6.22 32.67 56.87
N ALA B 68 7.45 32.33 56.46
CA ALA B 68 8.59 32.24 57.38
C ALA B 68 9.36 33.56 57.32
N LEU B 69 8.75 34.59 57.89
CA LEU B 69 9.29 35.95 57.87
C LEU B 69 10.00 36.26 59.18
N THR B 70 10.82 37.31 59.14
CA THR B 70 11.67 37.70 60.26
C THR B 70 11.66 39.22 60.46
N LYS B 71 10.49 39.83 60.32
CA LYS B 71 10.35 41.27 60.57
C LYS B 71 10.64 41.60 62.04
N THR B 72 9.98 40.91 62.95
CA THR B 72 10.30 40.98 64.37
C THR B 72 11.19 39.78 64.73
N ASN B 73 11.39 39.57 66.03
CA ASN B 73 12.12 38.38 66.47
C ASN B 73 11.33 37.11 66.14
N GLY B 74 10.06 37.06 66.52
CA GLY B 74 9.21 35.95 66.14
C GLY B 74 8.65 36.10 64.75
N ALA B 75 7.85 37.15 64.54
CA ALA B 75 7.25 37.51 63.24
C ALA B 75 6.41 36.38 62.66
N GLU B 76 5.82 35.55 63.52
CA GLU B 76 5.09 34.33 63.15
C GLU B 76 5.94 33.45 62.22
N LYS B 77 7.07 33.01 62.75
CA LYS B 77 8.05 32.28 61.96
C LYS B 77 7.52 30.90 61.61
N ARG B 78 7.39 30.63 60.31
CA ARG B 78 6.94 29.32 59.84
C ARG B 78 8.13 28.41 59.56
N VAL B 79 8.93 28.25 60.63
CA VAL B 79 10.06 27.31 60.61
C VAL B 79 9.62 25.91 61.03
N ASP B 80 8.31 25.69 61.18
CA ASP B 80 7.77 24.40 61.59
C ASP B 80 7.97 23.35 60.50
N ASN B 81 7.71 22.10 60.87
CA ASN B 81 7.88 20.95 59.98
C ASN B 81 6.55 20.21 59.94
N PRO B 82 5.56 20.74 59.22
CA PRO B 82 4.22 20.19 59.29
C PRO B 82 4.06 18.93 58.44
N ILE B 83 3.10 18.10 58.87
CA ILE B 83 2.74 16.92 58.11
C ILE B 83 2.01 17.34 56.83
N LEU B 84 2.45 16.79 55.70
CA LEU B 84 1.96 17.19 54.40
C LEU B 84 1.85 15.96 53.51
N ASP B 85 0.67 15.71 52.97
CA ASP B 85 0.43 14.50 52.19
C ASP B 85 0.73 14.70 50.71
N PHE B 86 1.31 13.68 50.09
CA PHE B 86 1.71 13.74 48.70
C PHE B 86 0.58 13.30 47.77
N LYS B 87 -0.01 12.14 48.07
CA LYS B 87 -0.93 11.39 47.21
C LYS B 87 -0.47 11.38 45.76
N ASP B 88 -1.15 12.02 44.81
CA ASP B 88 -0.73 11.92 43.41
C ASP B 88 -0.04 13.19 42.91
N GLY B 89 0.72 13.88 43.75
CA GLY B 89 1.60 14.93 43.27
C GLY B 89 1.54 16.19 44.12
N ILE B 90 2.57 17.03 43.94
CA ILE B 90 2.75 18.27 44.68
C ILE B 90 3.04 19.40 43.69
N TYR B 91 2.42 20.55 43.92
CA TYR B 91 2.90 21.82 43.39
C TYR B 91 3.65 22.53 44.49
N PHE B 92 4.93 22.79 44.27
CA PHE B 92 5.79 23.38 45.26
C PHE B 92 6.37 24.67 44.69
N ALA B 93 6.09 25.78 45.36
CA ALA B 93 6.60 27.07 44.96
C ALA B 93 7.34 27.73 46.12
N ALA B 94 8.00 26.92 46.95
CA ALA B 94 8.87 27.41 48.01
C ALA B 94 10.19 27.85 47.37
N THR B 95 10.10 28.95 46.63
CA THR B 95 11.20 29.39 45.79
C THR B 95 11.44 30.88 45.98
N GLU B 96 12.72 31.23 46.12
CA GLU B 96 13.16 32.59 46.34
C GLU B 96 14.60 32.71 45.89
N LYS B 97 14.95 33.84 45.30
CA LYS B 97 16.27 34.04 44.73
C LYS B 97 17.36 34.20 45.79
N SER B 98 16.99 34.34 47.06
CA SER B 98 17.95 34.54 48.13
C SER B 98 18.47 33.24 48.71
N ASN B 99 18.25 32.11 48.03
CA ASN B 99 18.83 30.81 48.37
C ASN B 99 18.46 30.36 49.78
N ILE B 100 17.22 30.60 50.16
CA ILE B 100 16.72 30.31 51.50
C ILE B 100 15.98 28.98 51.44
N VAL B 101 16.02 28.23 52.55
CA VAL B 101 15.37 26.92 52.79
C VAL B 101 15.59 25.92 51.66
N ARG B 102 16.70 26.06 50.94
CA ARG B 102 16.99 25.18 49.82
C ARG B 102 17.29 23.76 50.29
N GLY B 103 16.83 22.78 49.52
CA GLY B 103 16.93 21.39 49.91
C GLY B 103 15.67 20.93 50.63
N TRP B 104 15.18 19.75 50.28
CA TRP B 104 13.98 19.21 50.90
C TRP B 104 14.09 17.69 50.96
N ILE B 105 13.39 17.10 51.93
CA ILE B 105 13.38 15.67 52.14
C ILE B 105 11.98 15.14 51.89
N PHE B 106 11.87 14.14 51.02
CA PHE B 106 10.58 13.64 50.52
C PHE B 106 10.46 12.14 50.74
N GLY B 107 10.73 11.70 51.97
CA GLY B 107 10.50 10.29 52.30
C GLY B 107 9.03 9.94 52.21
N THR B 108 8.77 8.67 51.88
CA THR B 108 7.39 8.22 51.73
C THR B 108 6.63 8.28 53.05
N THR B 109 7.28 7.87 54.13
CA THR B 109 6.74 8.03 55.47
C THR B 109 7.64 8.84 56.39
N LEU B 110 8.81 9.29 55.89
CA LEU B 110 9.85 9.97 56.66
C LEU B 110 10.34 9.10 57.82
N ASP B 111 10.79 7.90 57.50
CA ASP B 111 11.42 7.01 58.46
C ASP B 111 12.67 6.39 57.85
N ASN B 112 13.34 5.54 58.63
CA ASN B 112 14.45 4.76 58.10
C ASN B 112 13.99 3.75 57.06
N THR B 113 12.79 3.19 57.25
CA THR B 113 12.22 2.29 56.24
C THR B 113 11.91 3.06 54.96
N SER B 114 11.39 4.28 55.09
CA SER B 114 11.03 5.08 53.92
C SER B 114 12.27 5.53 53.16
N GLN B 115 12.09 5.72 51.85
CA GLN B 115 13.15 6.19 50.97
C GLN B 115 12.94 7.67 50.71
N SER B 116 13.97 8.48 51.01
CA SER B 116 13.87 9.92 50.91
C SER B 116 14.44 10.41 49.60
N LEU B 117 13.60 11.05 48.79
CA LEU B 117 13.99 11.60 47.49
C LEU B 117 14.26 13.09 47.68
N LEU B 118 15.54 13.43 47.87
CA LEU B 118 15.90 14.82 48.08
C LEU B 118 15.73 15.63 46.81
N ILE B 119 15.50 16.93 46.97
CA ILE B 119 15.37 17.85 45.85
C ILE B 119 16.30 19.03 46.09
N VAL B 120 17.16 19.31 45.12
CA VAL B 120 18.14 20.38 45.21
C VAL B 120 17.64 21.54 44.36
N ASN B 121 17.48 22.71 44.98
CA ASN B 121 17.07 23.91 44.28
C ASN B 121 18.16 24.98 44.27
N ASN B 122 19.39 24.59 44.56
CA ASN B 122 20.53 25.51 44.49
C ASN B 122 21.48 25.04 43.38
N ALA B 123 22.33 25.96 42.94
CA ALA B 123 23.22 25.71 41.81
C ALA B 123 24.58 25.16 42.22
N THR B 124 24.87 25.02 43.51
CA THR B 124 26.21 24.62 43.92
C THR B 124 26.47 23.14 43.72
N ASN B 125 25.44 22.28 43.79
CA ASN B 125 25.61 20.86 43.53
C ASN B 125 24.26 20.26 43.11
N VAL B 126 24.08 20.08 41.81
CA VAL B 126 22.81 19.54 41.27
C VAL B 126 22.97 18.03 41.21
N ILE B 127 22.68 17.39 42.34
CA ILE B 127 22.72 15.93 42.47
C ILE B 127 21.46 15.50 43.21
N ILE B 128 20.74 14.53 42.65
CA ILE B 128 19.51 14.02 43.25
C ILE B 128 19.71 12.54 43.55
N LYS B 129 19.84 12.20 44.84
CA LYS B 129 20.05 10.83 45.26
C LYS B 129 18.99 10.44 46.29
N VAL B 130 18.58 9.18 46.26
CA VAL B 130 17.58 8.71 47.21
C VAL B 130 18.30 8.21 48.47
N CYS B 131 19.09 7.16 48.32
CA CYS B 131 19.85 6.50 49.41
C CYS B 131 18.87 6.10 50.51
N ASN B 132 19.20 6.35 51.78
CA ASN B 132 18.33 6.03 52.90
C ASN B 132 17.82 7.28 53.60
N PHE B 133 18.73 8.12 54.08
CA PHE B 133 18.45 9.41 54.72
C PHE B 133 17.50 9.25 55.92
N GLN B 134 18.00 8.50 56.90
CA GLN B 134 17.31 8.35 58.19
C GLN B 134 17.75 9.49 59.11
N PHE B 135 16.79 10.25 59.61
CA PHE B 135 17.11 11.41 60.43
C PHE B 135 15.93 11.71 61.36
N CYS B 136 16.15 12.66 62.25
CA CYS B 136 15.17 13.07 63.25
C CYS B 136 14.12 14.01 62.67
N TYR B 137 13.37 14.67 63.56
CA TYR B 137 12.23 15.48 63.14
C TYR B 137 12.65 16.68 62.29
N ASP B 138 13.76 17.32 62.62
CA ASP B 138 14.15 18.57 61.99
C ASP B 138 15.62 18.60 61.61
N PRO B 139 15.97 18.59 60.33
CA PRO B 139 17.32 18.96 59.89
C PRO B 139 17.41 20.48 59.75
N TYR B 140 18.61 20.96 59.43
CA TYR B 140 18.82 22.39 59.37
C TYR B 140 19.98 22.71 58.44
N LEU B 141 20.03 23.97 58.02
CA LEU B 141 21.11 24.50 57.20
C LEU B 141 21.30 25.97 57.57
N SER B 142 22.47 26.52 57.23
CA SER B 142 22.78 27.89 57.59
C SER B 142 23.83 28.47 56.65
N GLY B 143 23.95 29.80 56.68
CA GLY B 143 25.00 30.48 55.96
C GLY B 143 25.48 31.74 56.66
N TYR B 144 26.79 31.83 56.93
CA TYR B 144 27.33 32.96 57.69
C TYR B 144 27.91 34.06 56.79
N PHE B 145 28.98 33.78 56.06
CA PHE B 145 29.75 34.76 55.32
C PHE B 145 30.59 34.06 54.26
N HIS B 146 30.69 34.68 53.09
CA HIS B 146 31.59 34.24 52.03
C HIS B 146 31.75 35.39 51.05
N ASN B 147 32.92 35.46 50.41
CA ASN B 147 33.29 36.63 49.62
C ASN B 147 32.77 36.60 48.19
N ASN B 148 32.04 35.55 47.79
CA ASN B 148 31.53 35.43 46.42
C ASN B 148 30.01 35.47 46.39
N LYS B 149 29.41 36.24 47.30
CA LYS B 149 27.95 36.42 47.41
C LYS B 149 27.23 35.10 47.59
N THR B 150 27.86 34.17 48.30
CA THR B 150 27.28 32.88 48.62
C THR B 150 27.09 32.68 50.13
N TRP B 151 27.72 33.52 50.95
CA TRP B 151 27.60 33.55 52.43
C TRP B 151 27.76 32.18 53.09
N SER B 152 28.49 31.28 52.43
CA SER B 152 28.76 29.91 52.92
C SER B 152 27.45 29.16 53.20
N THR B 153 26.67 28.96 52.14
CA THR B 153 25.37 28.32 52.25
C THR B 153 25.49 26.87 52.73
N ARG B 154 26.58 26.20 52.37
CA ARG B 154 26.89 24.91 52.97
C ARG B 154 27.40 25.13 54.38
N GLU B 155 26.84 24.38 55.33
CA GLU B 155 27.12 24.58 56.75
C GLU B 155 27.55 23.26 57.38
N PHE B 156 28.41 23.37 58.40
CA PHE B 156 28.83 22.22 59.19
C PHE B 156 27.64 21.72 60.01
N ALA B 157 27.09 20.58 59.62
CA ALA B 157 25.94 20.00 60.29
C ALA B 157 25.94 18.49 60.00
N VAL B 158 24.85 17.83 60.36
CA VAL B 158 24.71 16.40 60.09
C VAL B 158 24.04 16.23 58.73
N TYR B 159 22.85 16.82 58.58
CA TYR B 159 22.09 16.81 57.32
C TYR B 159 21.80 15.39 56.84
N SER B 160 21.52 14.50 57.80
CA SER B 160 21.26 13.06 57.61
C SER B 160 22.47 12.40 56.95
N SER B 161 22.26 11.32 56.22
CA SER B 161 23.35 10.55 55.64
C SER B 161 22.89 9.88 54.37
N TYR B 162 23.85 9.47 53.55
CA TYR B 162 23.58 8.78 52.30
C TYR B 162 24.44 7.53 52.21
N ALA B 163 23.81 6.40 51.88
CA ALA B 163 24.49 5.13 51.69
C ALA B 163 23.62 4.24 50.83
N ASN B 164 24.26 3.21 50.24
CA ASN B 164 23.71 2.14 49.41
C ASN B 164 22.52 2.57 48.54
N CYS B 165 22.73 3.62 47.75
CA CYS B 165 21.63 4.33 47.13
C CYS B 165 20.99 3.51 46.01
N THR B 166 19.68 3.28 46.14
CA THR B 166 18.94 2.57 45.11
C THR B 166 18.83 3.40 43.83
N PHE B 167 18.64 4.70 43.97
CA PHE B 167 18.54 5.61 42.83
C PHE B 167 19.55 6.74 43.01
N GLU B 168 20.19 7.13 41.91
CA GLU B 168 21.22 8.16 41.92
C GLU B 168 21.16 8.95 40.63
N TYR B 169 21.33 10.27 40.74
CA TYR B 169 21.42 11.16 39.59
C TYR B 169 22.52 12.17 39.88
N VAL B 170 23.63 12.05 39.17
CA VAL B 170 24.78 12.95 39.30
C VAL B 170 25.02 13.62 37.96
N SER B 171 25.27 14.92 38.00
CA SER B 171 25.51 15.71 36.80
C SER B 171 26.29 16.96 37.19
N LYS B 172 26.54 17.81 36.20
CA LYS B 172 27.20 19.08 36.45
C LYS B 172 26.29 19.99 37.28
N PRO B 173 26.83 20.68 38.28
CA PRO B 173 26.01 21.61 39.06
C PRO B 173 25.62 22.84 38.26
N PHE B 174 24.57 22.72 37.44
CA PHE B 174 24.18 23.80 36.55
C PHE B 174 23.46 24.91 37.32
N MET B 175 23.18 25.99 36.61
CA MET B 175 22.75 27.24 37.24
C MET B 175 21.26 27.22 37.55
N LEU B 176 20.91 27.53 38.79
CA LEU B 176 19.51 27.71 39.20
C LEU B 176 19.24 29.10 39.75
N ASP B 177 20.00 29.54 40.76
CA ASP B 177 19.78 30.82 41.41
C ASP B 177 21.02 31.20 42.22
N ILE B 178 21.13 32.49 42.54
CA ILE B 178 22.29 33.01 43.25
C ILE B 178 21.90 34.33 43.92
N SER B 179 22.71 34.76 44.89
CA SER B 179 22.68 36.08 45.54
C SER B 179 21.35 36.24 46.28
N GLY B 180 20.77 37.44 46.30
CA GLY B 180 19.51 37.65 46.97
C GLY B 180 18.53 38.39 46.08
N LYS B 181 17.25 38.24 46.41
CA LYS B 181 16.20 38.90 45.65
C LYS B 181 16.21 40.40 45.90
N SER B 182 16.03 41.18 44.82
CA SER B 182 16.01 42.63 44.94
C SER B 182 14.79 43.11 45.71
N GLY B 183 13.63 42.52 45.46
CA GLY B 183 12.41 42.84 46.18
C GLY B 183 11.86 41.63 46.91
N LEU B 184 10.76 41.87 47.62
CA LEU B 184 10.07 40.81 48.34
C LEU B 184 9.43 39.85 47.34
N PHE B 185 9.96 38.63 47.26
CA PHE B 185 9.51 37.60 46.33
C PHE B 185 9.63 38.08 44.88
N ASP B 186 10.86 38.35 44.47
CA ASP B 186 11.18 38.58 43.07
C ASP B 186 11.59 37.26 42.40
N THR B 187 10.62 36.36 42.33
CA THR B 187 10.88 34.97 41.99
C THR B 187 9.63 34.33 41.41
N LEU B 188 9.77 33.65 40.27
CA LEU B 188 8.69 32.89 39.64
C LEU B 188 9.13 31.47 39.35
N ARG B 189 10.04 30.93 40.15
CA ARG B 189 10.66 29.63 39.87
C ARG B 189 9.87 28.49 40.51
N GLU B 190 8.58 28.41 40.19
CA GLU B 190 7.73 27.38 40.76
C GLU B 190 7.96 26.05 40.06
N PHE B 191 7.57 24.96 40.72
CA PHE B 191 7.77 23.63 40.15
C PHE B 191 6.74 22.65 40.69
N VAL B 192 6.69 21.46 40.07
CA VAL B 192 5.71 20.43 40.36
C VAL B 192 6.42 19.07 40.36
N PHE B 193 6.18 18.25 41.39
CA PHE B 193 6.75 16.91 41.42
C PHE B 193 5.64 15.86 41.48
N ARG B 194 5.84 14.77 40.74
CA ARG B 194 5.14 13.52 41.01
C ARG B 194 5.96 12.41 40.36
N ASN B 195 6.18 11.33 41.10
CA ASN B 195 7.05 10.24 40.67
C ASN B 195 6.19 9.02 40.32
N VAL B 196 6.21 8.61 39.06
CA VAL B 196 5.40 7.50 38.59
C VAL B 196 6.08 6.86 37.39
N ASP B 197 5.96 5.52 37.29
CA ASP B 197 6.36 4.64 36.19
C ASP B 197 7.69 4.99 35.53
N GLY B 198 8.70 5.33 36.31
CA GLY B 198 9.98 5.73 35.75
C GLY B 198 10.03 7.13 35.20
N TYR B 199 9.01 7.95 35.47
CA TYR B 199 8.98 9.35 35.07
C TYR B 199 8.93 10.21 36.33
N PHE B 200 9.86 11.14 36.46
CA PHE B 200 9.85 12.11 37.54
C PHE B 200 9.84 13.51 36.97
N LYS B 201 8.96 14.35 37.49
CA LYS B 201 8.82 15.73 37.03
C LYS B 201 9.54 16.65 38.01
N ILE B 202 10.59 17.32 37.54
CA ILE B 202 11.23 18.40 38.26
C ILE B 202 11.03 19.64 37.39
N TYR B 203 9.89 19.68 36.71
CA TYR B 203 9.61 20.71 35.72
C TYR B 203 9.45 22.06 36.42
N SER B 204 10.26 23.05 36.03
CA SER B 204 10.33 24.32 36.73
C SER B 204 10.21 25.49 35.75
N LYS B 205 10.21 26.70 36.31
CA LYS B 205 10.06 27.95 35.56
C LYS B 205 11.03 29.01 36.07
N TYR B 206 12.33 28.67 36.14
CA TYR B 206 13.31 29.55 36.76
C TYR B 206 13.40 30.92 36.06
N SER B 207 12.88 31.95 36.73
CA SER B 207 12.75 33.32 36.23
C SER B 207 12.31 34.24 37.36
N PRO B 208 12.81 35.48 37.41
CA PRO B 208 12.38 36.40 38.48
C PRO B 208 11.17 37.24 38.12
N VAL B 209 10.13 37.20 38.97
CA VAL B 209 8.96 38.07 38.87
C VAL B 209 8.64 38.59 40.27
N ASN B 210 8.50 39.90 40.40
CA ASN B 210 8.35 40.54 41.70
C ASN B 210 6.91 40.95 41.96
N VAL B 211 6.42 40.64 43.15
CA VAL B 211 5.14 41.11 43.68
C VAL B 211 5.41 41.73 45.04
N ASN B 212 4.33 42.12 45.73
CA ASN B 212 4.53 42.64 47.08
C ASN B 212 4.63 41.52 48.11
N SER B 213 3.53 40.80 48.35
CA SER B 213 3.56 39.54 49.09
C SER B 213 2.27 38.78 48.73
N ASN B 214 2.39 37.84 47.79
CA ASN B 214 1.25 37.07 47.30
C ASN B 214 1.77 36.01 46.35
N LEU B 215 0.98 34.96 46.17
CA LEU B 215 1.20 34.07 45.04
C LEU B 215 0.73 34.78 43.79
N PRO B 216 1.61 35.07 42.83
CA PRO B 216 1.21 35.82 41.65
C PRO B 216 0.27 35.03 40.75
N SER B 217 -0.60 35.76 40.07
CA SER B 217 -1.54 35.18 39.12
C SER B 217 -1.00 35.18 37.70
N GLY B 218 0.32 35.09 37.56
CA GLY B 218 0.92 35.02 36.23
C GLY B 218 0.59 33.72 35.53
N PHE B 219 0.75 33.74 34.21
CA PHE B 219 0.31 32.64 33.38
C PHE B 219 1.16 31.40 33.61
N SER B 220 0.49 30.27 33.88
CA SER B 220 1.16 28.99 34.13
C SER B 220 1.72 28.46 32.83
N ALA B 221 3.02 28.64 32.61
CA ALA B 221 3.68 28.16 31.40
C ALA B 221 5.05 27.59 31.73
N LEU B 222 5.15 26.77 32.78
CA LEU B 222 6.44 26.24 33.17
C LEU B 222 6.84 25.09 32.26
N GLU B 223 8.04 25.16 31.72
CA GLU B 223 8.54 24.24 30.72
C GLU B 223 9.10 22.97 31.37
N PRO B 224 9.14 21.86 30.63
CA PRO B 224 9.77 20.65 31.16
C PRO B 224 11.25 20.83 31.39
N LEU B 225 11.76 20.15 32.41
CA LEU B 225 13.17 20.29 32.78
C LEU B 225 13.94 18.99 32.62
N VAL B 226 13.50 17.89 33.26
CA VAL B 226 14.20 16.61 33.17
C VAL B 226 13.23 15.53 33.61
N GLU B 227 13.45 14.31 33.14
CA GLU B 227 12.76 13.11 33.61
C GLU B 227 13.76 12.19 34.29
N LEU B 228 13.35 11.60 35.41
CA LEU B 228 14.25 10.66 36.09
C LEU B 228 13.61 9.28 36.19
N PRO B 229 14.40 8.21 36.04
CA PRO B 229 13.84 6.85 36.07
C PRO B 229 13.61 6.29 37.45
N ALA B 230 13.59 7.15 38.49
CA ALA B 230 13.44 6.67 39.86
C ALA B 230 12.12 5.94 40.06
N GLY B 231 11.00 6.65 39.92
CA GLY B 231 9.69 6.03 39.93
C GLY B 231 9.25 5.45 41.25
N ILE B 232 9.94 5.73 42.35
CA ILE B 232 9.54 5.20 43.65
C ILE B 232 8.30 5.92 44.12
N ASN B 233 7.34 5.15 44.63
CA ASN B 233 6.05 5.70 45.03
C ASN B 233 6.17 6.61 46.26
N ILE B 234 5.44 7.72 46.22
CA ILE B 234 5.44 8.71 47.30
C ILE B 234 3.99 8.96 47.70
N THR B 235 3.70 8.83 48.99
CA THR B 235 2.37 9.10 49.52
C THR B 235 2.35 10.22 50.56
N ARG B 236 3.50 10.67 51.03
CA ARG B 236 3.62 11.70 52.04
C ARG B 236 5.00 12.30 51.88
N PHE B 237 5.21 13.49 52.45
CA PHE B 237 6.50 14.16 52.36
C PHE B 237 6.65 15.13 53.53
N ARG B 238 7.69 15.95 53.47
CA ARG B 238 7.98 16.91 54.53
C ARG B 238 8.80 18.05 53.93
N THR B 239 8.85 19.16 54.66
CA THR B 239 9.64 20.32 54.23
C THR B 239 10.97 20.36 54.98
N LEU B 240 11.78 21.35 54.62
CA LEU B 240 13.10 21.52 55.22
C LEU B 240 13.44 23.00 55.21
N LEU B 241 14.05 23.46 56.31
CA LEU B 241 14.26 24.88 56.56
C LEU B 241 15.74 25.20 56.63
N THR B 242 16.08 26.47 56.43
CA THR B 242 17.44 26.97 56.57
C THR B 242 17.41 28.23 57.44
N ILE B 243 17.91 28.11 58.66
CA ILE B 243 17.98 29.23 59.60
C ILE B 243 19.44 29.70 59.66
N HIS B 244 19.66 30.98 59.42
CA HIS B 244 21.01 31.51 59.29
C HIS B 244 21.64 31.72 60.66
N ARG B 245 22.85 31.19 60.83
CA ARG B 245 23.62 31.30 62.07
C ARG B 245 24.44 32.58 62.13
N GLY B 246 25.06 32.97 61.02
CA GLY B 246 25.94 34.12 61.00
C GLY B 246 25.24 35.45 61.16
N ASP B 247 24.47 35.86 60.15
CA ASP B 247 23.84 37.17 60.20
C ASP B 247 22.57 37.24 59.36
N PRO B 248 21.44 36.68 59.81
CA PRO B 248 20.16 37.03 59.19
C PRO B 248 19.67 38.38 59.69
N MET B 249 19.87 38.62 60.98
CA MET B 249 19.62 39.87 61.68
C MET B 249 20.80 40.11 62.59
N PRO B 250 21.05 41.37 62.98
CA PRO B 250 22.20 41.66 63.87
C PRO B 250 22.12 41.06 65.27
N ASN B 251 21.08 40.30 65.61
CA ASN B 251 20.99 39.64 66.91
C ASN B 251 21.76 38.34 66.97
N ASN B 252 22.41 37.94 65.86
CA ASN B 252 23.19 36.72 65.65
C ASN B 252 22.55 35.45 66.22
N GLY B 253 21.22 35.34 66.11
CA GLY B 253 20.50 34.16 66.52
C GLY B 253 20.20 33.26 65.34
N TRP B 254 19.74 32.06 65.65
CA TRP B 254 19.29 31.14 64.61
C TRP B 254 17.96 31.63 64.07
N THR B 255 17.92 31.93 62.78
CA THR B 255 16.78 32.64 62.21
C THR B 255 16.73 32.49 60.70
N VAL B 256 15.60 32.03 60.17
CA VAL B 256 15.40 31.99 58.74
C VAL B 256 15.15 33.41 58.23
N PHE B 257 15.76 33.75 57.10
CA PHE B 257 15.56 35.04 56.49
C PHE B 257 14.14 35.14 55.91
N SER B 258 13.80 36.33 55.41
CA SER B 258 12.44 36.61 54.96
C SER B 258 12.05 35.72 53.79
N ALA B 259 11.04 34.88 54.01
CA ALA B 259 10.58 33.95 52.99
C ALA B 259 9.09 33.72 53.17
N ALA B 260 8.44 33.26 52.09
CA ALA B 260 7.01 33.02 52.08
C ALA B 260 6.76 31.85 51.13
N TYR B 261 6.51 30.67 51.67
CA TYR B 261 6.56 29.44 50.89
C TYR B 261 5.20 28.77 50.80
N TYR B 262 5.04 27.98 49.74
CA TYR B 262 3.76 27.49 49.26
C TYR B 262 3.77 25.97 49.17
N VAL B 263 2.64 25.35 49.52
CA VAL B 263 2.47 23.91 49.38
C VAL B 263 1.08 23.64 48.80
N GLY B 264 1.02 23.04 47.61
CA GLY B 264 -0.22 22.59 47.03
C GLY B 264 -0.07 21.16 46.54
N TYR B 265 -1.21 20.54 46.24
CA TYR B 265 -1.23 19.13 45.87
C TYR B 265 -1.89 18.94 44.51
N LEU B 266 -1.43 17.91 43.80
CA LEU B 266 -1.97 17.55 42.49
C LEU B 266 -3.04 16.47 42.64
N ALA B 267 -4.13 16.65 41.92
CA ALA B 267 -5.26 15.73 41.94
C ALA B 267 -5.48 15.16 40.55
N PRO B 268 -6.17 14.02 40.44
CA PRO B 268 -6.54 13.53 39.09
C PRO B 268 -7.55 14.45 38.43
N ARG B 269 -7.13 15.15 37.38
CA ARG B 269 -7.95 16.15 36.72
C ARG B 269 -7.39 16.39 35.33
N THR B 270 -7.87 17.44 34.67
CA THR B 270 -7.63 17.64 33.25
C THR B 270 -7.28 19.08 32.95
N PHE B 271 -6.29 19.28 32.10
CA PHE B 271 -6.00 20.60 31.53
C PHE B 271 -6.35 20.67 30.06
N MET B 272 -6.32 21.89 29.54
CA MET B 272 -6.40 22.18 28.11
C MET B 272 -5.07 22.79 27.69
N LEU B 273 -4.33 22.07 26.86
CA LEU B 273 -3.00 22.50 26.45
C LEU B 273 -2.94 22.61 24.92
N LYS B 274 -2.38 23.74 24.46
CA LYS B 274 -2.30 24.00 23.03
C LYS B 274 -1.25 23.13 22.35
N TYR B 275 -0.07 22.99 22.97
CA TYR B 275 1.12 22.38 22.37
C TYR B 275 1.49 23.04 21.05
N ASN B 276 1.33 24.37 20.99
CA ASN B 276 1.47 25.09 19.73
C ASN B 276 2.92 25.12 19.26
N GLU B 277 3.81 25.71 20.06
CA GLU B 277 5.23 25.81 19.72
C GLU B 277 6.01 25.03 20.77
N ASN B 278 6.31 23.76 20.45
CA ASN B 278 7.11 22.86 21.28
C ASN B 278 6.50 22.67 22.67
N GLY B 279 5.17 22.63 22.72
CA GLY B 279 4.46 22.40 23.96
C GLY B 279 3.99 23.62 24.71
N THR B 280 4.21 24.82 24.18
CA THR B 280 3.77 26.03 24.86
C THR B 280 2.25 26.16 24.77
N ILE B 281 1.70 27.04 25.61
CA ILE B 281 0.26 27.21 25.72
C ILE B 281 -0.06 28.70 25.76
N THR B 282 -1.31 29.01 25.39
CA THR B 282 -1.82 30.38 25.40
C THR B 282 -2.76 30.64 26.57
N ASP B 283 -3.67 29.71 26.85
CA ASP B 283 -4.61 29.84 27.96
C ASP B 283 -4.78 28.46 28.59
N ALA B 284 -3.97 28.18 29.61
CA ALA B 284 -4.13 26.94 30.37
C ALA B 284 -5.44 26.97 31.14
N VAL B 285 -6.21 25.89 31.04
CA VAL B 285 -7.53 25.83 31.67
C VAL B 285 -7.62 24.49 32.38
N ASP B 286 -7.69 24.52 33.72
CA ASP B 286 -7.94 23.33 34.51
C ASP B 286 -9.42 23.03 34.49
N CYS B 287 -9.79 21.83 34.02
CA CYS B 287 -11.19 21.53 33.73
C CYS B 287 -12.08 21.60 34.97
N SER B 288 -11.59 21.14 36.10
CA SER B 288 -12.37 21.19 37.35
C SER B 288 -12.02 22.44 38.15
N LEU B 289 -12.27 23.60 37.55
CA LEU B 289 -12.07 24.88 38.22
C LEU B 289 -13.37 25.62 38.42
N ASP B 290 -14.11 25.89 37.34
CA ASP B 290 -15.38 26.59 37.40
C ASP B 290 -16.15 26.26 36.13
N PRO B 291 -17.45 26.58 36.08
CA PRO B 291 -18.23 26.30 34.85
C PRO B 291 -17.65 26.90 33.57
N LEU B 292 -17.01 28.06 33.65
CA LEU B 292 -16.30 28.62 32.50
C LEU B 292 -15.18 27.68 32.05
N SER B 293 -14.46 27.10 33.02
CA SER B 293 -13.35 26.22 32.68
C SER B 293 -13.82 24.93 32.02
N GLU B 294 -14.88 24.31 32.56
CA GLU B 294 -15.39 23.09 31.95
C GLU B 294 -16.03 23.38 30.59
N ALA B 295 -16.63 24.55 30.44
CA ALA B 295 -17.11 24.98 29.13
C ALA B 295 -15.96 25.10 28.15
N LYS B 296 -14.84 25.67 28.59
CA LYS B 296 -13.64 25.77 27.75
C LYS B 296 -13.11 24.39 27.38
N CYS B 297 -13.10 23.47 28.35
CA CYS B 297 -12.62 22.12 28.10
C CYS B 297 -13.49 21.41 27.08
N THR B 298 -14.81 21.62 27.15
CA THR B 298 -15.71 21.02 26.17
C THR B 298 -15.56 21.68 24.80
N LEU B 299 -15.23 22.97 24.77
CA LEU B 299 -15.04 23.68 23.50
C LEU B 299 -13.83 23.20 22.71
N LYS B 300 -12.90 22.49 23.35
CA LYS B 300 -11.68 21.96 22.72
C LYS B 300 -10.81 23.06 22.11
N SER B 301 -10.89 24.27 22.67
CA SER B 301 -10.16 25.42 22.17
C SER B 301 -9.73 26.26 23.35
N PHE B 302 -9.29 27.49 23.08
CA PHE B 302 -8.82 28.41 24.11
C PHE B 302 -9.65 29.70 24.13
N THR B 303 -10.91 29.63 23.71
CA THR B 303 -11.77 30.81 23.69
C THR B 303 -13.18 30.42 24.07
N VAL B 304 -13.78 31.19 25.00
CA VAL B 304 -15.14 30.94 25.47
C VAL B 304 -16.12 31.48 24.44
N GLU B 305 -17.20 30.77 24.20
CA GLU B 305 -18.28 31.27 23.36
C GLU B 305 -19.24 32.12 24.19
N LYS B 306 -20.29 32.61 23.54
CA LYS B 306 -21.28 33.48 24.18
C LYS B 306 -22.67 32.90 23.95
N GLY B 307 -23.22 32.23 24.96
CA GLY B 307 -24.55 31.68 24.85
C GLY B 307 -24.73 30.50 25.79
N ILE B 308 -25.92 29.89 25.69
CA ILE B 308 -26.18 28.66 26.42
C ILE B 308 -25.22 27.59 25.94
N TYR B 309 -24.69 26.81 26.89
CA TYR B 309 -23.61 25.88 26.55
C TYR B 309 -23.62 24.69 27.48
N GLN B 310 -23.50 23.50 26.89
CA GLN B 310 -23.41 22.25 27.63
C GLN B 310 -21.94 21.86 27.76
N THR B 311 -21.52 21.55 28.98
CA THR B 311 -20.15 21.17 29.27
C THR B 311 -20.01 19.65 29.29
N SER B 312 -18.76 19.19 29.23
CA SER B 312 -18.46 17.78 29.40
C SER B 312 -18.64 17.38 30.86
N ASN B 313 -18.63 16.08 31.10
CA ASN B 313 -18.94 15.56 32.44
C ASN B 313 -17.68 15.44 33.31
N PHE B 314 -16.90 16.52 33.37
CA PHE B 314 -15.61 16.54 34.05
C PHE B 314 -15.58 17.55 35.18
N ARG B 315 -16.70 17.76 35.86
CA ARG B 315 -16.68 18.59 37.06
C ARG B 315 -15.83 17.96 38.16
N VAL B 316 -15.91 16.65 38.33
CA VAL B 316 -14.93 15.89 39.08
C VAL B 316 -14.42 14.78 38.17
N GLN B 317 -13.11 14.64 38.10
CA GLN B 317 -12.51 13.72 37.16
C GLN B 317 -12.35 12.35 37.79
N PRO B 318 -12.21 11.31 36.96
CA PRO B 318 -11.88 9.98 37.50
C PRO B 318 -10.57 9.98 38.27
N THR B 319 -10.61 9.45 39.49
CA THR B 319 -9.42 9.39 40.32
C THR B 319 -8.43 8.35 39.78
N ASP B 320 -8.92 7.17 39.44
CA ASP B 320 -8.07 6.09 38.97
C ASP B 320 -8.71 5.44 37.75
N SER B 321 -7.88 4.75 36.97
CA SER B 321 -8.34 4.01 35.80
C SER B 321 -8.38 2.54 36.18
N ILE B 322 -9.51 2.12 36.74
CA ILE B 322 -9.66 0.74 37.22
C ILE B 322 -10.07 -0.16 36.07
N VAL B 323 -9.35 -1.28 35.93
CA VAL B 323 -9.64 -2.31 34.96
C VAL B 323 -9.79 -3.63 35.71
N ARG B 324 -10.77 -4.43 35.31
CA ARG B 324 -11.08 -5.69 35.99
C ARG B 324 -11.31 -6.78 34.95
N PHE B 325 -10.24 -7.44 34.54
CA PHE B 325 -10.33 -8.54 33.61
C PHE B 325 -10.41 -9.86 34.38
N PRO B 326 -11.01 -10.89 33.78
CA PRO B 326 -11.01 -12.21 34.43
C PRO B 326 -9.61 -12.76 34.62
N ASN B 327 -9.38 -13.40 35.77
CA ASN B 327 -8.09 -13.97 36.12
C ASN B 327 -7.92 -15.29 35.36
N ILE B 328 -7.59 -15.17 34.08
CA ILE B 328 -7.49 -16.33 33.20
C ILE B 328 -6.04 -16.81 33.14
N THR B 329 -5.16 -15.94 32.65
CA THR B 329 -3.72 -16.20 32.49
C THR B 329 -3.47 -17.49 31.72
N ASN B 330 -4.16 -17.64 30.59
CA ASN B 330 -4.03 -18.80 29.73
C ASN B 330 -3.34 -18.42 28.42
N LEU B 331 -2.68 -19.39 27.82
CA LEU B 331 -2.01 -19.20 26.54
C LEU B 331 -2.90 -19.73 25.43
N CYS B 332 -3.35 -18.83 24.55
CA CYS B 332 -4.29 -19.16 23.50
C CYS B 332 -3.65 -20.01 22.40
N PRO B 333 -4.46 -20.75 21.64
CA PRO B 333 -3.93 -21.53 20.52
C PRO B 333 -3.58 -20.72 19.28
N PHE B 334 -3.47 -19.40 19.37
CA PHE B 334 -3.00 -18.60 18.23
C PHE B 334 -1.60 -18.99 17.79
N GLY B 335 -0.79 -19.56 18.68
CA GLY B 335 0.49 -20.12 18.28
C GLY B 335 0.35 -21.20 17.24
N GLU B 336 -0.69 -22.03 17.35
CA GLU B 336 -1.03 -22.98 16.29
C GLU B 336 -2.20 -22.49 15.44
N VAL B 337 -2.31 -21.18 15.25
CA VAL B 337 -3.19 -20.59 14.25
C VAL B 337 -2.38 -19.96 13.12
N PHE B 338 -1.34 -19.21 13.46
CA PHE B 338 -0.45 -18.64 12.45
C PHE B 338 0.71 -19.57 12.12
N ASN B 339 1.18 -20.38 13.07
CA ASN B 339 1.97 -21.58 12.76
C ASN B 339 1.09 -22.83 12.75
N ALA B 340 0.00 -22.80 11.99
CA ALA B 340 -0.97 -23.89 12.01
C ALA B 340 -0.60 -24.94 10.98
N THR B 341 -0.58 -26.21 11.40
CA THR B 341 -0.55 -27.31 10.47
C THR B 341 -1.92 -27.60 9.87
N THR B 342 -2.97 -27.03 10.43
CA THR B 342 -4.34 -27.22 9.94
C THR B 342 -4.47 -26.47 8.63
N PHE B 343 -4.41 -27.21 7.53
CA PHE B 343 -4.45 -26.65 6.19
C PHE B 343 -5.85 -26.86 5.64
N ALA B 344 -6.71 -25.86 5.82
CA ALA B 344 -8.10 -25.96 5.43
C ALA B 344 -8.29 -25.45 4.00
N SER B 345 -9.55 -25.36 3.59
CA SER B 345 -9.93 -24.74 2.33
C SER B 345 -11.09 -23.81 2.61
N VAL B 346 -11.45 -22.99 1.62
CA VAL B 346 -12.46 -21.96 1.87
C VAL B 346 -13.85 -22.59 2.01
N TYR B 347 -14.08 -23.75 1.40
CA TYR B 347 -15.35 -24.43 1.64
C TYR B 347 -15.34 -25.13 2.99
N ALA B 348 -14.21 -25.72 3.37
CA ALA B 348 -14.06 -26.37 4.67
C ALA B 348 -13.35 -25.44 5.65
N TRP B 349 -13.93 -24.26 5.85
CA TRP B 349 -13.31 -23.26 6.71
C TRP B 349 -13.47 -23.63 8.17
N ASN B 350 -12.38 -23.53 8.92
CA ASN B 350 -12.36 -23.94 10.31
C ASN B 350 -13.17 -22.97 11.18
N ARG B 351 -13.47 -23.42 12.39
CA ARG B 351 -14.18 -22.60 13.38
C ARG B 351 -13.52 -22.79 14.75
N LYS B 352 -12.19 -22.64 14.78
CA LYS B 352 -11.42 -22.97 15.98
C LYS B 352 -11.73 -21.97 17.09
N ARG B 353 -12.61 -22.39 18.00
CA ARG B 353 -12.98 -21.56 19.14
C ARG B 353 -11.82 -21.50 20.13
N ILE B 354 -11.50 -20.29 20.60
CA ILE B 354 -10.35 -20.08 21.48
C ILE B 354 -10.73 -20.29 22.94
N SER B 355 -12.02 -20.46 23.25
CA SER B 355 -12.56 -20.82 24.57
C SER B 355 -12.23 -19.69 25.55
N ASN B 356 -11.76 -19.99 26.76
CA ASN B 356 -11.49 -19.00 27.79
C ASN B 356 -9.97 -18.85 27.91
N CYS B 357 -9.44 -17.72 27.45
CA CYS B 357 -8.00 -17.57 27.38
C CYS B 357 -7.64 -16.08 27.29
N VAL B 358 -6.34 -15.81 27.37
CA VAL B 358 -5.79 -14.46 27.21
C VAL B 358 -4.83 -14.50 26.04
N ALA B 359 -5.11 -13.71 25.01
CA ALA B 359 -4.32 -13.71 23.80
C ALA B 359 -3.47 -12.45 23.69
N ASP B 360 -2.35 -12.58 22.99
CA ASP B 360 -1.50 -11.45 22.65
C ASP B 360 -2.05 -10.71 21.43
N TYR B 361 -3.16 -10.00 21.65
CA TYR B 361 -3.79 -9.22 20.61
C TYR B 361 -2.84 -8.14 20.08
N SER B 362 -2.87 -7.94 18.77
CA SER B 362 -2.08 -6.94 18.04
C SER B 362 -0.58 -7.15 18.15
N VAL B 363 -0.15 -8.29 18.71
CA VAL B 363 1.25 -8.66 18.69
C VAL B 363 1.57 -9.36 17.37
N LEU B 364 0.62 -10.12 16.85
CA LEU B 364 0.73 -10.63 15.49
C LEU B 364 0.67 -9.50 14.47
N TYR B 365 0.03 -8.38 14.81
CA TYR B 365 0.05 -7.21 13.95
C TYR B 365 1.46 -6.61 13.88
N ASN B 366 2.20 -6.69 14.99
CA ASN B 366 3.61 -6.31 14.98
C ASN B 366 4.47 -7.22 14.12
N SER B 367 4.01 -8.43 13.79
CA SER B 367 4.80 -9.32 12.95
C SER B 367 4.88 -8.78 11.53
N THR B 368 6.09 -8.62 11.02
CA THR B 368 6.33 -7.99 9.72
C THR B 368 6.23 -8.96 8.56
N SER B 369 6.00 -10.24 8.82
CA SER B 369 5.86 -11.24 7.77
C SER B 369 4.43 -11.40 7.31
N PHE B 370 3.51 -10.56 7.78
CA PHE B 370 2.08 -10.73 7.54
C PHE B 370 1.60 -9.65 6.58
N SER B 371 0.58 -9.99 5.80
CA SER B 371 0.21 -9.18 4.63
C SER B 371 -0.91 -8.20 4.89
N THR B 372 -2.08 -8.66 5.31
CA THR B 372 -3.28 -7.81 5.34
C THR B 372 -4.01 -8.00 6.67
N PHE B 373 -3.93 -6.99 7.54
CA PHE B 373 -4.61 -7.00 8.83
C PHE B 373 -5.74 -5.97 8.86
N LYS B 374 -6.49 -5.85 7.76
CA LYS B 374 -7.66 -4.98 7.78
C LYS B 374 -8.69 -5.55 8.75
N CYS B 375 -9.42 -4.67 9.40
CA CYS B 375 -10.28 -5.08 10.51
C CYS B 375 -11.76 -4.91 10.23
N TYR B 376 -12.19 -3.70 9.82
CA TYR B 376 -13.58 -3.36 9.52
C TYR B 376 -14.48 -3.58 10.75
N GLY B 377 -14.25 -2.73 11.74
CA GLY B 377 -15.17 -2.62 12.85
C GLY B 377 -14.54 -2.44 14.22
N VAL B 378 -13.37 -3.03 14.45
CA VAL B 378 -12.63 -2.86 15.69
C VAL B 378 -11.16 -2.66 15.32
N SER B 379 -10.62 -1.48 15.57
CA SER B 379 -9.27 -1.16 15.15
C SER B 379 -8.26 -1.99 15.94
N PRO B 380 -7.06 -2.23 15.38
CA PRO B 380 -6.05 -3.02 16.10
C PRO B 380 -5.62 -2.43 17.43
N THR B 381 -5.71 -1.11 17.60
CA THR B 381 -5.32 -0.51 18.88
C THR B 381 -6.33 -0.80 19.98
N LYS B 382 -7.62 -0.67 19.67
CA LYS B 382 -8.66 -0.77 20.70
C LYS B 382 -9.08 -2.20 20.99
N LEU B 383 -8.51 -3.18 20.30
CA LEU B 383 -8.83 -4.58 20.57
C LEU B 383 -7.86 -5.23 21.55
N ASN B 384 -6.87 -4.49 22.07
CA ASN B 384 -6.08 -5.03 23.17
C ASN B 384 -6.78 -4.83 24.51
N ASP B 385 -7.46 -3.70 24.69
CA ASP B 385 -8.08 -3.36 25.97
C ASP B 385 -9.57 -3.63 26.02
N LEU B 386 -10.29 -3.49 24.92
CA LEU B 386 -11.67 -3.97 24.83
C LEU B 386 -11.62 -5.46 24.53
N CYS B 387 -12.07 -6.29 25.46
CA CYS B 387 -11.91 -7.71 25.27
C CYS B 387 -13.26 -8.40 25.15
N PHE B 388 -13.21 -9.62 24.61
CA PHE B 388 -14.24 -10.15 23.73
C PHE B 388 -14.93 -11.36 24.35
N THR B 389 -16.26 -11.40 24.24
CA THR B 389 -17.01 -12.50 24.80
C THR B 389 -16.83 -13.77 23.99
N ASN B 390 -16.90 -13.67 22.66
CA ASN B 390 -16.75 -14.84 21.82
C ASN B 390 -15.82 -14.53 20.65
N VAL B 391 -15.10 -15.56 20.22
CA VAL B 391 -14.04 -15.42 19.23
C VAL B 391 -13.93 -16.72 18.44
N TYR B 392 -13.69 -16.60 17.14
CA TYR B 392 -13.42 -17.75 16.29
C TYR B 392 -12.30 -17.41 15.32
N ALA B 393 -11.62 -18.46 14.85
CA ALA B 393 -10.38 -18.31 14.09
C ALA B 393 -10.64 -18.18 12.60
N ASP B 394 -11.34 -19.15 12.00
CA ASP B 394 -11.69 -19.17 10.58
C ASP B 394 -10.43 -19.16 9.70
N SER B 395 -9.62 -20.20 9.85
CA SER B 395 -8.34 -20.31 9.16
C SER B 395 -8.50 -21.20 7.94
N PHE B 396 -8.14 -20.66 6.76
CA PHE B 396 -8.22 -21.42 5.51
C PHE B 396 -7.29 -20.78 4.49
N VAL B 397 -7.43 -21.17 3.23
CA VAL B 397 -6.51 -20.79 2.16
C VAL B 397 -7.31 -20.08 1.08
N VAL B 398 -6.81 -18.92 0.63
CA VAL B 398 -7.35 -18.19 -0.52
C VAL B 398 -6.20 -17.60 -1.32
N ARG B 399 -6.55 -17.01 -2.47
CA ARG B 399 -5.58 -16.35 -3.34
C ARG B 399 -5.61 -14.84 -3.11
N GLY B 400 -4.74 -14.13 -3.83
CA GLY B 400 -4.59 -12.69 -3.61
C GLY B 400 -5.84 -11.90 -3.98
N ASP B 401 -6.40 -12.17 -5.14
CA ASP B 401 -7.69 -11.57 -5.49
C ASP B 401 -8.80 -12.06 -4.58
N GLU B 402 -8.65 -13.26 -4.02
CA GLU B 402 -9.61 -13.72 -3.02
C GLU B 402 -9.38 -13.09 -1.65
N VAL B 403 -8.13 -12.72 -1.34
CA VAL B 403 -7.89 -11.91 -0.14
C VAL B 403 -8.53 -10.55 -0.29
N ARG B 404 -8.46 -9.97 -1.49
CA ARG B 404 -9.25 -8.78 -1.77
C ARG B 404 -10.75 -9.07 -1.70
N GLN B 405 -11.15 -10.30 -2.02
CA GLN B 405 -12.55 -10.68 -2.03
C GLN B 405 -13.11 -10.91 -0.63
N ILE B 406 -12.27 -11.34 0.31
CA ILE B 406 -12.77 -11.82 1.60
C ILE B 406 -13.20 -10.68 2.52
N ALA B 407 -12.99 -9.44 2.10
CA ALA B 407 -13.48 -8.30 2.85
C ALA B 407 -15.02 -8.32 2.89
N PRO B 408 -15.63 -7.91 4.00
CA PRO B 408 -17.09 -8.09 4.16
C PRO B 408 -17.94 -7.34 3.15
N GLY B 409 -17.50 -6.15 2.71
CA GLY B 409 -18.29 -5.39 1.76
C GLY B 409 -18.15 -5.83 0.32
N GLN B 410 -17.26 -6.77 0.04
CA GLN B 410 -16.98 -7.22 -1.33
C GLN B 410 -17.65 -8.56 -1.59
N THR B 411 -18.31 -8.66 -2.73
CA THR B 411 -19.05 -9.86 -3.11
C THR B 411 -18.43 -10.48 -4.36
N GLY B 412 -18.29 -11.80 -4.34
CA GLY B 412 -17.69 -12.51 -5.45
C GLY B 412 -17.75 -14.00 -5.23
N LYS B 413 -16.92 -14.73 -6.00
CA LYS B 413 -16.95 -16.19 -5.96
C LYS B 413 -16.41 -16.76 -4.66
N ILE B 414 -15.71 -15.96 -3.85
CA ILE B 414 -15.22 -16.42 -2.56
C ILE B 414 -16.04 -15.84 -1.41
N ALA B 415 -16.85 -14.82 -1.67
CA ALA B 415 -17.75 -14.30 -0.67
C ALA B 415 -19.18 -14.82 -0.85
N ASP B 416 -19.73 -14.69 -2.06
CA ASP B 416 -21.11 -15.13 -2.28
C ASP B 416 -21.22 -16.65 -2.26
N TYR B 417 -20.28 -17.34 -2.89
CA TYR B 417 -20.38 -18.77 -3.08
C TYR B 417 -19.49 -19.56 -2.12
N ASN B 418 -18.88 -18.87 -1.17
CA ASN B 418 -18.02 -19.46 -0.15
C ASN B 418 -18.20 -18.63 1.12
N TYR B 419 -17.20 -18.72 2.02
CA TYR B 419 -17.21 -18.03 3.30
C TYR B 419 -17.52 -16.53 3.18
N LYS B 420 -18.65 -16.14 3.76
CA LYS B 420 -19.19 -14.80 3.64
C LYS B 420 -19.10 -14.09 4.98
N LEU B 421 -18.85 -12.80 4.94
CA LEU B 421 -18.76 -12.04 6.17
C LEU B 421 -19.97 -11.11 6.33
N PRO B 422 -20.44 -10.91 7.55
CA PRO B 422 -21.56 -9.98 7.76
C PRO B 422 -21.13 -8.54 7.53
N ASP B 423 -22.13 -7.70 7.26
CA ASP B 423 -21.89 -6.32 6.85
C ASP B 423 -21.36 -5.44 7.97
N ASP B 424 -21.34 -5.91 9.21
CA ASP B 424 -20.71 -5.21 10.31
C ASP B 424 -19.52 -5.98 10.88
N PHE B 425 -19.74 -7.23 11.30
CA PHE B 425 -18.72 -8.23 11.65
C PHE B 425 -17.93 -7.99 12.93
N THR B 426 -17.91 -6.74 13.43
CA THR B 426 -17.27 -6.29 14.68
C THR B 426 -15.98 -7.04 15.06
N GLY B 427 -15.11 -7.25 14.09
CA GLY B 427 -13.95 -8.11 14.27
C GLY B 427 -12.78 -7.67 13.42
N CYS B 428 -11.97 -8.63 12.99
CA CYS B 428 -10.81 -8.35 12.16
C CYS B 428 -10.43 -9.60 11.38
N VAL B 429 -9.67 -9.40 10.30
CA VAL B 429 -9.21 -10.49 9.43
C VAL B 429 -7.73 -10.29 9.11
N ILE B 430 -6.97 -11.37 9.20
CA ILE B 430 -5.55 -11.35 8.88
C ILE B 430 -5.30 -12.33 7.74
N ALA B 431 -4.40 -11.97 6.82
CA ALA B 431 -3.96 -12.88 5.77
C ALA B 431 -2.48 -12.69 5.56
N TRP B 432 -1.82 -13.74 5.07
CA TRP B 432 -0.39 -13.66 4.81
C TRP B 432 -0.01 -14.69 3.74
N ASN B 433 1.25 -14.63 3.32
CA ASN B 433 1.74 -15.48 2.25
C ASN B 433 2.15 -16.84 2.81
N SER B 434 1.71 -17.89 2.13
CA SER B 434 2.12 -19.26 2.44
C SER B 434 2.89 -19.86 1.27
N ASN B 435 3.70 -19.05 0.61
CA ASN B 435 4.68 -19.56 -0.34
C ASN B 435 5.67 -20.45 0.39
N ASN B 436 6.13 -21.50 -0.30
CA ASN B 436 6.95 -22.61 0.23
C ASN B 436 6.37 -23.21 1.52
N LEU B 437 5.07 -23.07 1.71
CA LEU B 437 4.30 -23.66 2.80
C LEU B 437 3.07 -24.39 2.28
N ASP B 438 2.43 -23.89 1.22
CA ASP B 438 1.27 -24.52 0.62
C ASP B 438 1.44 -24.70 -0.89
N SER B 439 2.68 -24.68 -1.38
CA SER B 439 2.96 -24.77 -2.80
C SER B 439 3.72 -26.05 -3.08
N LYS B 440 3.22 -26.85 -4.02
CA LYS B 440 3.87 -28.08 -4.46
C LYS B 440 4.34 -27.91 -5.89
N VAL B 441 5.56 -28.38 -6.18
CA VAL B 441 6.18 -28.17 -7.49
C VAL B 441 5.39 -28.87 -8.58
N GLY B 442 4.77 -30.01 -8.28
CA GLY B 442 3.85 -30.62 -9.21
C GLY B 442 2.46 -30.07 -9.19
N GLY B 443 2.20 -29.09 -8.33
CA GLY B 443 0.87 -28.54 -8.19
C GLY B 443 0.20 -28.99 -6.90
N ASN B 444 -0.12 -28.05 -6.02
CA ASN B 444 -0.77 -28.36 -4.75
C ASN B 444 -2.28 -28.19 -4.95
N TYR B 445 -2.94 -29.27 -5.34
CA TYR B 445 -4.38 -29.26 -5.59
C TYR B 445 -5.20 -29.62 -4.37
N ASN B 446 -4.55 -29.83 -3.21
CA ASN B 446 -5.25 -30.33 -2.04
C ASN B 446 -6.26 -29.35 -1.47
N TYR B 447 -6.13 -28.07 -1.78
CA TYR B 447 -7.11 -27.07 -1.36
C TYR B 447 -8.12 -26.84 -2.46
N LEU B 448 -9.33 -26.48 -2.07
CA LEU B 448 -10.49 -26.45 -2.94
C LEU B 448 -11.24 -25.14 -2.73
N TYR B 449 -12.22 -24.90 -3.60
CA TYR B 449 -13.22 -23.86 -3.39
C TYR B 449 -14.50 -24.30 -4.05
N ARG B 450 -15.58 -23.63 -3.69
CA ARG B 450 -16.89 -23.85 -4.29
C ARG B 450 -17.23 -22.60 -5.08
N LEU B 451 -16.99 -22.65 -6.39
CA LEU B 451 -17.30 -21.54 -7.27
C LEU B 451 -18.70 -21.61 -7.84
N PHE B 452 -19.51 -22.55 -7.38
CA PHE B 452 -20.88 -22.70 -7.83
C PHE B 452 -21.79 -22.96 -6.64
N ARG B 453 -22.89 -22.21 -6.56
CA ARG B 453 -23.90 -22.46 -5.55
C ARG B 453 -25.24 -22.00 -6.08
N LYS B 454 -26.31 -22.53 -5.49
CA LYS B 454 -27.65 -22.18 -5.94
C LYS B 454 -28.02 -20.75 -5.57
N SER B 455 -27.41 -20.20 -4.53
CA SER B 455 -27.63 -18.81 -4.15
C SER B 455 -26.40 -18.31 -3.40
N ASN B 456 -26.42 -17.03 -3.03
CA ASN B 456 -25.34 -16.46 -2.25
C ASN B 456 -25.36 -17.01 -0.84
N LEU B 457 -24.18 -17.25 -0.28
CA LEU B 457 -24.09 -17.77 1.08
C LEU B 457 -24.37 -16.67 2.10
N LYS B 458 -25.17 -17.00 3.09
CA LYS B 458 -25.33 -16.13 4.24
C LYS B 458 -24.03 -16.09 5.03
N PRO B 459 -23.79 -15.01 5.79
CA PRO B 459 -22.55 -14.92 6.57
C PRO B 459 -22.41 -16.06 7.57
N PHE B 460 -21.19 -16.59 7.65
CA PHE B 460 -20.83 -17.71 8.52
C PHE B 460 -21.69 -18.94 8.26
N GLU B 461 -21.84 -19.29 6.99
CA GLU B 461 -22.55 -20.50 6.59
C GLU B 461 -21.56 -21.47 5.97
N ARG B 462 -21.31 -22.58 6.67
CA ARG B 462 -20.43 -23.60 6.14
C ARG B 462 -21.12 -24.39 5.04
N ASP B 463 -20.38 -24.73 3.99
CA ASP B 463 -20.92 -25.49 2.86
C ASP B 463 -19.89 -26.54 2.45
N ILE B 464 -20.00 -27.73 3.05
CA ILE B 464 -19.18 -28.87 2.64
C ILE B 464 -19.86 -29.66 1.53
N SER B 465 -21.13 -29.37 1.24
CA SER B 465 -21.93 -30.16 0.31
C SER B 465 -21.37 -30.13 -1.10
N THR B 466 -20.82 -31.26 -1.54
CA THR B 466 -20.19 -31.40 -2.86
C THR B 466 -21.17 -31.93 -3.90
N GLU B 467 -22.33 -31.29 -3.99
CA GLU B 467 -23.41 -31.80 -4.83
C GLU B 467 -23.12 -31.52 -6.30
N ILE B 468 -24.03 -32.01 -7.16
CA ILE B 468 -23.91 -31.86 -8.61
C ILE B 468 -24.19 -30.45 -9.09
N TYR B 469 -24.68 -29.58 -8.20
CA TYR B 469 -24.96 -28.15 -8.36
C TYR B 469 -26.22 -27.90 -9.21
N GLN B 470 -26.70 -28.93 -9.90
CA GLN B 470 -27.94 -28.91 -10.69
C GLN B 470 -28.03 -27.67 -11.59
N ALA B 471 -27.00 -27.51 -12.41
CA ALA B 471 -26.99 -26.41 -13.36
C ALA B 471 -27.98 -26.72 -14.48
N GLY B 472 -28.83 -25.75 -14.81
CA GLY B 472 -29.89 -26.02 -15.76
C GLY B 472 -30.91 -27.00 -15.18
N SER B 473 -31.54 -27.76 -16.08
CA SER B 473 -32.52 -28.76 -15.71
C SER B 473 -32.01 -30.18 -15.93
N THR B 474 -30.73 -30.43 -15.68
CA THR B 474 -30.14 -31.73 -15.97
C THR B 474 -30.02 -32.54 -14.68
N PRO B 475 -30.76 -33.63 -14.53
CA PRO B 475 -30.61 -34.48 -13.33
C PRO B 475 -29.34 -35.30 -13.38
N CYS B 476 -28.24 -34.70 -12.92
CA CYS B 476 -26.91 -35.28 -13.07
C CYS B 476 -26.78 -36.61 -12.33
N ASN B 477 -26.89 -36.54 -10.99
CA ASN B 477 -26.74 -37.68 -10.10
C ASN B 477 -25.38 -38.37 -10.27
N GLY B 478 -24.33 -37.60 -10.01
CA GLY B 478 -22.98 -38.14 -9.92
C GLY B 478 -22.09 -37.94 -11.13
N VAL B 479 -22.56 -37.23 -12.16
CA VAL B 479 -21.77 -37.03 -13.37
C VAL B 479 -21.72 -35.54 -13.70
N GLU B 480 -20.71 -35.17 -14.48
CA GLU B 480 -20.55 -33.80 -14.98
C GLU B 480 -20.83 -33.83 -16.48
N GLY B 481 -22.07 -33.56 -16.84
CA GLY B 481 -22.51 -33.61 -18.22
C GLY B 481 -22.23 -32.30 -18.97
N PHE B 482 -22.96 -32.14 -20.06
CA PHE B 482 -22.83 -30.92 -20.87
C PHE B 482 -23.29 -29.70 -20.10
N ASN B 483 -24.34 -29.85 -19.29
CA ASN B 483 -24.89 -28.76 -18.50
C ASN B 483 -24.74 -29.01 -17.00
N CYS B 484 -23.78 -29.84 -16.60
CA CYS B 484 -23.59 -30.18 -15.20
C CYS B 484 -22.14 -29.99 -14.83
N TYR B 485 -21.89 -29.31 -13.71
CA TYR B 485 -20.56 -28.81 -13.43
C TYR B 485 -20.21 -29.08 -11.98
N PHE B 486 -18.95 -29.38 -11.72
CA PHE B 486 -18.50 -29.74 -10.39
C PHE B 486 -18.09 -28.49 -9.63
N PRO B 487 -18.79 -28.12 -8.55
CA PRO B 487 -18.42 -26.89 -7.84
C PRO B 487 -17.15 -27.02 -7.02
N LEU B 488 -16.83 -28.21 -6.54
CA LEU B 488 -15.70 -28.39 -5.62
C LEU B 488 -14.44 -28.50 -6.47
N LYS B 489 -13.85 -27.35 -6.80
CA LYS B 489 -12.75 -27.28 -7.76
C LYS B 489 -11.50 -26.75 -7.07
N SER B 490 -10.33 -27.23 -7.50
CA SER B 490 -9.11 -26.95 -6.75
C SER B 490 -8.51 -25.60 -7.14
N TYR B 491 -7.67 -25.09 -6.23
CA TYR B 491 -6.85 -23.90 -6.51
C TYR B 491 -5.83 -24.16 -7.61
N GLY B 492 -4.89 -25.07 -7.38
CA GLY B 492 -3.84 -25.31 -8.34
C GLY B 492 -2.62 -24.44 -8.12
N PHE B 493 -2.11 -24.44 -6.90
CA PHE B 493 -0.94 -23.64 -6.57
C PHE B 493 0.34 -24.22 -7.17
N HIS B 494 1.33 -23.36 -7.32
CA HIS B 494 2.67 -23.75 -7.70
C HIS B 494 3.65 -22.82 -7.00
N PRO B 495 4.86 -23.30 -6.68
CA PRO B 495 5.88 -22.38 -6.14
C PRO B 495 6.33 -21.35 -7.14
N THR B 496 6.13 -21.59 -8.43
CA THR B 496 6.42 -20.63 -9.48
C THR B 496 5.24 -19.73 -9.80
N ASN B 497 4.07 -19.98 -9.20
CA ASN B 497 2.88 -19.20 -9.50
C ASN B 497 3.04 -17.76 -8.99
N GLY B 498 2.28 -16.85 -9.62
CA GLY B 498 2.43 -15.44 -9.35
C GLY B 498 1.81 -15.00 -8.04
N VAL B 499 2.07 -13.74 -7.69
CA VAL B 499 1.65 -13.20 -6.40
C VAL B 499 0.13 -13.04 -6.34
N GLY B 500 -0.52 -12.77 -7.48
CA GLY B 500 -1.97 -12.70 -7.48
C GLY B 500 -2.65 -14.04 -7.33
N TYR B 501 -1.94 -15.12 -7.64
CA TYR B 501 -2.45 -16.48 -7.49
C TYR B 501 -1.62 -17.27 -6.48
N GLN B 502 -0.85 -16.56 -5.66
CA GLN B 502 0.00 -17.18 -4.66
C GLN B 502 -0.84 -17.82 -3.56
N PRO B 503 -0.36 -18.90 -2.95
CA PRO B 503 -1.07 -19.48 -1.80
C PRO B 503 -1.06 -18.58 -0.57
N TYR B 504 -2.23 -18.03 -0.22
CA TYR B 504 -2.36 -17.16 0.93
C TYR B 504 -3.14 -17.86 2.03
N ARG B 505 -2.59 -17.83 3.24
CA ARG B 505 -3.29 -18.33 4.42
C ARG B 505 -4.03 -17.17 5.05
N VAL B 506 -5.33 -17.34 5.29
CA VAL B 506 -6.16 -16.31 5.89
C VAL B 506 -6.73 -16.86 7.19
N VAL B 507 -6.79 -16.01 8.20
CA VAL B 507 -7.43 -16.30 9.47
C VAL B 507 -8.39 -15.15 9.72
N VAL B 508 -9.68 -15.43 9.69
CA VAL B 508 -10.70 -14.39 9.81
C VAL B 508 -11.06 -14.34 11.28
N LEU B 509 -10.34 -13.53 12.04
CA LEU B 509 -10.44 -13.52 13.50
C LEU B 509 -11.75 -12.87 13.90
N SER B 510 -12.81 -13.67 13.87
CA SER B 510 -14.14 -13.14 14.13
C SER B 510 -14.32 -12.90 15.62
N PHE B 511 -14.61 -11.65 15.97
CA PHE B 511 -14.83 -11.24 17.34
C PHE B 511 -16.27 -10.81 17.50
N GLU B 512 -16.89 -11.16 18.63
CA GLU B 512 -18.18 -10.58 18.96
C GLU B 512 -18.34 -10.46 20.47
N LEU B 513 -18.96 -9.36 20.88
CA LEU B 513 -19.18 -9.03 22.29
C LEU B 513 -20.68 -9.03 22.54
N LEU B 514 -21.12 -9.87 23.45
CA LEU B 514 -22.51 -9.92 23.89
C LEU B 514 -22.56 -9.65 25.40
N ASN B 515 -23.74 -9.86 25.98
CA ASN B 515 -23.88 -9.75 27.43
C ASN B 515 -23.20 -10.88 28.17
N ALA B 516 -22.77 -11.94 27.48
CA ALA B 516 -22.11 -13.07 28.09
C ALA B 516 -20.78 -12.64 28.70
N PRO B 517 -20.29 -13.35 29.73
CA PRO B 517 -18.99 -13.00 30.32
C PRO B 517 -17.85 -13.16 29.33
N ALA B 518 -16.83 -12.34 29.50
CA ALA B 518 -15.69 -12.33 28.59
C ALA B 518 -14.89 -13.61 28.72
N THR B 519 -14.39 -14.10 27.59
CA THR B 519 -13.68 -15.37 27.54
C THR B 519 -12.21 -15.22 27.18
N VAL B 520 -11.89 -14.62 26.04
CA VAL B 520 -10.50 -14.40 25.65
C VAL B 520 -10.25 -12.90 25.70
N CYS B 521 -9.22 -12.50 26.44
CA CYS B 521 -8.96 -11.08 26.65
C CYS B 521 -7.49 -10.74 26.41
N GLY B 522 -7.23 -9.43 26.34
CA GLY B 522 -5.90 -8.92 26.08
C GLY B 522 -5.00 -8.97 27.30
N PRO B 523 -3.69 -8.97 27.07
CA PRO B 523 -2.74 -9.17 28.17
C PRO B 523 -2.46 -7.88 28.93
N LYS B 524 -2.99 -7.79 30.14
CA LYS B 524 -2.67 -6.69 31.05
C LYS B 524 -3.04 -7.12 32.46
N LYS B 525 -2.49 -6.40 33.43
CA LYS B 525 -2.74 -6.69 34.84
C LYS B 525 -4.03 -6.01 35.30
N SER B 526 -4.93 -6.79 35.88
CA SER B 526 -6.16 -6.25 36.45
C SER B 526 -5.85 -5.61 37.80
N THR B 527 -5.88 -4.29 37.85
CA THR B 527 -5.57 -3.59 39.08
C THR B 527 -6.69 -3.78 40.11
N ASN B 528 -6.34 -3.63 41.38
CA ASN B 528 -7.27 -3.90 42.47
C ASN B 528 -8.34 -2.83 42.55
N LEU B 529 -9.58 -3.27 42.77
CA LEU B 529 -10.73 -2.39 42.72
C LEU B 529 -10.74 -1.39 43.88
N ILE B 530 -11.29 -0.22 43.63
CA ILE B 530 -11.43 0.82 44.63
C ILE B 530 -12.78 0.64 45.30
N LYS B 531 -12.92 1.21 46.51
CA LYS B 531 -14.15 1.04 47.26
C LYS B 531 -15.23 2.02 46.83
N ASN B 532 -14.97 3.33 46.99
CA ASN B 532 -15.97 4.33 46.66
C ASN B 532 -15.25 5.60 46.23
N LYS B 533 -15.13 5.79 44.91
CA LYS B 533 -14.48 6.95 44.34
C LYS B 533 -14.85 7.04 42.87
N CYS B 534 -15.01 8.27 42.38
CA CYS B 534 -15.21 8.49 40.95
C CYS B 534 -13.95 8.10 40.21
N VAL B 535 -14.03 7.00 39.45
CA VAL B 535 -12.89 6.39 38.79
C VAL B 535 -13.25 6.11 37.34
N ASN B 536 -12.21 5.84 36.54
CA ASN B 536 -12.33 5.50 35.14
C ASN B 536 -12.44 3.98 35.05
N PHE B 537 -13.67 3.48 35.07
CA PHE B 537 -13.86 2.04 35.06
C PHE B 537 -13.67 1.49 33.66
N ASN B 538 -12.94 0.38 33.58
CA ASN B 538 -12.71 -0.36 32.34
C ASN B 538 -13.34 -1.74 32.38
N PHE B 539 -13.11 -2.49 33.46
CA PHE B 539 -13.74 -3.79 33.74
C PHE B 539 -13.40 -4.74 32.59
N ASN B 540 -14.39 -5.24 31.84
CA ASN B 540 -14.14 -6.08 30.67
C ASN B 540 -14.08 -5.24 29.40
N GLY B 541 -13.23 -4.22 29.42
CA GLY B 541 -13.10 -3.30 28.30
C GLY B 541 -14.12 -2.19 28.27
N LEU B 542 -15.10 -2.20 29.17
CA LEU B 542 -16.17 -1.19 29.19
C LEU B 542 -15.62 0.09 29.80
N THR B 543 -15.09 0.96 28.95
CA THR B 543 -14.54 2.23 29.43
C THR B 543 -15.67 3.17 29.83
N GLY B 544 -15.39 3.99 30.84
CA GLY B 544 -16.33 5.01 31.24
C GLY B 544 -15.95 5.60 32.58
N THR B 545 -16.78 6.52 33.05
CA THR B 545 -16.54 7.27 34.27
C THR B 545 -17.63 6.96 35.30
N GLY B 546 -17.25 6.94 36.57
CA GLY B 546 -18.25 6.84 37.61
C GLY B 546 -17.69 6.30 38.90
N VAL B 547 -18.49 6.42 39.95
CA VAL B 547 -18.18 5.89 41.27
C VAL B 547 -18.54 4.41 41.28
N LEU B 548 -17.59 3.59 41.72
CA LEU B 548 -17.82 2.16 41.91
C LEU B 548 -18.57 1.95 43.22
N THR B 549 -19.71 1.27 43.15
CA THR B 549 -20.53 1.00 44.32
C THR B 549 -20.83 -0.48 44.41
N GLU B 550 -21.02 -0.97 45.63
CA GLU B 550 -21.35 -2.37 45.87
C GLU B 550 -22.85 -2.61 45.91
N SER B 551 -23.65 -1.71 45.34
CA SER B 551 -25.10 -1.84 45.39
C SER B 551 -25.56 -3.01 44.53
N ASN B 552 -26.53 -3.76 45.04
CA ASN B 552 -27.05 -4.95 44.39
C ASN B 552 -28.42 -4.65 43.79
N LYS B 553 -28.58 -4.94 42.51
CA LYS B 553 -29.84 -4.77 41.80
C LYS B 553 -30.26 -6.10 41.20
N LYS B 554 -31.40 -6.08 40.50
CA LYS B 554 -31.92 -7.28 39.83
C LYS B 554 -31.09 -7.52 38.58
N PHE B 555 -30.01 -8.26 38.74
CA PHE B 555 -29.07 -8.56 37.67
C PHE B 555 -28.98 -10.06 37.49
N LEU B 556 -29.05 -10.52 36.25
CA LEU B 556 -28.90 -11.94 35.96
C LEU B 556 -27.47 -12.36 36.28
N PRO B 557 -27.28 -13.48 36.98
CA PRO B 557 -25.93 -13.82 37.48
C PRO B 557 -24.90 -14.10 36.40
N PHE B 558 -25.29 -14.72 35.29
CA PHE B 558 -24.30 -15.11 34.29
C PHE B 558 -23.81 -13.91 33.49
N GLN B 559 -24.71 -13.04 33.07
CA GLN B 559 -24.31 -11.92 32.22
C GLN B 559 -23.67 -10.81 33.05
N GLN B 560 -22.90 -9.97 32.37
CA GLN B 560 -22.12 -8.92 33.01
C GLN B 560 -22.43 -7.51 32.51
N PHE B 561 -22.68 -7.34 31.22
CA PHE B 561 -22.93 -6.02 30.66
C PHE B 561 -24.33 -5.55 31.05
N GLY B 562 -24.40 -4.55 31.92
CA GLY B 562 -25.66 -3.92 32.25
C GLY B 562 -26.08 -2.93 31.17
N ARG B 563 -27.25 -2.36 31.37
CA ARG B 563 -27.69 -1.32 30.46
C ARG B 563 -28.17 -0.06 31.18
N ASP B 564 -28.84 -0.22 32.32
CA ASP B 564 -29.53 0.85 33.06
C ASP B 564 -30.52 1.52 32.10
N ILE B 565 -30.40 2.82 31.81
CA ILE B 565 -31.31 3.51 30.91
C ILE B 565 -30.49 4.23 29.85
N ALA B 566 -30.91 4.06 28.58
CA ALA B 566 -30.21 4.63 27.40
C ALA B 566 -28.75 4.20 27.36
N ASP B 567 -28.50 2.92 27.68
CA ASP B 567 -27.17 2.32 27.74
C ASP B 567 -26.25 3.09 28.70
N THR B 568 -26.76 3.38 29.90
CA THR B 568 -25.94 3.95 30.94
C THR B 568 -25.01 2.89 31.54
N THR B 569 -25.35 1.61 31.36
CA THR B 569 -24.63 0.41 31.83
C THR B 569 -24.08 0.57 33.25
N ASP B 570 -25.02 0.73 34.20
CA ASP B 570 -24.66 0.89 35.59
C ASP B 570 -23.95 -0.34 36.15
N ALA B 571 -24.49 -1.53 35.86
CA ALA B 571 -24.05 -2.75 36.50
C ALA B 571 -23.02 -3.48 35.66
N VAL B 572 -21.98 -3.98 36.32
CA VAL B 572 -20.93 -4.77 35.67
C VAL B 572 -20.35 -5.73 36.71
N ARG B 573 -20.06 -6.95 36.28
CA ARG B 573 -19.62 -7.99 37.21
C ARG B 573 -18.11 -8.00 37.36
N ASP B 574 -17.65 -8.11 38.60
CA ASP B 574 -16.27 -8.48 38.88
C ASP B 574 -16.10 -9.96 38.55
N PRO B 575 -15.23 -10.32 37.61
CA PRO B 575 -15.11 -11.74 37.23
C PRO B 575 -14.42 -12.61 38.27
N GLN B 576 -13.74 -12.03 39.25
CA GLN B 576 -13.02 -12.84 40.24
C GLN B 576 -13.95 -13.37 41.31
N THR B 577 -14.57 -12.49 42.08
CA THR B 577 -15.46 -12.89 43.16
C THR B 577 -16.92 -12.98 42.73
N LEU B 578 -17.19 -12.77 41.44
CA LEU B 578 -18.54 -12.87 40.86
C LEU B 578 -19.53 -11.93 41.56
N GLU B 579 -19.06 -10.73 41.88
CA GLU B 579 -19.83 -9.74 42.61
C GLU B 579 -20.20 -8.59 41.67
N ILE B 580 -21.47 -8.19 41.72
CA ILE B 580 -21.90 -7.04 40.94
C ILE B 580 -21.24 -5.78 41.49
N LEU B 581 -20.95 -4.83 40.61
CA LEU B 581 -20.26 -3.60 40.99
C LEU B 581 -20.89 -2.49 40.14
N ASP B 582 -21.85 -1.79 40.73
CA ASP B 582 -22.59 -0.79 39.98
C ASP B 582 -21.72 0.45 39.75
N ILE B 583 -21.98 1.11 38.62
CA ILE B 583 -21.35 2.38 38.29
C ILE B 583 -22.40 3.46 38.45
N THR B 584 -22.24 4.31 39.46
CA THR B 584 -23.08 5.49 39.58
C THR B 584 -22.22 6.69 39.24
N PRO B 585 -22.52 7.43 38.17
CA PRO B 585 -21.61 8.49 37.72
C PRO B 585 -21.40 9.57 38.78
N CYS B 586 -20.15 9.99 38.94
CA CYS B 586 -19.82 10.96 39.98
C CYS B 586 -20.46 12.31 39.69
N SER B 587 -20.52 12.72 38.43
CA SER B 587 -21.32 13.85 38.01
C SER B 587 -22.20 13.44 36.84
N PHE B 588 -23.38 14.05 36.75
CA PHE B 588 -24.37 13.69 35.75
C PHE B 588 -24.42 14.73 34.64
N GLY B 589 -25.02 14.35 33.52
CA GLY B 589 -25.20 15.25 32.40
C GLY B 589 -26.38 16.18 32.59
N GLY B 590 -26.91 16.64 31.47
CA GLY B 590 -27.96 17.65 31.52
C GLY B 590 -27.50 18.97 32.07
N VAL B 591 -26.32 19.43 31.65
CA VAL B 591 -25.70 20.65 32.17
C VAL B 591 -25.89 21.75 31.15
N SER B 592 -25.87 23.00 31.63
CA SER B 592 -26.09 24.15 30.76
C SER B 592 -25.47 25.38 31.40
N VAL B 593 -24.44 25.93 30.75
CA VAL B 593 -23.89 27.22 31.17
C VAL B 593 -24.88 28.30 30.73
N ILE B 594 -25.54 28.92 31.71
CA ILE B 594 -26.63 29.84 31.41
C ILE B 594 -26.13 31.08 30.68
N THR B 595 -25.10 31.75 31.22
CA THR B 595 -24.44 32.89 30.60
C THR B 595 -22.95 32.81 30.87
N PRO B 596 -22.13 32.53 29.86
CA PRO B 596 -20.69 32.31 30.06
C PRO B 596 -19.96 33.63 30.28
N GLY B 597 -18.63 33.53 30.39
CA GLY B 597 -17.81 34.67 30.75
C GLY B 597 -16.77 35.09 29.71
N THR B 598 -17.15 35.11 28.44
CA THR B 598 -16.26 35.66 27.42
C THR B 598 -16.02 37.15 27.65
N ASN B 599 -17.05 37.88 28.02
CA ASN B 599 -16.95 39.30 28.33
C ASN B 599 -16.60 39.48 29.80
N ALA B 600 -16.76 40.69 30.33
CA ALA B 600 -16.40 41.03 31.70
C ALA B 600 -17.28 40.36 32.76
N SER B 601 -18.27 39.57 32.38
CA SER B 601 -19.07 38.80 33.34
C SER B 601 -18.24 37.62 33.81
N ASN B 602 -17.33 37.90 34.76
CA ASN B 602 -16.32 36.92 35.17
C ASN B 602 -16.91 35.73 35.92
N GLN B 603 -17.97 35.95 36.69
CA GLN B 603 -18.63 34.88 37.42
C GLN B 603 -19.43 34.01 36.43
N VAL B 604 -19.69 32.77 36.83
CA VAL B 604 -20.21 31.76 35.92
C VAL B 604 -20.93 30.69 36.74
N ALA B 605 -21.89 30.02 36.11
CA ALA B 605 -22.64 28.94 36.73
C ALA B 605 -23.22 28.03 35.65
N VAL B 606 -23.06 26.72 35.83
CA VAL B 606 -23.59 25.72 34.92
C VAL B 606 -24.68 24.92 35.63
N LEU B 607 -25.70 24.51 34.89
CA LEU B 607 -26.69 23.59 35.42
C LEU B 607 -26.04 22.26 35.76
N TYR B 608 -26.63 21.54 36.72
CA TYR B 608 -26.11 20.23 37.09
C TYR B 608 -27.09 19.10 36.79
N GLN B 609 -28.28 19.11 37.40
CA GLN B 609 -29.21 17.99 37.31
C GLN B 609 -30.61 18.51 37.60
N ASP B 610 -31.61 17.71 37.21
CA ASP B 610 -32.94 17.88 37.75
C ASP B 610 -33.01 17.55 39.23
N VAL B 611 -32.05 16.77 39.73
CA VAL B 611 -31.91 16.58 41.17
C VAL B 611 -31.57 17.92 41.81
N ASN B 612 -32.11 18.15 43.01
CA ASN B 612 -31.92 19.42 43.69
C ASN B 612 -30.46 19.64 44.06
N CYS B 613 -30.06 20.91 44.07
CA CYS B 613 -28.68 21.28 44.33
C CYS B 613 -28.23 21.01 45.76
N THR B 614 -29.15 20.71 46.68
CA THR B 614 -28.75 20.34 48.03
C THR B 614 -28.03 19.01 48.07
N GLU B 615 -28.18 18.17 47.04
CA GLU B 615 -27.49 16.90 46.94
C GLU B 615 -26.19 16.98 46.18
N VAL B 616 -25.77 18.18 45.78
CA VAL B 616 -24.53 18.33 45.00
C VAL B 616 -23.28 17.90 45.76
N PRO B 617 -23.04 18.34 47.01
CA PRO B 617 -21.82 17.86 47.69
C PRO B 617 -21.87 16.40 48.13
N VAL B 618 -23.06 15.81 48.27
CA VAL B 618 -23.18 14.47 48.85
C VAL B 618 -23.44 13.41 47.78
N ALA B 619 -24.24 13.70 46.76
CA ALA B 619 -24.52 12.74 45.71
C ALA B 619 -23.75 13.03 44.44
N ILE B 620 -23.67 14.31 44.04
CA ILE B 620 -22.85 14.73 42.92
C ILE B 620 -21.40 14.91 43.37
N HIS B 621 -21.17 14.88 44.68
CA HIS B 621 -19.85 14.72 45.29
C HIS B 621 -18.93 15.88 44.93
N ALA B 622 -19.36 17.08 45.33
CA ALA B 622 -18.56 18.29 45.19
C ALA B 622 -18.06 18.79 46.55
N ASP B 623 -18.14 17.95 47.59
CA ASP B 623 -17.77 18.37 48.93
C ASP B 623 -16.27 18.44 49.15
N GLN B 624 -15.47 17.80 48.31
CA GLN B 624 -14.01 17.81 48.45
C GLN B 624 -13.33 18.52 47.29
N LEU B 625 -14.01 19.46 46.66
CA LEU B 625 -13.47 20.15 45.50
C LEU B 625 -12.70 21.40 45.92
N THR B 626 -12.33 22.22 44.95
CA THR B 626 -11.59 23.44 45.22
C THR B 626 -12.50 24.48 45.86
N PRO B 627 -11.92 25.50 46.52
CA PRO B 627 -12.75 26.60 47.02
C PRO B 627 -13.49 27.37 45.94
N THR B 628 -13.06 27.29 44.67
CA THR B 628 -13.84 27.87 43.59
C THR B 628 -15.18 27.18 43.44
N TRP B 629 -15.21 25.86 43.61
CA TRP B 629 -16.47 25.14 43.61
C TRP B 629 -17.26 25.39 44.88
N ARG B 630 -16.66 26.01 45.90
CA ARG B 630 -17.40 26.40 47.08
C ARG B 630 -18.06 27.77 46.90
N VAL B 631 -17.25 28.79 46.58
CA VAL B 631 -17.80 30.13 46.36
C VAL B 631 -18.51 30.27 45.03
N TYR B 632 -18.47 29.25 44.19
CA TYR B 632 -19.13 29.27 42.90
C TYR B 632 -20.22 28.22 42.73
N SER B 633 -20.09 27.06 43.37
CA SER B 633 -21.01 25.96 43.12
C SER B 633 -21.50 25.23 44.36
N THR B 634 -20.84 25.35 45.52
CA THR B 634 -21.30 24.69 46.75
C THR B 634 -21.21 25.68 47.90
N GLY B 635 -22.26 26.48 48.08
CA GLY B 635 -22.28 27.44 49.16
C GLY B 635 -22.54 28.87 48.71
N SER B 636 -22.90 29.03 47.44
CA SER B 636 -23.20 30.34 46.87
C SER B 636 -24.65 30.36 46.40
N ASN B 637 -24.99 31.41 45.64
CA ASN B 637 -26.37 31.64 45.21
C ASN B 637 -26.88 30.51 44.33
N VAL B 638 -28.14 30.12 44.57
CA VAL B 638 -28.75 28.97 43.92
C VAL B 638 -29.87 29.46 43.01
N PHE B 639 -29.89 28.97 41.77
CA PHE B 639 -30.95 29.22 40.82
C PHE B 639 -31.54 27.89 40.38
N GLN B 640 -32.84 27.91 40.06
CA GLN B 640 -33.53 26.70 39.63
C GLN B 640 -34.39 26.99 38.41
N THR B 641 -34.51 25.99 37.54
CA THR B 641 -35.31 26.08 36.33
C THR B 641 -36.14 24.81 36.18
N ARG B 642 -36.88 24.74 35.08
CA ARG B 642 -37.60 23.51 34.75
C ARG B 642 -36.63 22.41 34.32
N ALA B 643 -35.47 22.78 33.78
CA ALA B 643 -34.47 21.81 33.35
C ALA B 643 -33.60 21.32 34.49
N GLY B 644 -33.71 21.90 35.66
CA GLY B 644 -32.94 21.44 36.80
C GLY B 644 -32.56 22.60 37.70
N CYS B 645 -31.39 22.47 38.32
CA CYS B 645 -30.89 23.45 39.27
C CYS B 645 -29.42 23.72 39.02
N LEU B 646 -28.96 24.86 39.51
CA LEU B 646 -27.56 25.27 39.42
C LEU B 646 -27.25 26.19 40.59
N ILE B 647 -25.96 26.32 40.88
CA ILE B 647 -25.49 27.20 41.95
C ILE B 647 -24.43 28.13 41.36
N GLY B 648 -24.56 29.43 41.67
CA GLY B 648 -23.66 30.44 41.15
C GLY B 648 -24.41 31.67 40.69
N ALA B 649 -25.63 31.48 40.21
CA ALA B 649 -26.52 32.58 39.87
C ALA B 649 -27.63 32.68 40.91
N GLU B 650 -28.26 33.85 40.96
CA GLU B 650 -29.26 34.15 41.96
C GLU B 650 -30.58 34.54 41.31
N HIS B 651 -31.67 34.28 42.01
CA HIS B 651 -33.00 34.64 41.52
C HIS B 651 -33.21 36.15 41.61
N VAL B 652 -34.13 36.64 40.78
CA VAL B 652 -34.56 38.03 40.81
C VAL B 652 -35.99 38.10 40.30
N ASN B 653 -36.73 39.08 40.79
CA ASN B 653 -38.13 39.25 40.41
C ASN B 653 -38.29 39.99 39.09
N ASN B 654 -37.23 40.59 38.55
CA ASN B 654 -37.30 41.36 37.33
C ASN B 654 -36.97 40.50 36.13
N SER B 655 -37.75 40.64 35.07
CA SER B 655 -37.55 39.89 33.84
C SER B 655 -38.19 40.66 32.69
N TYR B 656 -38.19 40.04 31.52
CA TYR B 656 -38.70 40.65 30.30
C TYR B 656 -39.07 39.49 29.36
N GLU B 657 -39.41 39.82 28.11
CA GLU B 657 -39.54 38.81 27.07
C GLU B 657 -38.20 38.10 26.86
N CYS B 658 -38.24 36.77 26.87
CA CYS B 658 -37.06 35.95 26.63
C CYS B 658 -36.90 35.74 25.12
N ASP B 659 -35.89 36.38 24.54
CA ASP B 659 -35.75 36.42 23.09
C ASP B 659 -34.49 35.71 22.61
N ILE B 660 -33.30 36.10 23.10
CA ILE B 660 -32.04 35.58 22.58
C ILE B 660 -31.88 34.14 23.11
N PRO B 661 -31.23 33.24 22.36
CA PRO B 661 -31.08 31.86 22.86
C PRO B 661 -30.15 31.71 24.06
N ILE B 662 -29.44 32.76 24.47
CA ILE B 662 -28.64 32.69 25.70
C ILE B 662 -29.56 32.58 26.90
N GLY B 663 -29.18 31.74 27.85
CA GLY B 663 -29.83 31.73 29.15
C GLY B 663 -30.84 30.65 29.43
N ALA B 664 -30.86 29.57 28.63
CA ALA B 664 -31.78 28.43 28.78
C ALA B 664 -33.21 28.93 28.65
N GLY B 665 -34.06 28.82 29.67
CA GLY B 665 -35.44 29.24 29.54
C GLY B 665 -35.78 30.56 30.22
N ILE B 666 -35.32 30.74 31.45
CA ILE B 666 -35.58 31.97 32.20
C ILE B 666 -34.57 33.02 31.73
N CYS B 667 -35.06 34.23 31.48
CA CYS B 667 -34.32 35.31 30.83
C CYS B 667 -32.98 35.66 31.49
N ALA B 668 -31.90 35.43 30.74
CA ALA B 668 -30.54 35.79 31.15
C ALA B 668 -29.67 35.86 29.90
N SER B 669 -28.77 36.84 29.86
CA SER B 669 -27.91 37.04 28.70
C SER B 669 -26.65 37.77 29.17
N TYR B 670 -25.89 38.33 28.22
CA TYR B 670 -24.68 39.08 28.51
C TYR B 670 -25.01 40.51 28.96
N GLN B 671 -25.75 40.60 30.06
CA GLN B 671 -26.14 41.88 30.62
C GLN B 671 -24.95 42.54 31.30
N THR B 672 -24.99 43.88 31.37
CA THR B 672 -23.95 44.65 32.02
C THR B 672 -24.41 45.14 33.39
N GLN B 673 -23.45 45.27 34.31
CA GLN B 673 -23.75 45.78 35.64
C GLN B 673 -22.74 46.83 36.09
N THR B 674 -21.82 47.25 35.21
CA THR B 674 -20.83 48.26 35.58
C THR B 674 -21.47 49.63 35.76
N ASN B 675 -22.60 49.87 35.07
CA ASN B 675 -23.28 51.16 35.16
C ASN B 675 -23.82 51.41 36.56
N SER B 676 -24.38 50.39 37.20
CA SER B 676 -24.86 50.54 38.57
C SER B 676 -23.70 50.72 39.55
N ARG B 677 -22.69 49.87 39.43
CA ARG B 677 -21.50 49.96 40.26
C ARG B 677 -20.35 49.27 39.53
N SER B 678 -19.17 49.88 39.59
CA SER B 678 -18.01 49.38 38.86
C SER B 678 -17.12 48.47 39.70
N VAL B 679 -17.60 48.07 40.88
CA VAL B 679 -16.77 47.25 41.78
C VAL B 679 -16.59 45.84 41.21
N ALA B 680 -17.68 45.23 40.74
CA ALA B 680 -17.66 43.84 40.29
C ALA B 680 -17.91 43.69 38.80
N SER B 681 -18.16 44.78 38.08
CA SER B 681 -18.47 44.81 36.63
C SER B 681 -19.70 43.95 36.38
N GLN B 682 -19.74 43.19 35.28
CA GLN B 682 -20.92 42.40 34.95
C GLN B 682 -21.01 41.15 35.82
N SER B 683 -22.22 40.60 35.88
CA SER B 683 -22.49 39.37 36.62
C SER B 683 -23.39 38.49 35.76
N ILE B 684 -23.93 37.43 36.36
CA ILE B 684 -24.75 36.48 35.63
C ILE B 684 -26.18 36.49 36.18
N ILE B 685 -26.61 37.63 36.70
CA ILE B 685 -27.97 37.75 37.24
C ILE B 685 -28.97 37.66 36.10
N ALA B 686 -30.02 36.86 36.30
CA ALA B 686 -30.97 36.53 35.24
C ALA B 686 -31.93 37.71 35.05
N TYR B 687 -31.45 38.73 34.35
CA TYR B 687 -32.28 39.90 34.05
C TYR B 687 -33.14 39.70 32.81
N THR B 688 -32.51 39.56 31.64
CA THR B 688 -33.21 39.63 30.37
C THR B 688 -32.37 38.97 29.29
N MET B 689 -33.00 38.15 28.45
CA MET B 689 -32.36 37.65 27.23
C MET B 689 -32.31 38.77 26.21
N SER B 690 -31.19 39.48 26.15
CA SER B 690 -31.00 40.57 25.21
C SER B 690 -30.81 40.05 23.79
C1 NAG C . 16.33 -30.62 -18.09
C2 NAG C . 16.62 -29.97 -16.74
C3 NAG C . 15.90 -30.73 -15.63
C4 NAG C . 14.44 -31.01 -15.97
C5 NAG C . 14.24 -31.48 -17.42
C6 NAG C . 12.80 -31.45 -17.85
C7 NAG C . 18.63 -29.10 -15.61
C8 NAG C . 20.11 -29.21 -15.48
N2 NAG C . 18.05 -29.93 -16.49
O3 NAG C . 15.97 -29.98 -14.42
O4 NAG C . 13.86 -32.00 -15.11
O5 NAG C . 14.94 -30.62 -18.33
O6 NAG C . 12.45 -32.62 -18.59
O7 NAG C . 17.98 -28.31 -14.94
C1 NAG C . 14.71 -33.06 -14.59
C2 NAG C . 13.83 -33.95 -13.71
C3 NAG C . 14.66 -35.07 -13.09
C4 NAG C . 15.42 -35.84 -14.17
C5 NAG C . 16.23 -34.88 -15.04
C6 NAG C . 16.92 -35.56 -16.20
C7 NAG C . 11.85 -33.09 -12.51
C8 NAG C . 11.02 -33.87 -13.50
N2 NAG C . 13.18 -33.17 -12.66
O3 NAG C . 13.82 -35.96 -12.38
O4 NAG C . 16.30 -36.80 -13.59
O5 NAG C . 15.37 -33.88 -15.60
O6 NAG C . 18.31 -35.75 -15.95
O7 NAG C . 11.34 -32.43 -11.62
C1 NAG D . 5.95 -19.50 14.79
C2 NAG D . 6.90 -19.67 15.97
C3 NAG D . 7.71 -18.39 16.15
C4 NAG D . 8.39 -17.97 14.84
C5 NAG D . 7.40 -18.00 13.67
C6 NAG D . 8.08 -17.82 12.32
C7 NAG D . 6.03 -21.24 17.64
C8 NAG D . 5.25 -21.39 18.91
N2 NAG D . 6.17 -19.99 17.18
O3 NAG D . 8.70 -18.60 17.16
O4 NAG D . 9.07 -16.72 14.89
O5 NAG D . 6.70 -19.25 13.61
O6 NAG D . 7.20 -18.14 11.26
O7 NAG D . 6.50 -22.20 17.04
C1 NAG D . 8.80 -15.51 15.72
C2 NAG D . 7.38 -14.90 15.49
C3 NAG D . 7.18 -13.67 16.37
C4 NAG D . 7.47 -14.00 17.84
C5 NAG D . 8.88 -14.56 17.98
C6 NAG D . 9.22 -14.96 19.39
C7 NAG D . 7.77 -13.75 13.31
C8 NAG D . 7.27 -13.64 11.91
N2 NAG D . 7.10 -14.61 14.10
O3 NAG D . 5.83 -13.21 16.24
O4 NAG D . 7.35 -12.83 18.63
O5 NAG D . 9.02 -15.74 17.17
O6 NAG D . 10.61 -15.19 19.56
O7 NAG D . 8.73 -13.09 13.72
C1 NAG E . 7.59 -3.35 -8.01
C2 NAG E . 8.69 -3.96 -7.14
C3 NAG E . 8.28 -3.94 -5.67
C4 NAG E . 7.87 -2.55 -5.23
C5 NAG E . 6.79 -2.00 -6.16
C6 NAG E . 6.42 -0.57 -5.86
C7 NAG E . 10.15 -5.66 -8.18
C8 NAG E . 11.14 -4.56 -8.40
N2 NAG E . 9.00 -5.31 -7.57
O3 NAG E . 9.37 -4.40 -4.87
O4 NAG E . 7.38 -2.58 -3.90
O5 NAG E . 7.26 -2.03 -7.51
O6 NAG E . 7.56 0.29 -5.95
O7 NAG E . 10.36 -6.81 -8.53
C1 NAG F . 18.97 17.74 -42.19
C2 NAG F . 18.59 19.23 -42.06
C3 NAG F . 19.51 20.08 -42.93
C4 NAG F . 20.97 19.81 -42.59
C5 NAG F . 21.27 18.32 -42.73
C6 NAG F . 22.67 17.96 -42.33
C7 NAG F . 16.42 20.34 -41.81
C8 NAG F . 15.01 20.44 -42.30
N2 NAG F . 17.20 19.44 -42.41
O3 NAG F . 19.21 21.46 -42.73
O4 NAG F . 21.81 20.53 -43.47
O5 NAG F . 20.39 17.56 -41.90
O6 NAG F . 22.99 16.61 -42.66
O7 NAG F . 16.84 21.07 -40.91
C1 NAG G . 12.74 10.40 -16.51
C2 NAG G . 13.06 10.27 -15.01
C3 NAG G . 14.55 9.99 -14.80
C4 NAG G . 15.00 8.80 -15.64
C5 NAG G . 14.60 9.01 -17.10
C6 NAG G . 14.90 7.80 -17.96
C7 NAG G . 13.04 12.70 -14.40
C8 NAG G . 12.42 13.71 -13.46
N2 NAG G . 12.61 11.44 -14.24
O3 NAG G . 14.79 9.75 -13.42
O4 NAG G . 16.41 8.66 -15.56
O5 NAG G . 13.18 9.22 -17.19
O6 NAG G . 15.14 8.18 -19.32
O7 NAG G . 13.88 13.04 -15.23
C1 NAG H . 14.65 -17.77 -6.23
C2 NAG H . 16.14 -17.79 -6.61
C3 NAG H . 16.72 -19.19 -6.36
C4 NAG H . 16.48 -19.60 -4.91
C5 NAG H . 14.99 -19.52 -4.58
C6 NAG H . 14.69 -19.79 -3.13
C7 NAG H . 16.92 -16.27 -8.38
C8 NAG H . 17.39 -15.36 -7.28
N2 NAG H . 16.34 -17.41 -8.00
O3 NAG H . 18.12 -19.17 -6.63
O4 NAG H . 16.93 -20.93 -4.70
O5 NAG H . 14.49 -18.20 -4.87
O6 NAG H . 14.31 -18.59 -2.46
O7 NAG H . 17.07 -15.98 -9.56
C1 NAG I . 4.35 -2.62 17.43
C2 NAG I . 3.47 -1.63 16.64
C3 NAG I . 3.53 -0.24 17.30
C4 NAG I . 3.22 -0.32 18.79
C5 NAG I . 4.14 -1.34 19.46
C6 NAG I . 3.84 -1.53 20.93
C7 NAG I . 3.14 -1.11 14.26
C8 NAG I . 3.77 -1.12 12.90
N2 NAG I . 3.91 -1.57 15.26
O3 NAG I . 2.59 0.63 16.67
O4 NAG I . 3.42 0.96 19.39
O5 NAG I . 3.96 -2.62 18.83
O6 NAG I . 5.01 -1.88 21.65
O7 NAG I . 2.00 -0.70 14.45
#